data_8SPQ
#
_entry.id   8SPQ
#
_cell.length_a   1.00
_cell.length_b   1.00
_cell.length_c   1.00
_cell.angle_alpha   90.00
_cell.angle_beta   90.00
_cell.angle_gamma   90.00
#
_symmetry.space_group_name_H-M   'P 1'
#
loop_
_entity.id
_entity.type
_entity.pdbx_description
1 polymer 'CRISPR-associated endonuclease Cas9/Csn1'
2 polymer gRNA
3 polymer TS
4 polymer NTS
5 polymer TS
6 non-polymer 'MAGNESIUM ION'
#
loop_
_entity_poly.entity_id
_entity_poly.type
_entity_poly.pdbx_seq_one_letter_code
_entity_poly.pdbx_strand_id
1 'polypeptide(L)'
;EDKKYSIGLDIGTNSVGWAVITDEYKVPSKKFKVLGNTDRHSIKKNLIGALLFDSGETAERTRLKRTARRRYTRRKNRIC
YLQEIFSNEMAKVDDSFFHRLEESFLVEEDKKHERHPIFGNIVDEVAYHEKYPTIYHLRKKLVDSTDKADLRLIYLALAH
MIKFRGHFLIEGDLNPDNSDVDKLFIQLVQTYNQLFEENPINASGVDAKAILSARLSKSRRLENLIAQLPGEKKNGLFGN
LIALSLGLTPNFKSNFDLAEDAKLQLSKDTYDDDLDNLLAQIGDQYADLFLAAKNLSDAILLSDILRVNTEITKAPLSAS
MIKRYDEHHQDLTLLKALVRQQLPEKYKEIFFDQSKNGYAGYIDGGASQEEFYKFIKPILEKMDGTEELLVKLNREDLLR
KQRTFDNGSIPHQIHLGELHAILRRQEDFYPFLKDNREKIEKILTFRIPYYVGPLARGNSRFAWMTRKSEETITPWNFEE
VVDKGASAQSFIERMTNFDKNLPNEKVLPKHSLLYEYFTVYNELTKVKYVTEGMRKPAFLSGEQKKAIVDLLFKTNRKVT
VKQLKEDYFKKIECFDSVEISGVEDRFNASLGTYHDLLKIIKDKDFLDNEENEDILEDIVLTLTLFEDREMIEERLKTYA
HLFDDKVMKQLKRRRYTGWGRLSRKLINGIRDKQSGKTILDFLKSDGFANRNFMQLIHDDSLTFKEDIQKAQVSGQGDSL
HEHIANLAGSPAIKKGILQTVKVVDELVKVMGRHKPENIVIEMARENQTTQKGQKNSRERMKRIEEGIKELGSQILKEHP
VENTQLQNEKLYLYYLQNGRDMYVDQELDINRLSDYDVDHIVPQSFLKDDSIDNKVLTRSDKNRGKSDNVPSEEVVKKMK
NYWRQLLNAKLITQRKFDNLTKAERGGLSELDKAGFIKRQLVETRQITKHVAQILDSRMNTKYDENDKLIREVKVITLKS
KLVSDFRKDFQFYKVREINNYHHAHDAYLNAVVGTALIKKYPKLESEFVYGDYKVYDVRKMIAKSEQEIGKATAKYFFYS
NIMNFFKTEITLANGEIRKRPLIETNGETGEIVWDKGRDFATVRKVLSMPQVNIVKKTEVQTGGFSKESIRPKRNSDKLI
ARKKDWDPKKYGGFLWPTVAYSVLVVAKVEKGKSKKLKSVKELLGITIMERSSFEKNPIDFLEAKGYKEVKKDLIIKLPK
YSLFELENGRKRMLASAKQLQKGNELALPSKYVNFLYLASHYEKLKGSPEDNEQKQLFVEQHKHYLDEIIEQISEFSKRV
ILADANLDKVLSAYNKHRDKPIREQAENIIHLFTLTRLGAPRAFKYFDTTIDPKQYRSTKEVLDATLIHQSITGLYETRI
DLSQLGGDG
;
A
2 'polyribonucleotide'
;GACGCAUAAAGAUGAGACGCGUUUUAGAGCUAGAAAUAGCAAGUUAAAAUAAGGCUAGUCCGUUAUCAACUUGAAAAAGU
GGCACCGAGUCGGUGCUU
;
B
3 'polydeoxyribonucleotide'
;(DA)(DG)(DC)(DT)(DG)(DA)(DC)(DG)(DT)(DT)(DT)(DG)(DT)(DA)(DC)(DT)(DC)(DC)(DA)(DG)
(DC)(DG)(DT)(DC)(DT)(DC)(DA)(DT)(DC)(DT)(DT)(DT)(DA)(DT)(DG)(DC)(DG)(DT)(DC)(DA)
(DG)(DC)(DA)(DG)(DA)(DG)(DA)(DT)(DT)(DT)(DC)(DT)(DG)(DC)(DT)
;
C
4 'polydeoxyribonucleotide' (DC)(DT)(DG)(DA)(DC)(DG)(DC)(DG)(DC)(DT)(DG)(DG)(DA)(DG)(DT)(DA)(DC)(DA)(DA) D
5 'polydeoxyribonucleotide' (DT)(DC)(DT)(DC)(DA)(DT)(DC)(DT)(DT)(DT)(DA)(DT)(DG)(DC)(DG)(DT)(DC)(DA)(DG) E
#
loop_
_chem_comp.id
_chem_comp.type
_chem_comp.name
_chem_comp.formula
A RNA linking ADENOSINE-5'-MONOPHOSPHATE 'C10 H14 N5 O7 P'
C RNA linking CYTIDINE-5'-MONOPHOSPHATE 'C9 H14 N3 O8 P'
DA DNA linking 2'-DEOXYADENOSINE-5'-MONOPHOSPHATE 'C10 H14 N5 O6 P'
DC DNA linking 2'-DEOXYCYTIDINE-5'-MONOPHOSPHATE 'C9 H14 N3 O7 P'
DG DNA linking 2'-DEOXYGUANOSINE-5'-MONOPHOSPHATE 'C10 H14 N5 O7 P'
DT DNA linking THYMIDINE-5'-MONOPHOSPHATE 'C10 H15 N2 O8 P'
G RNA linking GUANOSINE-5'-MONOPHOSPHATE 'C10 H14 N5 O8 P'
MG non-polymer 'MAGNESIUM ION' 'Mg 2'
U RNA linking URIDINE-5'-MONOPHOSPHATE 'C9 H13 N2 O9 P'
#
# COMPACT_ATOMS: atom_id res chain seq x y z
N LYS A 3 9.35 -46.96 7.09
CA LYS A 3 10.55 -46.32 7.62
C LYS A 3 10.77 -44.93 7.03
N LYS A 4 11.57 -44.87 5.98
CA LYS A 4 11.91 -43.59 5.36
C LYS A 4 10.70 -43.01 4.63
N TYR A 5 10.61 -41.68 4.63
CA TYR A 5 9.47 -40.98 4.07
C TYR A 5 9.89 -39.56 3.72
N SER A 6 9.04 -38.89 2.94
CA SER A 6 9.30 -37.54 2.47
C SER A 6 8.08 -36.66 2.72
N ILE A 7 8.32 -35.35 2.77
CA ILE A 7 7.30 -34.35 3.06
C ILE A 7 7.17 -33.43 1.85
N GLY A 8 5.96 -33.27 1.35
CA GLY A 8 5.66 -32.31 0.30
C GLY A 8 4.83 -31.16 0.86
N LEU A 9 5.16 -29.94 0.44
CA LEU A 9 4.49 -28.76 0.93
C LEU A 9 4.10 -27.84 -0.22
N ASP A 10 2.87 -27.34 -0.18
CA ASP A 10 2.38 -26.31 -1.09
C ASP A 10 1.81 -25.19 -0.25
N ILE A 11 2.51 -24.06 -0.19
CA ILE A 11 2.21 -22.98 0.73
C ILE A 11 1.55 -21.85 -0.04
N GLY A 12 0.42 -21.37 0.47
CA GLY A 12 -0.28 -20.23 -0.10
C GLY A 12 -0.64 -19.24 0.98
N THR A 13 -1.18 -18.10 0.55
CA THR A 13 -1.50 -17.03 1.48
C THR A 13 -2.62 -17.43 2.45
N ASN A 14 -3.65 -18.13 1.95
CA ASN A 14 -4.76 -18.59 2.79
C ASN A 14 -4.76 -20.09 3.00
N SER A 15 -3.72 -20.81 2.57
CA SER A 15 -3.77 -22.27 2.60
C SER A 15 -2.39 -22.91 2.53
N VAL A 16 -2.15 -23.94 3.32
CA VAL A 16 -0.95 -24.75 3.22
C VAL A 16 -1.37 -26.18 2.87
N GLY A 17 -0.66 -26.78 1.91
CA GLY A 17 -0.88 -28.16 1.53
C GLY A 17 0.25 -29.03 2.05
N TRP A 18 -0.09 -30.25 2.46
CA TRP A 18 0.88 -31.17 3.02
C TRP A 18 0.56 -32.59 2.59
N ALA A 19 1.60 -33.38 2.38
CA ALA A 19 1.44 -34.78 2.00
C ALA A 19 2.67 -35.56 2.43
N VAL A 20 2.46 -36.81 2.82
CA VAL A 20 3.53 -37.71 3.24
C VAL A 20 3.59 -38.82 2.21
N ILE A 21 4.80 -39.06 1.68
CA ILE A 21 5.00 -40.11 0.70
C ILE A 21 6.10 -41.04 1.20
N THR A 22 6.11 -42.26 0.67
CA THR A 22 7.19 -43.19 0.92
C THR A 22 8.16 -43.14 -0.26
N ASP A 23 9.15 -44.04 -0.26
CA ASP A 23 10.01 -44.19 -1.43
C ASP A 23 9.28 -44.82 -2.61
N GLU A 24 8.15 -45.46 -2.37
CA GLU A 24 7.34 -46.09 -3.41
C GLU A 24 6.27 -45.13 -3.96
N TYR A 25 6.31 -43.86 -3.52
CA TYR A 25 5.37 -42.80 -3.89
C TYR A 25 3.94 -43.09 -3.42
N LYS A 26 3.77 -43.95 -2.43
CA LYS A 26 2.46 -44.23 -1.86
C LYS A 26 2.23 -43.37 -0.63
N VAL A 27 0.97 -42.99 -0.42
CA VAL A 27 0.57 -42.21 0.74
C VAL A 27 0.20 -43.18 1.86
N PRO A 28 0.88 -43.13 3.00
CA PRO A 28 0.57 -44.06 4.09
C PRO A 28 -0.78 -43.75 4.74
N SER A 29 -1.28 -44.74 5.46
CA SER A 29 -2.55 -44.62 6.19
C SER A 29 -2.41 -45.31 7.54
N LYS A 30 -2.92 -44.67 8.59
CA LYS A 30 -2.81 -45.18 9.95
C LYS A 30 -4.16 -45.12 10.64
N LYS A 31 -4.31 -45.94 11.67
CA LYS A 31 -5.46 -45.88 12.58
C LYS A 31 -5.10 -44.92 13.69
N PHE A 32 -5.58 -43.68 13.59
CA PHE A 32 -5.30 -42.69 14.62
C PHE A 32 -6.26 -42.82 15.79
N LYS A 33 -5.72 -42.74 17.00
CA LYS A 33 -6.53 -42.71 18.21
C LYS A 33 -7.32 -41.42 18.29
N VAL A 34 -8.58 -41.51 18.70
CA VAL A 34 -9.42 -40.35 18.92
C VAL A 34 -9.88 -40.36 20.38
N LEU A 35 -10.03 -39.17 20.95
CA LEU A 35 -10.45 -39.01 22.34
C LEU A 35 -11.90 -38.55 22.39
N GLY A 36 -12.36 -38.22 23.59
CA GLY A 36 -13.71 -37.72 23.79
C GLY A 36 -14.63 -38.76 24.40
N ASN A 37 -15.86 -38.32 24.63
CA ASN A 37 -16.89 -39.15 25.25
C ASN A 37 -17.69 -39.96 24.24
N THR A 38 -17.35 -39.86 22.95
CA THR A 38 -18.08 -40.61 21.92
C THR A 38 -17.70 -42.09 21.98
N ASP A 39 -18.47 -42.89 21.24
CA ASP A 39 -18.24 -44.32 21.16
C ASP A 39 -17.13 -44.70 20.19
N ARG A 40 -16.63 -43.76 19.40
CA ARG A 40 -15.58 -44.04 18.43
C ARG A 40 -14.22 -44.02 19.11
N HIS A 41 -13.38 -45.00 18.81
CA HIS A 41 -12.07 -45.11 19.44
C HIS A 41 -10.90 -45.12 18.46
N SER A 42 -11.14 -45.36 17.17
CA SER A 42 -10.06 -45.34 16.20
C SER A 42 -10.63 -44.93 14.85
N ILE A 43 -9.90 -44.09 14.13
CA ILE A 43 -10.32 -43.59 12.83
C ILE A 43 -9.17 -43.76 11.85
N LYS A 44 -9.45 -44.39 10.72
CA LYS A 44 -8.47 -44.51 9.65
C LYS A 44 -8.37 -43.17 8.93
N LYS A 45 -7.16 -42.59 8.90
CA LYS A 45 -6.91 -41.35 8.19
C LYS A 45 -5.75 -41.54 7.23
N ASN A 46 -5.77 -40.79 6.15
CA ASN A 46 -4.71 -40.82 5.15
C ASN A 46 -3.77 -39.65 5.35
N LEU A 47 -2.48 -39.88 5.07
CA LEU A 47 -1.44 -38.89 5.36
C LEU A 47 -1.29 -37.90 4.20
N ILE A 48 -2.39 -37.22 3.92
CA ILE A 48 -2.43 -36.18 2.89
C ILE A 48 -3.59 -35.25 3.23
N GLY A 49 -3.37 -33.95 3.08
CA GLY A 49 -4.40 -33.00 3.42
C GLY A 49 -3.96 -31.57 3.19
N ALA A 50 -4.78 -30.65 3.68
CA ALA A 50 -4.51 -29.22 3.50
C ALA A 50 -5.15 -28.45 4.63
N LEU A 51 -4.42 -27.47 5.17
CA LEU A 51 -4.94 -26.58 6.20
C LEU A 51 -5.38 -25.27 5.56
N LEU A 52 -6.60 -24.84 5.89
CA LEU A 52 -7.17 -23.61 5.36
C LEU A 52 -7.33 -22.60 6.49
N PHE A 53 -6.97 -21.35 6.21
CA PHE A 53 -7.07 -20.30 7.21
C PHE A 53 -7.28 -18.96 6.51
N ASP A 54 -7.79 -18.00 7.26
CA ASP A 54 -7.97 -16.66 6.74
C ASP A 54 -6.62 -15.97 6.56
N SER A 55 -6.52 -15.14 5.54
CA SER A 55 -5.26 -14.46 5.25
C SER A 55 -4.93 -13.45 6.34
N GLY A 56 -3.64 -13.32 6.63
CA GLY A 56 -3.21 -12.36 7.62
C GLY A 56 -3.36 -10.93 7.11
N GLU A 57 -3.87 -10.06 7.97
CA GLU A 57 -4.08 -8.67 7.61
C GLU A 57 -2.84 -7.85 7.93
N THR A 58 -2.57 -6.87 7.08
CA THR A 58 -1.46 -5.95 7.32
C THR A 58 -1.84 -4.92 8.37
N ALA A 59 -0.83 -4.26 8.91
CA ALA A 59 -1.04 -3.25 9.94
C ALA A 59 -1.33 -1.86 9.36
N GLU A 60 -1.72 -1.78 8.08
CA GLU A 60 -2.00 -0.49 7.47
C GLU A 60 -3.24 0.15 8.09
N ARG A 61 -4.34 -0.62 8.19
CA ARG A 61 -5.58 -0.08 8.73
C ARG A 61 -5.45 0.26 10.20
N THR A 62 -4.73 -0.57 10.96
CA THR A 62 -4.48 -0.27 12.37
C THR A 62 -3.65 1.00 12.52
N ARG A 63 -2.66 1.20 11.65
CA ARG A 63 -1.86 2.42 11.70
C ARG A 63 -2.70 3.65 11.38
N LEU A 64 -3.59 3.54 10.38
CA LEU A 64 -4.46 4.67 10.04
C LEU A 64 -5.41 5.00 11.19
N LYS A 65 -5.99 3.98 11.83
CA LYS A 65 -6.86 4.22 12.97
C LYS A 65 -6.11 4.84 14.14
N ARG A 66 -4.88 4.38 14.38
CA ARG A 66 -4.07 4.93 15.46
C ARG A 66 -3.71 6.39 15.20
N THR A 67 -3.34 6.72 13.97
CA THR A 67 -3.03 8.11 13.64
C THR A 67 -4.27 9.00 13.74
N ALA A 68 -5.43 8.48 13.35
CA ALA A 68 -6.67 9.23 13.52
C ALA A 68 -6.99 9.47 14.99
N ARG A 69 -6.74 8.46 15.83
CA ARG A 69 -6.94 8.60 17.27
C ARG A 69 -6.04 9.67 17.85
N ARG A 70 -4.76 9.68 17.45
CA ARG A 70 -3.84 10.71 17.94
C ARG A 70 -4.22 12.10 17.45
N ARG A 71 -4.67 12.21 16.18
CA ARG A 71 -5.10 13.51 15.68
C ARG A 71 -6.31 14.05 16.43
N TYR A 72 -7.27 13.17 16.73
CA TYR A 72 -8.44 13.60 17.50
C TYR A 72 -8.06 14.02 18.91
N THR A 73 -7.14 13.27 19.54
CA THR A 73 -6.70 13.61 20.89
C THR A 73 -5.98 14.97 20.91
N ARG A 74 -5.12 15.22 19.93
CA ARG A 74 -4.41 16.49 19.90
C ARG A 74 -5.33 17.66 19.55
N ARG A 75 -6.35 17.43 18.71
CA ARG A 75 -7.32 18.49 18.44
C ARG A 75 -8.12 18.83 19.69
N LYS A 76 -8.54 17.81 20.45
CA LYS A 76 -9.20 18.06 21.72
C LYS A 76 -8.29 18.79 22.70
N ASN A 77 -6.99 18.48 22.68
CA ASN A 77 -6.05 19.18 23.55
C ASN A 77 -5.87 20.64 23.13
N ARG A 78 -5.89 20.92 21.83
CA ARG A 78 -5.86 22.32 21.37
C ARG A 78 -7.07 23.09 21.88
N ILE A 79 -8.25 22.47 21.77
CA ILE A 79 -9.46 23.11 22.27
C ILE A 79 -9.38 23.32 23.78
N CYS A 80 -8.79 22.35 24.49
CA CYS A 80 -8.61 22.46 25.94
C CYS A 80 -7.66 23.58 26.31
N TYR A 81 -6.57 23.76 25.54
CA TYR A 81 -5.66 24.88 25.80
C TYR A 81 -6.35 26.22 25.57
N LEU A 82 -7.17 26.31 24.52
CA LEU A 82 -7.88 27.56 24.26
C LEU A 82 -8.90 27.85 25.37
N GLN A 83 -9.60 26.82 25.84
CA GLN A 83 -10.53 27.01 26.97
C GLN A 83 -9.80 27.40 28.24
N GLU A 84 -8.61 26.83 28.47
CA GLU A 84 -7.83 27.18 29.64
C GLU A 84 -7.37 28.63 29.57
N ILE A 85 -6.99 29.10 28.37
CA ILE A 85 -6.51 30.46 28.25
C ILE A 85 -7.67 31.46 28.27
N PHE A 86 -8.89 31.02 27.99
CA PHE A 86 -10.06 31.91 28.09
C PHE A 86 -10.84 31.81 29.40
N SER A 87 -10.54 30.82 30.26
CA SER A 87 -11.45 30.46 31.36
C SER A 87 -11.63 31.58 32.37
N ASN A 88 -10.54 32.25 32.78
CA ASN A 88 -10.65 33.24 33.84
C ASN A 88 -11.44 34.48 33.41
N GLU A 89 -11.28 34.91 32.15
CA GLU A 89 -12.09 36.00 31.64
C GLU A 89 -13.51 35.55 31.30
N MET A 90 -13.69 34.28 30.95
CA MET A 90 -15.02 33.78 30.65
C MET A 90 -15.87 33.62 31.91
N ALA A 91 -15.23 33.38 33.05
CA ALA A 91 -15.96 33.30 34.31
C ALA A 91 -16.64 34.63 34.68
N LYS A 92 -16.14 35.75 34.15
CA LYS A 92 -16.73 37.05 34.48
C LYS A 92 -18.07 37.25 33.78
N VAL A 93 -18.17 36.91 32.50
CA VAL A 93 -19.32 37.31 31.69
C VAL A 93 -20.39 36.22 31.62
N ASP A 94 -20.02 34.94 31.59
CA ASP A 94 -21.00 33.86 31.65
C ASP A 94 -20.19 32.65 32.15
N ASP A 95 -20.38 32.31 33.42
CA ASP A 95 -19.56 31.29 34.07
C ASP A 95 -19.83 29.86 33.60
N SER A 96 -20.94 29.63 32.90
CA SER A 96 -21.32 28.28 32.49
C SER A 96 -21.21 28.09 30.98
N PHE A 97 -20.44 28.94 30.30
CA PHE A 97 -20.42 28.92 28.83
C PHE A 97 -19.72 27.67 28.31
N PHE A 98 -18.53 27.37 28.82
CA PHE A 98 -17.81 26.17 28.39
C PHE A 98 -18.51 24.89 28.84
N HIS A 99 -19.17 24.94 30.00
CA HIS A 99 -19.93 23.78 30.47
C HIS A 99 -21.06 23.46 29.51
N ARG A 100 -21.80 24.48 29.03
CA ARG A 100 -22.82 24.25 28.01
C ARG A 100 -22.20 23.83 26.69
N LEU A 101 -21.01 24.33 26.37
CA LEU A 101 -20.35 23.98 25.12
C LEU A 101 -19.97 22.50 25.09
N GLU A 102 -19.54 21.95 26.22
CA GLU A 102 -19.27 20.53 26.32
C GLU A 102 -20.56 19.70 26.28
N GLU A 103 -21.68 20.31 26.68
CA GLU A 103 -22.93 19.65 27.00
C GLU A 103 -23.95 19.74 25.86
N SER A 104 -23.53 20.24 24.70
CA SER A 104 -24.46 20.47 23.59
C SER A 104 -24.99 19.17 22.99
N PHE A 105 -24.24 18.08 23.13
CA PHE A 105 -24.69 16.80 22.57
C PHE A 105 -25.88 16.23 23.32
N LEU A 106 -25.99 16.52 24.61
CA LEU A 106 -26.94 15.83 25.49
C LEU A 106 -28.35 16.34 25.23
N VAL A 107 -29.34 15.47 25.49
CA VAL A 107 -30.75 15.86 25.32
C VAL A 107 -31.18 16.77 26.46
N GLU A 108 -32.32 17.45 26.26
CA GLU A 108 -32.73 18.54 27.14
C GLU A 108 -33.03 18.05 28.56
N GLU A 109 -33.66 16.88 28.69
CA GLU A 109 -33.95 16.34 30.01
C GLU A 109 -32.69 15.87 30.73
N ASP A 110 -31.61 15.62 29.99
CA ASP A 110 -30.34 15.26 30.58
C ASP A 110 -29.42 16.45 30.78
N LYS A 111 -29.70 17.58 30.13
CA LYS A 111 -28.90 18.78 30.29
C LYS A 111 -29.06 19.37 31.69
N LYS A 112 -27.94 19.77 32.29
CA LYS A 112 -27.99 20.46 33.58
C LYS A 112 -28.32 21.94 33.40
N HIS A 113 -27.81 22.55 32.33
CA HIS A 113 -28.04 23.96 32.03
C HIS A 113 -29.11 24.10 30.95
N GLU A 114 -29.30 25.33 30.49
CA GLU A 114 -30.30 25.61 29.47
C GLU A 114 -29.87 25.02 28.13
N ARG A 115 -30.88 24.63 27.33
CA ARG A 115 -30.65 23.91 26.09
C ARG A 115 -30.00 24.75 24.99
N HIS A 116 -29.98 26.07 25.13
CA HIS A 116 -29.34 26.92 24.14
C HIS A 116 -27.89 27.15 24.52
N PRO A 117 -26.93 26.72 23.70
CA PRO A 117 -25.53 26.66 24.18
C PRO A 117 -24.85 28.00 24.35
N ILE A 118 -25.02 28.92 23.40
CA ILE A 118 -24.17 30.10 23.36
C ILE A 118 -24.60 31.13 24.40
N PHE A 119 -25.84 31.59 24.32
CA PHE A 119 -26.29 32.68 25.19
C PHE A 119 -27.12 32.20 26.37
N GLY A 120 -27.63 30.97 26.35
CA GLY A 120 -28.41 30.46 27.45
C GLY A 120 -29.85 30.95 27.48
N ASN A 121 -30.30 31.65 26.45
CA ASN A 121 -31.69 32.09 26.34
C ASN A 121 -32.05 32.16 24.87
N ILE A 122 -33.34 31.89 24.59
CA ILE A 122 -33.77 31.57 23.24
C ILE A 122 -33.72 32.78 22.32
N VAL A 123 -34.15 33.94 22.80
CA VAL A 123 -34.29 35.11 21.95
C VAL A 123 -32.93 35.63 21.50
N ASP A 124 -31.92 35.58 22.38
CA ASP A 124 -30.57 35.98 21.98
C ASP A 124 -29.96 34.98 21.01
N GLU A 125 -30.27 33.69 21.15
CA GLU A 125 -29.78 32.69 20.21
C GLU A 125 -30.39 32.91 18.82
N VAL A 126 -31.69 33.21 18.77
CA VAL A 126 -32.35 33.50 17.49
C VAL A 126 -31.79 34.77 16.89
N ALA A 127 -31.52 35.78 17.73
CA ALA A 127 -30.92 37.02 17.23
C ALA A 127 -29.52 36.79 16.69
N TYR A 128 -28.75 35.91 17.33
CA TYR A 128 -27.42 35.57 16.82
C TYR A 128 -27.50 34.86 15.48
N HIS A 129 -28.42 33.90 15.35
CA HIS A 129 -28.52 33.18 14.08
C HIS A 129 -29.08 34.05 12.97
N GLU A 130 -29.93 35.03 13.30
CA GLU A 130 -30.37 35.98 12.29
C GLU A 130 -29.24 36.93 11.90
N LYS A 131 -28.46 37.38 12.88
CA LYS A 131 -27.34 38.28 12.60
C LYS A 131 -26.21 37.53 11.89
N TYR A 132 -25.90 36.31 12.33
CA TYR A 132 -24.84 35.51 11.74
C TYR A 132 -25.43 34.17 11.34
N PRO A 133 -25.91 34.03 10.09
CA PRO A 133 -26.43 32.72 9.64
C PRO A 133 -25.41 31.60 9.68
N THR A 134 -24.16 31.90 9.36
CA THR A 134 -23.07 30.94 9.40
C THR A 134 -21.96 31.48 10.30
N ILE A 135 -20.94 30.64 10.50
CA ILE A 135 -19.78 31.05 11.29
C ILE A 135 -18.96 32.10 10.53
N TYR A 136 -19.02 32.07 9.20
CA TYR A 136 -18.18 32.98 8.41
C TYR A 136 -18.69 34.41 8.46
N HIS A 137 -20.00 34.61 8.68
CA HIS A 137 -20.51 35.93 9.04
C HIS A 137 -19.81 36.48 10.27
N LEU A 138 -19.72 35.67 11.33
CA LEU A 138 -19.06 36.09 12.55
C LEU A 138 -17.58 36.34 12.33
N ARG A 139 -16.93 35.48 11.55
CA ARG A 139 -15.50 35.63 11.29
C ARG A 139 -15.20 36.91 10.52
N LYS A 140 -15.95 37.18 9.45
CA LYS A 140 -15.76 38.40 8.68
C LYS A 140 -16.09 39.64 9.49
N LYS A 141 -17.15 39.56 10.32
CA LYS A 141 -17.51 40.70 11.16
C LYS A 141 -16.42 41.00 12.19
N LEU A 142 -15.83 39.96 12.78
CA LEU A 142 -14.79 40.20 13.78
C LEU A 142 -13.49 40.66 13.15
N VAL A 143 -13.19 40.21 11.92
CA VAL A 143 -12.00 40.70 11.24
C VAL A 143 -12.16 42.16 10.83
N ASP A 144 -13.29 42.49 10.22
CA ASP A 144 -13.43 43.79 9.57
C ASP A 144 -13.88 44.90 10.51
N SER A 145 -14.77 44.62 11.45
CA SER A 145 -15.29 45.69 12.30
C SER A 145 -14.30 46.02 13.42
N THR A 146 -14.53 47.18 14.04
CA THR A 146 -13.66 47.67 15.11
C THR A 146 -14.38 47.74 16.45
N ASP A 147 -15.63 47.32 16.53
CA ASP A 147 -16.39 47.45 17.76
C ASP A 147 -16.05 46.33 18.74
N LYS A 148 -16.34 46.59 20.02
CA LYS A 148 -16.15 45.59 21.06
C LYS A 148 -17.30 44.59 21.01
N ALA A 149 -16.98 43.34 20.70
CA ALA A 149 -17.97 42.29 20.61
C ALA A 149 -18.00 41.44 21.88
N ASP A 150 -19.00 40.57 21.96
CA ASP A 150 -19.13 39.67 23.09
C ASP A 150 -18.01 38.65 23.06
N LEU A 151 -17.45 38.34 24.23
CA LEU A 151 -16.30 37.45 24.31
C LEU A 151 -16.66 36.01 23.93
N ARG A 152 -17.93 35.63 24.08
CA ARG A 152 -18.37 34.31 23.65
C ARG A 152 -18.24 34.14 22.14
N LEU A 153 -18.60 35.18 21.38
CA LEU A 153 -18.42 35.13 19.94
C LEU A 153 -16.95 35.11 19.55
N ILE A 154 -16.11 35.80 20.32
CA ILE A 154 -14.67 35.76 20.11
C ILE A 154 -14.16 34.33 20.26
N TYR A 155 -14.54 33.67 21.36
CA TYR A 155 -14.11 32.29 21.57
C TYR A 155 -14.64 31.36 20.49
N LEU A 156 -15.89 31.54 20.07
CA LEU A 156 -16.44 30.68 19.02
C LEU A 156 -15.68 30.85 17.71
N ALA A 157 -15.33 32.10 17.37
CA ALA A 157 -14.55 32.35 16.17
C ALA A 157 -13.19 31.67 16.23
N LEU A 158 -12.44 31.89 17.32
CA LEU A 158 -11.10 31.31 17.33
C LEU A 158 -11.12 29.80 17.57
N ALA A 159 -12.18 29.26 18.20
CA ALA A 159 -12.29 27.82 18.35
C ALA A 159 -12.59 27.14 17.02
N HIS A 160 -13.45 27.77 16.21
CA HIS A 160 -13.66 27.27 14.85
C HIS A 160 -12.40 27.39 14.02
N MET A 161 -11.60 28.44 14.26
CA MET A 161 -10.36 28.62 13.50
C MET A 161 -9.29 27.61 13.89
N ILE A 162 -9.16 27.33 15.19
CA ILE A 162 -8.15 26.39 15.66
C ILE A 162 -8.54 24.95 15.33
N LYS A 163 -9.82 24.61 15.52
CA LYS A 163 -10.27 23.23 15.35
C LYS A 163 -10.10 22.76 13.90
N PHE A 164 -10.59 23.55 12.95
CA PHE A 164 -10.43 23.25 11.52
C PHE A 164 -9.40 24.23 10.98
N ARG A 165 -8.14 23.80 10.97
CA ARG A 165 -7.03 24.73 10.82
C ARG A 165 -6.38 24.74 9.44
N GLY A 166 -6.67 23.77 8.59
CA GLY A 166 -6.11 23.74 7.25
C GLY A 166 -4.71 23.14 7.20
N HIS A 167 -4.25 22.91 5.98
CA HIS A 167 -3.05 22.13 5.74
C HIS A 167 -1.78 22.97 5.94
N PHE A 168 -0.65 22.28 6.03
CA PHE A 168 0.65 22.88 6.32
C PHE A 168 1.65 22.65 5.19
N LEU A 169 1.16 22.53 3.96
CA LEU A 169 2.04 22.24 2.83
C LEU A 169 2.81 23.46 2.33
N ILE A 170 2.48 24.66 2.80
CA ILE A 170 3.17 25.89 2.40
C ILE A 170 4.08 26.30 3.56
N GLU A 171 5.36 26.49 3.26
CA GLU A 171 6.33 26.80 4.31
C GLU A 171 6.42 28.28 4.59
N GLY A 172 6.12 29.13 3.62
CA GLY A 172 6.30 30.56 3.75
C GLY A 172 5.23 31.22 4.61
N ASP A 173 5.32 32.55 4.71
CA ASP A 173 4.38 33.30 5.52
C ASP A 173 3.03 33.44 4.84
N LEU A 174 3.04 33.82 3.56
CA LEU A 174 1.86 33.93 2.70
C LEU A 174 0.78 34.82 3.34
N ASN A 175 1.16 36.06 3.58
CA ASN A 175 0.30 37.00 4.31
C ASN A 175 -0.91 37.40 3.47
N PRO A 176 -2.13 37.23 3.98
CA PRO A 176 -3.33 37.64 3.24
C PRO A 176 -3.80 39.06 3.53
N ASP A 177 -3.02 39.87 4.23
CA ASP A 177 -3.50 41.21 4.60
C ASP A 177 -3.32 42.21 3.45
N ASN A 178 -2.20 42.14 2.74
CA ASN A 178 -1.92 43.05 1.64
C ASN A 178 -1.50 42.37 0.35
N SER A 179 -0.94 41.16 0.41
CA SER A 179 -0.45 40.48 -0.77
C SER A 179 -1.54 39.71 -1.52
N ASP A 180 -2.76 39.65 -0.98
CA ASP A 180 -3.85 38.96 -1.65
C ASP A 180 -4.41 39.74 -2.82
N VAL A 181 -4.06 41.02 -2.95
CA VAL A 181 -4.64 41.89 -3.97
C VAL A 181 -3.85 41.71 -5.27
N ASP A 182 -4.57 41.65 -6.40
CA ASP A 182 -3.92 41.50 -7.70
C ASP A 182 -3.46 42.83 -8.30
N LYS A 183 -3.71 43.95 -7.63
CA LYS A 183 -3.36 45.28 -8.15
C LYS A 183 -1.86 45.57 -8.06
N LEU A 184 -1.08 44.70 -7.39
CA LEU A 184 0.37 44.86 -7.25
C LEU A 184 1.14 44.89 -8.57
N PHE A 185 0.48 44.70 -9.71
CA PHE A 185 1.13 44.81 -11.01
C PHE A 185 1.63 46.24 -11.23
N ILE A 186 0.88 47.24 -10.75
CA ILE A 186 1.21 48.63 -11.03
C ILE A 186 2.46 49.08 -10.26
N GLN A 187 2.61 48.67 -8.99
CA GLN A 187 3.86 49.00 -8.32
C GLN A 187 4.99 48.08 -8.74
N LEU A 188 4.68 46.93 -9.32
CA LEU A 188 5.71 46.10 -9.94
C LEU A 188 6.35 46.83 -11.12
N VAL A 189 5.53 47.48 -11.96
CA VAL A 189 6.12 48.21 -13.08
C VAL A 189 6.70 49.56 -12.63
N GLN A 190 6.22 50.14 -11.52
CA GLN A 190 6.95 51.26 -10.94
C GLN A 190 8.34 50.86 -10.47
N THR A 191 8.47 49.70 -9.81
CA THR A 191 9.77 49.20 -9.39
C THR A 191 10.64 48.86 -10.61
N TYR A 192 10.01 48.34 -11.67
CA TYR A 192 10.72 48.06 -12.91
C TYR A 192 11.26 49.34 -13.55
N ASN A 193 10.47 50.41 -13.53
CA ASN A 193 10.94 51.69 -14.05
C ASN A 193 12.06 52.26 -13.19
N GLN A 194 11.97 52.10 -11.87
CA GLN A 194 12.99 52.66 -10.99
C GLN A 194 14.33 51.95 -11.13
N LEU A 195 14.33 50.62 -11.06
CA LEU A 195 15.61 49.91 -11.05
C LEU A 195 16.23 49.81 -12.44
N PHE A 196 15.44 49.51 -13.46
CA PHE A 196 15.93 49.42 -14.83
C PHE A 196 15.96 50.83 -15.42
N GLU A 197 17.16 51.37 -15.58
CA GLU A 197 17.34 52.80 -15.87
C GLU A 197 17.15 53.07 -17.36
N GLU A 198 15.91 52.90 -17.81
CA GLU A 198 15.53 53.21 -19.18
C GLU A 198 14.20 53.95 -19.27
N ASN A 199 13.53 54.20 -18.14
CA ASN A 199 12.18 54.71 -17.89
C ASN A 199 11.18 54.26 -18.97
N PRO A 200 10.81 52.98 -19.01
CA PRO A 200 9.85 52.52 -20.01
C PRO A 200 8.45 53.01 -19.70
N ILE A 201 7.62 53.02 -20.74
CA ILE A 201 6.24 53.46 -20.62
C ILE A 201 5.44 52.34 -19.95
N ASN A 202 4.78 52.66 -18.84
CA ASN A 202 4.00 51.68 -18.08
C ASN A 202 2.55 51.70 -18.57
N ALA A 203 2.36 51.14 -19.76
CA ALA A 203 1.02 50.96 -20.33
C ALA A 203 0.42 49.71 -19.71
N SER A 204 -0.05 49.85 -18.48
CA SER A 204 -0.54 48.72 -17.72
C SER A 204 -1.89 48.25 -18.24
N GLY A 205 -1.99 46.96 -18.53
CA GLY A 205 -3.21 46.32 -18.98
C GLY A 205 -3.89 45.56 -17.86
N VAL A 206 -4.51 44.44 -18.24
CA VAL A 206 -5.19 43.61 -17.25
C VAL A 206 -4.15 42.86 -16.42
N ASP A 207 -4.48 42.63 -15.15
CA ASP A 207 -3.61 41.89 -14.23
C ASP A 207 -3.75 40.39 -14.45
N ALA A 208 -3.27 39.61 -13.49
CA ALA A 208 -3.23 38.15 -13.60
C ALA A 208 -4.62 37.50 -13.69
N LYS A 209 -5.70 38.26 -13.49
CA LYS A 209 -7.03 37.71 -13.69
C LYS A 209 -7.27 37.32 -15.15
N ALA A 210 -6.70 38.08 -16.09
CA ALA A 210 -6.78 37.72 -17.49
C ALA A 210 -6.07 36.39 -17.77
N ILE A 211 -4.97 36.13 -17.06
CA ILE A 211 -4.29 34.84 -17.18
C ILE A 211 -5.12 33.74 -16.56
N LEU A 212 -5.69 33.99 -15.37
CA LEU A 212 -6.49 32.99 -14.66
C LEU A 212 -7.84 32.74 -15.31
N SER A 213 -8.23 33.58 -16.28
CA SER A 213 -9.49 33.36 -16.99
C SER A 213 -9.51 32.02 -17.73
N ALA A 214 -8.39 31.63 -18.32
CA ALA A 214 -8.30 30.34 -19.01
C ALA A 214 -7.62 29.29 -18.15
N ARG A 215 -6.36 29.50 -17.78
CA ARG A 215 -5.57 28.62 -16.92
C ARG A 215 -4.27 29.32 -16.58
N LEU A 216 -3.69 28.98 -15.42
CA LEU A 216 -2.42 29.53 -14.99
C LEU A 216 -1.30 28.69 -15.59
N SER A 217 -0.67 29.22 -16.63
CA SER A 217 0.44 28.54 -17.29
C SER A 217 1.30 29.56 -18.02
N LYS A 218 2.51 29.15 -18.38
CA LYS A 218 3.38 30.00 -19.18
C LYS A 218 2.81 30.24 -20.58
N SER A 219 2.24 29.18 -21.18
CA SER A 219 1.78 29.22 -22.57
C SER A 219 0.60 30.17 -22.80
N ARG A 220 -0.08 30.60 -21.73
CA ARG A 220 -1.03 31.70 -21.80
C ARG A 220 -0.46 33.02 -21.29
N ARG A 221 0.24 32.99 -20.15
CA ARG A 221 0.69 34.23 -19.52
C ARG A 221 1.68 34.99 -20.40
N LEU A 222 2.65 34.28 -20.98
CA LEU A 222 3.68 34.95 -21.77
C LEU A 222 3.08 35.61 -23.00
N GLU A 223 2.25 34.89 -23.74
CA GLU A 223 1.64 35.45 -24.94
C GLU A 223 0.65 36.55 -24.60
N ASN A 224 -0.09 36.41 -23.49
CA ASN A 224 -1.05 37.45 -23.10
C ASN A 224 -0.35 38.75 -22.74
N LEU A 225 0.71 38.66 -21.93
CA LEU A 225 1.41 39.88 -21.54
C LEU A 225 2.25 40.46 -22.67
N ILE A 226 2.71 39.63 -23.61
CA ILE A 226 3.44 40.17 -24.75
C ILE A 226 2.47 40.83 -25.74
N ALA A 227 1.24 40.34 -25.83
CA ALA A 227 0.24 41.02 -26.65
C ALA A 227 -0.26 42.30 -26.00
N GLN A 228 -0.41 42.30 -24.67
CA GLN A 228 -0.99 43.45 -23.99
C GLN A 228 -0.06 44.65 -23.99
N LEU A 229 1.20 44.46 -23.57
CA LEU A 229 2.15 45.55 -23.66
C LEU A 229 3.27 45.16 -24.63
N PRO A 230 3.84 46.13 -25.35
CA PRO A 230 4.84 45.78 -26.38
C PRO A 230 6.08 45.11 -25.80
N GLY A 231 6.56 44.10 -26.50
CA GLY A 231 7.67 43.29 -26.02
C GLY A 231 9.03 43.89 -26.33
N GLU A 232 9.78 44.20 -25.29
CA GLU A 232 11.15 44.71 -25.44
C GLU A 232 12.21 43.68 -25.09
N LYS A 233 11.87 42.64 -24.35
CA LYS A 233 12.83 41.62 -23.95
C LYS A 233 12.05 40.36 -23.62
N LYS A 234 12.24 39.31 -24.43
CA LYS A 234 11.40 38.11 -24.31
C LYS A 234 11.65 37.37 -23.01
N ASN A 235 12.90 37.09 -22.69
CA ASN A 235 13.27 36.43 -21.44
C ASN A 235 13.67 37.41 -20.36
N GLY A 236 13.57 38.72 -20.62
CA GLY A 236 13.98 39.73 -19.67
C GLY A 236 12.98 40.85 -19.53
N LEU A 237 11.69 40.53 -19.62
CA LEU A 237 10.64 41.54 -19.51
C LEU A 237 10.60 42.18 -18.13
N PHE A 238 11.11 41.45 -17.11
CA PHE A 238 11.28 41.95 -15.75
C PHE A 238 9.95 42.36 -15.12
N GLY A 239 9.08 41.37 -14.94
CA GLY A 239 7.85 41.58 -14.21
C GLY A 239 6.70 40.71 -14.63
N ASN A 240 6.05 40.10 -13.64
CA ASN A 240 4.96 39.14 -13.82
C ASN A 240 5.39 38.02 -14.76
N LEU A 241 6.61 37.53 -14.57
CA LEU A 241 7.21 36.53 -15.44
C LEU A 241 6.84 35.12 -14.97
N ILE A 242 7.20 34.13 -15.80
CA ILE A 242 7.13 32.75 -15.34
C ILE A 242 8.28 32.47 -14.37
N ALA A 243 9.36 33.25 -14.43
CA ALA A 243 10.44 33.11 -13.47
C ALA A 243 10.01 33.52 -12.07
N LEU A 244 9.05 34.44 -11.98
CA LEU A 244 8.57 34.95 -10.71
C LEU A 244 7.33 34.22 -10.20
N SER A 245 6.69 33.42 -11.03
CA SER A 245 5.44 32.77 -10.67
C SER A 245 5.55 31.26 -10.57
N LEU A 246 6.04 30.60 -11.62
CA LEU A 246 6.13 29.14 -11.68
C LEU A 246 7.53 28.82 -12.21
N GLY A 247 8.46 28.57 -11.30
CA GLY A 247 9.87 28.51 -11.66
C GLY A 247 10.19 27.40 -12.64
N LEU A 248 11.35 27.56 -13.29
CA LEU A 248 11.75 26.65 -14.35
C LEU A 248 12.14 25.29 -13.79
N THR A 249 12.01 24.26 -14.63
CA THR A 249 12.37 22.90 -14.20
C THR A 249 13.84 22.73 -13.85
N PRO A 250 14.84 23.16 -14.65
CA PRO A 250 16.22 23.03 -14.19
C PRO A 250 16.68 24.27 -13.43
N ASN A 251 17.84 24.14 -12.81
CA ASN A 251 18.50 25.27 -12.15
C ASN A 251 19.34 26.03 -13.19
N PHE A 252 18.63 26.67 -14.11
CA PHE A 252 19.25 27.41 -15.20
C PHE A 252 19.52 28.84 -14.78
N LYS A 253 20.58 29.41 -15.35
CA LYS A 253 21.04 30.75 -14.98
C LYS A 253 20.02 31.81 -15.39
N SER A 254 20.13 32.97 -14.76
CA SER A 254 19.21 34.07 -15.03
C SER A 254 19.42 34.61 -16.43
N ASN A 255 18.32 34.98 -17.09
CA ASN A 255 18.34 35.50 -18.44
C ASN A 255 18.33 37.02 -18.38
N PHE A 256 19.33 37.64 -19.01
CA PHE A 256 19.54 39.09 -19.02
C PHE A 256 19.61 39.64 -17.60
N ASP A 257 20.66 39.19 -16.90
CA ASP A 257 20.81 39.44 -15.48
C ASP A 257 21.08 40.92 -15.19
N LEU A 258 20.68 41.35 -14.00
CA LEU A 258 20.94 42.71 -13.53
C LEU A 258 22.22 42.79 -12.71
N ALA A 259 22.46 41.81 -11.85
CA ALA A 259 23.63 41.81 -10.98
C ALA A 259 24.58 40.66 -11.27
N GLU A 260 24.09 39.43 -11.34
CA GLU A 260 24.95 38.28 -11.58
C GLU A 260 24.12 37.16 -12.22
N ASP A 261 24.82 36.22 -12.82
CA ASP A 261 24.19 35.05 -13.45
C ASP A 261 24.13 33.93 -12.41
N ALA A 262 22.93 33.66 -11.90
CA ALA A 262 22.71 32.62 -10.91
C ALA A 262 21.50 31.78 -11.30
N LYS A 263 21.46 30.56 -10.78
CA LYS A 263 20.40 29.63 -11.12
C LYS A 263 19.06 30.08 -10.53
N LEU A 264 17.99 29.74 -11.25
CA LEU A 264 16.64 30.20 -10.93
C LEU A 264 15.73 29.01 -10.67
N GLN A 265 14.74 29.22 -9.80
CA GLN A 265 13.78 28.18 -9.45
C GLN A 265 12.53 28.87 -8.90
N LEU A 266 11.58 28.05 -8.46
CA LEU A 266 10.34 28.57 -7.86
C LEU A 266 10.62 29.15 -6.48
N SER A 267 9.89 30.21 -6.14
CA SER A 267 10.09 30.90 -4.87
C SER A 267 9.29 30.28 -3.73
N LYS A 268 9.40 28.97 -3.54
CA LYS A 268 8.79 28.30 -2.39
C LYS A 268 9.78 28.12 -1.25
N ASP A 269 10.82 27.32 -1.47
CA ASP A 269 11.84 27.08 -0.46
C ASP A 269 13.27 27.05 -0.99
N THR A 270 13.49 26.92 -2.30
CA THR A 270 14.83 26.79 -2.86
C THR A 270 15.27 28.04 -3.61
N TYR A 271 14.52 29.12 -3.51
CA TYR A 271 14.92 30.39 -4.11
C TYR A 271 15.55 31.34 -3.11
N ASP A 272 15.55 30.99 -1.82
CA ASP A 272 16.15 31.85 -0.80
C ASP A 272 17.65 31.96 -0.96
N ASP A 273 18.30 30.88 -1.39
CA ASP A 273 19.71 30.92 -1.74
C ASP A 273 19.98 31.54 -3.10
N ASP A 274 18.93 31.84 -3.86
CA ASP A 274 19.08 32.41 -5.20
C ASP A 274 19.07 33.93 -5.20
N LEU A 275 18.96 34.58 -4.03
CA LEU A 275 19.16 36.02 -3.93
C LEU A 275 20.64 36.41 -3.84
N ASP A 276 21.55 35.49 -4.15
CA ASP A 276 22.99 35.77 -4.09
C ASP A 276 23.47 36.72 -5.18
N ASN A 277 22.59 37.13 -6.10
CA ASN A 277 22.93 38.20 -7.02
C ASN A 277 23.18 39.51 -6.27
N LEU A 278 22.38 39.77 -5.24
CA LEU A 278 22.52 40.97 -4.43
C LEU A 278 22.90 40.69 -2.98
N LEU A 279 22.36 39.62 -2.38
CA LEU A 279 22.66 39.32 -0.98
C LEU A 279 24.10 38.86 -0.77
N ALA A 280 24.73 38.31 -1.80
CA ALA A 280 26.15 37.97 -1.74
C ALA A 280 27.03 39.04 -2.35
N GLN A 281 26.45 40.17 -2.80
CA GLN A 281 27.23 41.27 -3.38
C GLN A 281 26.94 42.59 -2.68
N ILE A 282 26.36 42.56 -1.48
CA ILE A 282 26.08 43.78 -0.73
C ILE A 282 26.51 43.62 0.72
N ASP A 288 12.44 46.53 -5.04
CA ASP A 288 13.16 45.40 -5.64
C ASP A 288 12.22 44.51 -6.45
N LEU A 289 12.71 44.06 -7.61
CA LEU A 289 11.89 43.20 -8.46
C LEU A 289 11.69 41.83 -7.85
N PHE A 290 12.63 41.37 -7.03
CA PHE A 290 12.54 40.03 -6.45
C PHE A 290 11.61 39.99 -5.25
N LEU A 291 11.56 41.05 -4.44
CA LEU A 291 10.59 41.13 -3.35
C LEU A 291 9.17 41.26 -3.91
N ALA A 292 8.99 42.09 -4.92
CA ALA A 292 7.70 42.16 -5.60
C ALA A 292 7.39 40.88 -6.36
N ALA A 293 8.41 40.13 -6.78
CA ALA A 293 8.19 38.82 -7.38
C ALA A 293 7.64 37.84 -6.36
N LYS A 294 8.20 37.85 -5.15
CA LYS A 294 7.65 37.06 -4.05
C LYS A 294 6.20 37.46 -3.76
N ASN A 295 5.94 38.78 -3.76
CA ASN A 295 4.58 39.28 -3.56
C ASN A 295 3.62 38.79 -4.64
N LEU A 296 4.07 38.80 -5.90
CA LEU A 296 3.22 38.37 -7.00
C LEU A 296 3.00 36.85 -7.00
N SER A 297 4.02 36.08 -6.61
CA SER A 297 3.83 34.64 -6.47
C SER A 297 2.84 34.32 -5.35
N ASP A 298 2.93 35.04 -4.24
CA ASP A 298 2.00 34.86 -3.13
C ASP A 298 0.59 35.26 -3.58
N ALA A 299 0.48 36.33 -4.38
CA ALA A 299 -0.80 36.78 -4.90
C ALA A 299 -1.43 35.75 -5.83
N ILE A 300 -0.63 35.16 -6.72
CA ILE A 300 -1.22 34.18 -7.64
C ILE A 300 -1.56 32.88 -6.91
N LEU A 301 -0.80 32.53 -5.86
CA LEU A 301 -1.23 31.40 -5.02
C LEU A 301 -2.57 31.67 -4.35
N LEU A 302 -2.75 32.88 -3.79
CA LEU A 302 -4.02 33.16 -3.14
C LEU A 302 -5.17 33.29 -4.14
N SER A 303 -4.92 33.82 -5.33
CA SER A 303 -5.98 33.91 -6.33
C SER A 303 -6.30 32.56 -6.96
N ASP A 304 -5.35 31.62 -6.93
CA ASP A 304 -5.66 30.25 -7.32
C ASP A 304 -6.51 29.59 -6.23
N ILE A 305 -6.12 29.77 -4.97
CA ILE A 305 -6.85 29.14 -3.87
C ILE A 305 -8.21 29.80 -3.68
N LEU A 306 -8.25 31.13 -3.70
CA LEU A 306 -9.45 31.89 -3.39
C LEU A 306 -9.91 32.65 -4.64
N ARG A 307 -11.23 32.65 -4.86
CA ARG A 307 -11.79 33.16 -6.11
C ARG A 307 -11.54 34.65 -6.31
N VAL A 308 -12.20 35.49 -5.50
CA VAL A 308 -12.13 36.94 -5.65
C VAL A 308 -12.69 37.60 -4.39
N ASN A 309 -12.22 38.80 -4.08
CA ASN A 309 -12.88 39.67 -3.12
C ASN A 309 -12.99 41.07 -3.73
N THR A 310 -14.21 41.52 -3.98
CA THR A 310 -14.42 42.79 -4.66
C THR A 310 -14.17 43.97 -3.72
N GLU A 311 -14.68 43.90 -2.51
CA GLU A 311 -14.51 44.96 -1.51
C GLU A 311 -13.34 44.55 -0.64
N ILE A 312 -12.50 45.52 -0.27
CA ILE A 312 -11.27 45.22 0.47
C ILE A 312 -11.61 44.68 1.85
N THR A 313 -10.82 43.70 2.30
CA THR A 313 -11.05 42.99 3.54
C THR A 313 -9.78 42.26 3.92
N LYS A 314 -9.62 41.98 5.20
CA LYS A 314 -8.50 41.17 5.69
C LYS A 314 -8.88 39.71 5.88
N ALA A 315 -10.11 39.33 5.58
CA ALA A 315 -10.57 37.94 5.68
C ALA A 315 -11.20 37.54 4.36
N PRO A 316 -10.40 37.18 3.36
CA PRO A 316 -10.98 36.84 2.05
C PRO A 316 -11.66 35.48 2.03
N LEU A 317 -11.24 34.53 2.89
CA LEU A 317 -11.87 33.22 2.91
C LEU A 317 -13.31 33.29 3.41
N SER A 318 -13.54 34.08 4.46
CA SER A 318 -14.89 34.30 4.94
C SER A 318 -15.73 35.03 3.91
N ALA A 319 -15.11 35.95 3.16
CA ALA A 319 -15.81 36.65 2.10
C ALA A 319 -16.23 35.70 0.98
N SER A 320 -15.36 34.75 0.62
CA SER A 320 -15.72 33.76 -0.40
C SER A 320 -16.82 32.84 0.08
N MET A 321 -16.77 32.46 1.35
CA MET A 321 -17.85 31.64 1.92
C MET A 321 -19.17 32.42 1.95
N ILE A 322 -19.09 33.73 2.22
CA ILE A 322 -20.27 34.59 2.21
C ILE A 322 -20.86 34.66 0.81
N LYS A 323 -19.99 34.77 -0.20
CA LYS A 323 -20.44 34.78 -1.58
C LYS A 323 -21.12 33.46 -1.95
N ARG A 324 -20.57 32.33 -1.47
CA ARG A 324 -21.22 31.04 -1.69
C ARG A 324 -22.60 31.00 -1.05
N TYR A 325 -22.72 31.51 0.18
CA TYR A 325 -24.01 31.51 0.88
C TYR A 325 -25.03 32.37 0.15
N ASP A 326 -24.61 33.57 -0.29
CA ASP A 326 -25.53 34.47 -0.98
C ASP A 326 -25.98 33.92 -2.32
N GLU A 327 -25.04 33.34 -3.09
CA GLU A 327 -25.41 32.74 -4.36
C GLU A 327 -26.27 31.50 -4.16
N HIS A 328 -26.04 30.74 -3.09
CA HIS A 328 -26.89 29.60 -2.77
C HIS A 328 -28.31 30.05 -2.48
N HIS A 329 -28.47 31.13 -1.71
CA HIS A 329 -29.80 31.65 -1.41
C HIS A 329 -30.51 32.15 -2.67
N GLN A 330 -29.79 32.89 -3.52
CA GLN A 330 -30.39 33.42 -4.75
C GLN A 330 -30.79 32.29 -5.70
N ASP A 331 -29.92 31.30 -5.87
CA ASP A 331 -30.25 30.17 -6.74
C ASP A 331 -31.37 29.32 -6.15
N LEU A 332 -31.45 29.20 -4.82
CA LEU A 332 -32.56 28.48 -4.21
C LEU A 332 -33.88 29.18 -4.50
N THR A 333 -33.92 30.51 -4.34
CA THR A 333 -35.14 31.26 -4.62
C THR A 333 -35.53 31.15 -6.08
N LEU A 334 -34.56 31.30 -6.99
CA LEU A 334 -34.84 31.19 -8.42
C LEU A 334 -35.32 29.80 -8.79
N LEU A 335 -34.69 28.76 -8.24
CA LEU A 335 -35.08 27.39 -8.55
C LEU A 335 -36.48 27.08 -8.03
N LYS A 336 -36.81 27.54 -6.82
CA LYS A 336 -38.16 27.34 -6.30
C LYS A 336 -39.20 28.05 -7.15
N ALA A 337 -38.91 29.29 -7.56
CA ALA A 337 -39.86 30.03 -8.39
C ALA A 337 -40.08 29.33 -9.74
N LEU A 338 -38.99 28.90 -10.38
CA LEU A 338 -39.12 28.25 -11.68
C LEU A 338 -39.80 26.88 -11.58
N VAL A 339 -39.51 26.11 -10.53
CA VAL A 339 -40.14 24.80 -10.40
C VAL A 339 -41.60 24.94 -10.00
N ARG A 340 -41.97 26.02 -9.29
CA ARG A 340 -43.38 26.25 -9.03
C ARG A 340 -44.11 26.68 -10.30
N GLN A 341 -43.46 27.47 -11.14
CA GLN A 341 -44.15 28.01 -12.30
C GLN A 341 -44.28 26.96 -13.41
N GLN A 342 -43.28 26.11 -13.61
CA GLN A 342 -43.29 25.21 -14.77
C GLN A 342 -43.55 23.74 -14.45
N LEU A 343 -43.08 23.20 -13.33
CA LEU A 343 -43.32 21.79 -12.98
C LEU A 343 -43.83 21.69 -11.55
N PRO A 344 -45.12 21.98 -11.32
CA PRO A 344 -45.64 21.92 -9.94
C PRO A 344 -45.62 20.54 -9.31
N GLU A 345 -45.65 19.48 -10.12
CA GLU A 345 -45.69 18.12 -9.58
C GLU A 345 -44.34 17.67 -9.02
N LYS A 346 -43.25 18.33 -9.41
CA LYS A 346 -41.91 17.91 -9.01
C LYS A 346 -41.43 18.58 -7.73
N TYR A 347 -42.18 19.53 -7.18
CA TYR A 347 -41.71 20.25 -6.00
C TYR A 347 -41.68 19.33 -4.79
N LYS A 348 -42.69 18.45 -4.65
CA LYS A 348 -42.74 17.54 -3.51
C LYS A 348 -41.59 16.55 -3.53
N GLU A 349 -41.17 16.12 -4.73
CA GLU A 349 -40.05 15.19 -4.83
C GLU A 349 -38.72 15.89 -4.50
N ILE A 350 -38.52 17.10 -5.03
CA ILE A 350 -37.22 17.75 -4.92
C ILE A 350 -37.03 18.33 -3.52
N PHE A 351 -38.00 19.09 -3.04
CA PHE A 351 -37.80 19.91 -1.84
C PHE A 351 -38.43 19.31 -0.58
N PHE A 352 -39.08 18.17 -0.68
CA PHE A 352 -39.60 17.48 0.51
C PHE A 352 -39.15 16.04 0.63
N ASP A 353 -39.09 15.30 -0.47
CA ASP A 353 -38.69 13.89 -0.42
C ASP A 353 -37.16 13.86 -0.38
N GLN A 354 -36.63 13.48 0.78
CA GLN A 354 -35.19 13.52 1.02
C GLN A 354 -34.46 12.25 0.60
N SER A 355 -35.15 11.28 -0.02
CA SER A 355 -34.51 10.05 -0.46
C SER A 355 -34.28 9.98 -1.96
N LYS A 356 -34.76 10.96 -2.73
CA LYS A 356 -34.63 10.95 -4.18
C LYS A 356 -33.51 11.86 -4.69
N ASN A 357 -32.53 12.18 -3.83
CA ASN A 357 -31.34 12.96 -4.18
C ASN A 357 -31.69 14.36 -4.71
N GLY A 358 -32.81 14.91 -4.27
CA GLY A 358 -33.15 16.29 -4.59
C GLY A 358 -32.44 17.24 -3.65
N TYR A 359 -32.95 18.48 -3.59
CA TYR A 359 -32.40 19.44 -2.64
C TYR A 359 -32.68 19.00 -1.20
N ALA A 360 -33.85 18.40 -0.96
CA ALA A 360 -34.11 17.79 0.34
C ALA A 360 -33.16 16.63 0.60
N GLY A 361 -32.83 15.87 -0.45
CA GLY A 361 -31.81 14.84 -0.31
C GLY A 361 -30.39 15.36 -0.29
N TYR A 362 -30.17 16.59 -0.77
CA TYR A 362 -28.82 17.16 -0.76
C TYR A 362 -28.50 17.82 0.56
N ILE A 363 -29.51 18.34 1.28
CA ILE A 363 -29.30 18.86 2.62
C ILE A 363 -29.61 17.80 3.67
N ASP A 364 -30.87 17.36 3.72
CA ASP A 364 -31.29 16.48 4.80
C ASP A 364 -30.88 15.04 4.56
N GLY A 365 -30.79 14.61 3.31
CA GLY A 365 -30.39 13.26 2.97
C GLY A 365 -28.88 13.12 2.89
N GLY A 366 -28.46 11.95 2.43
CA GLY A 366 -27.06 11.63 2.28
C GLY A 366 -26.47 11.85 0.91
N ALA A 367 -27.20 12.47 0.00
CA ALA A 367 -26.69 12.69 -1.36
C ALA A 367 -25.59 13.74 -1.37
N SER A 368 -24.56 13.48 -2.15
CA SER A 368 -23.42 14.39 -2.26
C SER A 368 -23.72 15.48 -3.29
N GLN A 369 -22.71 16.29 -3.60
CA GLN A 369 -22.91 17.39 -4.52
C GLN A 369 -23.06 16.92 -5.96
N GLU A 370 -22.24 15.94 -6.37
CA GLU A 370 -22.29 15.48 -7.76
C GLU A 370 -23.54 14.65 -8.03
N GLU A 371 -24.01 13.88 -7.03
CA GLU A 371 -25.28 13.17 -7.18
C GLU A 371 -26.44 14.14 -7.34
N PHE A 372 -26.43 15.22 -6.55
CA PHE A 372 -27.45 16.26 -6.67
C PHE A 372 -27.41 16.93 -8.04
N TYR A 373 -26.20 17.21 -8.53
CA TYR A 373 -26.04 17.80 -9.87
C TYR A 373 -26.54 16.86 -10.95
N LYS A 374 -26.24 15.57 -10.85
CA LYS A 374 -26.66 14.64 -11.88
C LYS A 374 -28.16 14.36 -11.84
N PHE A 375 -28.77 14.35 -10.67
CA PHE A 375 -30.22 14.19 -10.57
C PHE A 375 -30.96 15.44 -11.03
N ILE A 376 -30.41 16.63 -10.76
CA ILE A 376 -31.12 17.86 -11.02
C ILE A 376 -30.83 18.43 -12.41
N LYS A 377 -29.73 18.01 -13.05
CA LYS A 377 -29.36 18.52 -14.37
C LYS A 377 -30.40 18.31 -15.47
N PRO A 378 -31.06 17.15 -15.61
CA PRO A 378 -32.16 17.09 -16.60
C PRO A 378 -33.32 18.03 -16.31
N ILE A 379 -33.55 18.34 -15.03
CA ILE A 379 -34.67 19.22 -14.67
C ILE A 379 -34.43 20.63 -15.21
N LEU A 380 -33.20 21.14 -15.11
CA LEU A 380 -32.94 22.46 -15.69
C LEU A 380 -33.00 22.45 -17.21
N GLU A 381 -32.61 21.33 -17.84
CA GLU A 381 -32.62 21.30 -19.30
C GLU A 381 -34.03 21.24 -19.84
N LYS A 382 -34.96 20.57 -19.15
CA LYS A 382 -36.32 20.54 -19.67
C LYS A 382 -37.09 21.83 -19.43
N MET A 383 -36.79 22.56 -18.35
CA MET A 383 -37.43 23.84 -18.10
C MET A 383 -36.68 24.99 -18.73
N ASP A 384 -37.36 26.12 -18.86
CA ASP A 384 -36.82 27.33 -19.47
C ASP A 384 -36.30 28.28 -18.40
N GLY A 385 -35.44 29.21 -18.84
CA GLY A 385 -34.89 30.20 -17.94
C GLY A 385 -33.80 29.72 -17.02
N THR A 386 -33.24 28.54 -17.28
CA THR A 386 -32.24 27.92 -16.43
C THR A 386 -30.84 27.95 -17.04
N GLU A 387 -30.57 28.93 -17.91
CA GLU A 387 -29.26 29.02 -18.56
C GLU A 387 -28.16 29.33 -17.56
N GLU A 388 -28.40 30.31 -16.68
CA GLU A 388 -27.42 30.66 -15.66
C GLU A 388 -27.21 29.49 -14.69
N LEU A 389 -28.28 28.79 -14.33
CA LEU A 389 -28.14 27.62 -13.49
C LEU A 389 -27.37 26.51 -14.19
N LEU A 390 -27.56 26.39 -15.52
CA LEU A 390 -26.82 25.40 -16.29
C LEU A 390 -25.33 25.69 -16.32
N VAL A 391 -24.93 26.95 -16.55
CA VAL A 391 -23.50 27.23 -16.62
C VAL A 391 -22.88 27.16 -15.21
N LYS A 392 -23.63 27.54 -14.18
CA LYS A 392 -23.12 27.39 -12.82
C LYS A 392 -23.01 25.92 -12.41
N LEU A 393 -23.89 25.06 -12.94
CA LEU A 393 -23.77 23.63 -12.67
C LEU A 393 -22.58 23.03 -13.43
N ASN A 394 -22.35 23.49 -14.66
CA ASN A 394 -21.21 23.02 -15.44
C ASN A 394 -19.88 23.47 -14.85
N ARG A 395 -19.86 24.54 -14.07
CA ARG A 395 -18.68 24.98 -13.35
C ARG A 395 -18.57 24.41 -11.95
N GLU A 396 -19.53 23.55 -11.55
CA GLU A 396 -19.64 23.00 -10.20
C GLU A 396 -19.68 24.12 -9.15
N ASP A 397 -20.53 25.11 -9.41
CA ASP A 397 -20.65 26.28 -8.55
C ASP A 397 -22.09 26.51 -8.08
N LEU A 398 -23.03 25.64 -8.47
CA LEU A 398 -24.43 25.83 -8.16
C LEU A 398 -24.78 25.26 -6.79
N LEU A 399 -25.39 26.09 -5.95
CA LEU A 399 -25.98 25.68 -4.66
C LEU A 399 -24.95 25.00 -3.75
N ARG A 400 -23.75 25.56 -3.71
CA ARG A 400 -22.65 24.94 -2.97
C ARG A 400 -22.82 25.15 -1.47
N LYS A 401 -22.25 24.23 -0.70
CA LYS A 401 -22.16 24.37 0.74
C LYS A 401 -20.85 25.03 1.12
N GLN A 402 -20.69 25.32 2.41
CA GLN A 402 -19.44 25.87 2.92
C GLN A 402 -18.49 24.79 3.42
N ARG A 403 -19.00 23.81 4.15
CA ARG A 403 -18.20 22.65 4.57
C ARG A 403 -18.33 21.57 3.50
N THR A 404 -17.35 21.51 2.61
CA THR A 404 -17.39 20.62 1.47
C THR A 404 -16.00 20.12 1.14
N PHE A 405 -15.94 19.07 0.31
CA PHE A 405 -14.76 18.23 0.18
C PHE A 405 -13.54 18.94 -0.40
N ASP A 406 -13.71 20.03 -1.16
CA ASP A 406 -12.55 20.68 -1.76
C ASP A 406 -11.92 21.72 -0.85
N ASN A 407 -12.31 21.77 0.42
CA ASN A 407 -11.69 22.66 1.38
C ASN A 407 -10.36 22.13 1.92
N GLY A 408 -9.83 21.04 1.37
CA GLY A 408 -8.52 20.57 1.76
C GLY A 408 -7.38 21.34 1.15
N SER A 409 -7.66 22.26 0.22
CA SER A 409 -6.61 23.00 -0.48
C SER A 409 -6.21 24.29 0.23
N ILE A 410 -7.05 24.82 1.10
CA ILE A 410 -6.76 26.11 1.75
C ILE A 410 -5.69 25.91 2.83
N PRO A 411 -4.60 26.67 2.77
CA PRO A 411 -3.52 26.49 3.74
C PRO A 411 -3.86 27.08 5.10
N HIS A 412 -3.05 26.71 6.09
CA HIS A 412 -3.25 27.20 7.45
C HIS A 412 -2.89 28.67 7.61
N GLN A 413 -2.14 29.24 6.67
CA GLN A 413 -1.71 30.63 6.80
C GLN A 413 -2.88 31.60 6.64
N ILE A 414 -3.93 31.21 5.91
CA ILE A 414 -5.12 32.05 5.80
C ILE A 414 -5.81 32.17 7.15
N HIS A 415 -6.00 31.04 7.83
CA HIS A 415 -6.56 31.06 9.17
C HIS A 415 -5.64 31.77 10.16
N LEU A 416 -4.32 31.65 9.98
CA LEU A 416 -3.39 32.35 10.85
C LEU A 416 -3.51 33.87 10.68
N GLY A 417 -3.63 34.33 9.43
CA GLY A 417 -3.81 35.76 9.20
C GLY A 417 -5.15 36.27 9.72
N GLU A 418 -6.21 35.47 9.56
CA GLU A 418 -7.51 35.88 10.09
C GLU A 418 -7.52 35.90 11.61
N LEU A 419 -6.87 34.91 12.25
CA LEU A 419 -6.73 34.90 13.70
C LEU A 419 -5.94 36.12 14.19
N HIS A 420 -4.87 36.45 13.48
CA HIS A 420 -4.07 37.62 13.84
C HIS A 420 -4.88 38.90 13.68
N ALA A 421 -5.71 38.98 12.64
CA ALA A 421 -6.57 40.14 12.44
C ALA A 421 -7.59 40.27 13.57
N ILE A 422 -8.20 39.16 13.98
CA ILE A 422 -9.17 39.21 15.08
C ILE A 422 -8.50 39.66 16.37
N LEU A 423 -7.30 39.13 16.65
CA LEU A 423 -6.60 39.54 17.86
C LEU A 423 -6.20 41.02 17.81
N ARG A 424 -5.78 41.51 16.64
CA ARG A 424 -5.46 42.93 16.53
C ARG A 424 -6.70 43.81 16.69
N ARG A 425 -7.87 43.34 16.24
CA ARG A 425 -9.07 44.13 16.44
C ARG A 425 -9.49 44.14 17.90
N GLN A 426 -9.35 43.02 18.60
CA GLN A 426 -9.91 42.87 19.93
C GLN A 426 -8.88 42.98 21.06
N GLU A 427 -7.65 43.37 20.76
CA GLU A 427 -6.64 43.46 21.82
C GLU A 427 -6.85 44.64 22.74
N ASP A 428 -7.39 45.75 22.23
CA ASP A 428 -7.55 46.94 23.05
C ASP A 428 -8.66 46.78 24.08
N PHE A 429 -9.76 46.14 23.68
CA PHE A 429 -10.89 45.97 24.60
C PHE A 429 -10.62 44.89 25.63
N TYR A 430 -9.87 43.86 25.27
CA TYR A 430 -9.53 42.76 26.19
C TYR A 430 -8.02 42.70 26.35
N PRO A 431 -7.47 43.15 27.48
CA PRO A 431 -6.00 43.14 27.66
C PRO A 431 -5.39 41.76 27.66
N PHE A 432 -6.14 40.73 28.07
CA PHE A 432 -5.59 39.38 28.13
C PHE A 432 -5.36 38.80 26.74
N LEU A 433 -6.09 39.27 25.72
CA LEU A 433 -5.78 38.87 24.36
C LEU A 433 -4.43 39.41 23.91
N LYS A 434 -4.11 40.65 24.27
CA LYS A 434 -2.81 41.21 23.91
C LYS A 434 -1.69 40.63 24.76
N ASP A 435 -2.01 40.19 25.99
CA ASP A 435 -1.00 39.61 26.87
C ASP A 435 -0.48 38.29 26.33
N ASN A 436 -1.35 37.46 25.75
CA ASN A 436 -1.00 36.13 25.28
C ASN A 436 -1.49 35.90 23.86
N ARG A 437 -1.24 36.89 23.00
CA ARG A 437 -1.51 36.76 21.57
C ARG A 437 -0.65 35.67 20.94
N GLU A 438 0.64 35.67 21.26
CA GLU A 438 1.56 34.70 20.68
C GLU A 438 1.27 33.28 21.14
N LYS A 439 0.72 33.13 22.35
CA LYS A 439 0.31 31.80 22.81
C LYS A 439 -0.81 31.24 21.94
N ILE A 440 -1.80 32.08 21.59
CA ILE A 440 -2.91 31.61 20.76
C ILE A 440 -2.43 31.32 19.33
N GLU A 441 -1.57 32.19 18.80
CA GLU A 441 -1.01 31.92 17.48
C GLU A 441 -0.14 30.67 17.48
N LYS A 442 0.50 30.36 18.61
CA LYS A 442 1.26 29.11 18.72
C LYS A 442 0.34 27.91 18.81
N ILE A 443 -0.81 28.07 19.48
CA ILE A 443 -1.81 27.00 19.50
C ILE A 443 -2.29 26.68 18.10
N LEU A 444 -2.46 27.71 17.27
CA LEU A 444 -2.75 27.45 15.86
C LEU A 444 -1.58 26.76 15.16
N THR A 445 -0.40 27.40 15.18
CA THR A 445 0.64 27.07 14.21
C THR A 445 1.55 25.92 14.63
N PHE A 446 1.46 25.43 15.86
CA PHE A 446 2.34 24.36 16.28
C PHE A 446 1.94 23.04 15.64
N ARG A 447 2.93 22.30 15.17
CA ARG A 447 2.75 20.97 14.63
C ARG A 447 3.95 20.13 15.03
N ILE A 448 3.69 18.96 15.60
CA ILE A 448 4.77 18.07 16.01
C ILE A 448 5.52 17.58 14.76
N PRO A 449 6.84 17.66 14.72
CA PRO A 449 7.58 17.15 13.56
C PRO A 449 7.46 15.64 13.42
N TYR A 450 7.54 15.19 12.17
CA TYR A 450 7.47 13.75 11.90
C TYR A 450 8.68 13.01 12.46
N TYR A 451 9.81 13.69 12.60
CA TYR A 451 11.02 13.07 13.15
C TYR A 451 11.03 13.03 14.67
N VAL A 452 10.04 13.61 15.33
CA VAL A 452 9.91 13.52 16.78
C VAL A 452 8.97 12.39 17.19
N GLY A 453 7.85 12.25 16.50
CA GLY A 453 6.92 11.18 16.76
C GLY A 453 6.07 11.42 17.98
N PRO A 454 5.55 10.35 18.58
CA PRO A 454 4.71 10.49 19.77
C PRO A 454 5.49 11.03 20.96
N LEU A 455 4.77 11.69 21.85
CA LEU A 455 5.36 12.37 23.00
C LEU A 455 5.27 11.54 24.27
N ALA A 456 5.49 10.23 24.14
CA ALA A 456 5.33 9.31 25.25
C ALA A 456 6.41 9.50 26.32
N ARG A 457 6.23 8.81 27.43
CA ARG A 457 7.14 8.83 28.57
C ARG A 457 7.59 7.42 28.92
N GLY A 458 7.93 6.64 27.89
CA GLY A 458 8.40 5.28 28.10
C GLY A 458 7.31 4.24 28.20
N ASN A 459 6.11 4.51 27.68
CA ASN A 459 5.02 3.55 27.72
C ASN A 459 4.44 3.25 26.35
N SER A 460 5.10 3.66 25.28
CA SER A 460 4.65 3.39 23.92
C SER A 460 5.73 2.65 23.16
N ARG A 461 5.31 1.64 22.40
CA ARG A 461 6.24 0.90 21.56
C ARG A 461 6.49 1.57 20.21
N PHE A 462 5.83 2.70 19.95
CA PHE A 462 6.02 3.46 18.72
C PHE A 462 6.86 4.70 18.90
N ALA A 463 7.21 5.06 20.14
CA ALA A 463 7.87 6.32 20.44
C ALA A 463 9.37 6.14 20.54
N TRP A 464 10.12 7.16 20.14
CA TRP A 464 11.58 7.15 20.19
C TRP A 464 12.19 8.44 20.70
N MET A 465 11.39 9.43 21.06
CA MET A 465 11.91 10.75 21.41
C MET A 465 12.56 10.72 22.78
N THR A 466 13.65 11.49 22.92
CA THR A 466 14.24 11.77 24.21
C THR A 466 14.02 13.24 24.55
N ARG A 467 13.91 13.53 25.84
CA ARG A 467 13.55 14.86 26.32
C ARG A 467 14.61 15.37 27.28
N LYS A 468 14.87 16.68 27.22
CA LYS A 468 15.86 17.29 28.10
C LYS A 468 15.38 17.33 29.54
N SER A 469 14.08 17.56 29.76
CA SER A 469 13.54 17.70 31.09
C SER A 469 12.23 16.93 31.19
N GLU A 470 11.83 16.63 32.42
CA GLU A 470 10.67 15.81 32.69
C GLU A 470 9.38 16.62 32.81
N GLU A 471 9.38 17.86 32.35
CA GLU A 471 8.18 18.69 32.39
C GLU A 471 7.17 18.22 31.35
N THR A 472 5.92 18.61 31.56
CA THR A 472 4.87 18.32 30.59
C THR A 472 5.07 19.14 29.33
N ILE A 473 4.84 18.52 28.18
CA ILE A 473 5.11 19.14 26.89
C ILE A 473 3.88 19.92 26.45
N THR A 474 4.07 21.21 26.21
CA THR A 474 3.08 22.13 25.66
C THR A 474 3.63 22.70 24.36
N PRO A 475 2.78 23.24 23.48
CA PRO A 475 3.31 23.87 22.25
C PRO A 475 4.21 25.07 22.50
N TRP A 476 4.14 25.69 23.68
CA TRP A 476 4.96 26.85 23.97
C TRP A 476 6.35 26.48 24.47
N ASN A 477 6.47 25.37 25.20
CA ASN A 477 7.75 24.92 25.74
C ASN A 477 8.28 23.66 25.05
N PHE A 478 7.87 23.44 23.80
CA PHE A 478 8.29 22.25 23.07
C PHE A 478 9.78 22.31 22.73
N GLU A 479 10.29 23.50 22.43
CA GLU A 479 11.68 23.64 22.03
C GLU A 479 12.64 23.47 23.22
N GLU A 480 12.21 23.85 24.41
CA GLU A 480 13.07 23.81 25.59
C GLU A 480 12.95 22.52 26.39
N VAL A 481 12.15 21.56 25.93
CA VAL A 481 11.95 20.29 26.63
C VAL A 481 12.36 19.11 25.77
N VAL A 482 11.81 19.02 24.57
CA VAL A 482 12.12 17.91 23.68
C VAL A 482 13.48 18.18 23.02
N ASP A 483 14.42 17.28 23.25
CA ASP A 483 15.73 17.37 22.60
C ASP A 483 15.51 16.86 21.19
N LYS A 484 15.47 17.80 20.23
CA LYS A 484 15.07 17.45 18.88
C LYS A 484 16.17 16.71 18.12
N GLY A 485 17.43 16.98 18.41
CA GLY A 485 18.52 16.41 17.62
C GLY A 485 18.62 14.90 17.74
N ALA A 486 18.67 14.41 18.97
CA ALA A 486 18.74 12.96 19.17
C ALA A 486 17.45 12.29 18.74
N SER A 487 16.32 13.00 18.86
CA SER A 487 15.04 12.46 18.37
C SER A 487 15.06 12.25 16.85
N ALA A 488 15.57 13.23 16.11
CA ALA A 488 15.63 13.08 14.65
C ALA A 488 16.68 12.06 14.23
N GLN A 489 17.76 11.93 15.00
CA GLN A 489 18.72 10.87 14.73
C GLN A 489 18.08 9.50 14.93
N SER A 490 17.45 9.29 16.09
CA SER A 490 16.82 8.01 16.40
C SER A 490 15.59 7.74 15.54
N PHE A 491 15.04 8.76 14.88
CA PHE A 491 14.01 8.52 13.86
C PHE A 491 14.56 7.67 12.71
N ILE A 492 15.84 7.82 12.41
CA ILE A 492 16.45 7.09 11.31
C ILE A 492 17.18 5.84 11.81
N GLU A 493 17.92 5.94 12.92
CA GLU A 493 18.67 4.79 13.41
C GLU A 493 17.78 3.66 13.93
N ARG A 494 16.52 3.93 14.24
CA ARG A 494 15.61 2.85 14.64
C ARG A 494 15.04 2.10 13.45
N MET A 495 15.28 2.57 12.23
CA MET A 495 14.66 2.03 11.03
C MET A 495 15.64 1.41 10.06
N THR A 496 16.88 1.89 9.99
CA THR A 496 17.87 1.28 9.13
C THR A 496 18.32 -0.05 9.71
N ASN A 497 18.60 -1.00 8.82
CA ASN A 497 19.00 -2.33 9.25
C ASN A 497 20.46 -2.36 9.67
N PHE A 498 20.81 -3.41 10.40
CA PHE A 498 22.20 -3.66 10.76
C PHE A 498 22.91 -4.33 9.58
N ASP A 499 24.24 -4.38 9.67
CA ASP A 499 25.00 -5.08 8.65
C ASP A 499 24.79 -6.57 8.88
N LYS A 500 24.65 -7.32 7.79
CA LYS A 500 24.39 -8.75 7.90
C LYS A 500 25.62 -9.51 8.40
N ASN A 501 26.81 -9.12 7.91
CA ASN A 501 28.03 -9.80 8.34
C ASN A 501 28.46 -9.36 9.73
N LEU A 502 28.27 -8.08 10.05
CA LEU A 502 28.59 -7.52 11.37
C LEU A 502 27.29 -7.06 12.00
N PRO A 503 26.64 -7.90 12.81
CA PRO A 503 25.27 -7.60 13.24
C PRO A 503 25.14 -6.53 14.30
N ASN A 504 26.25 -6.04 14.87
CA ASN A 504 26.19 -5.16 16.03
C ASN A 504 26.45 -3.69 15.71
N GLU A 505 26.52 -3.30 14.44
CA GLU A 505 26.77 -1.90 14.10
C GLU A 505 26.16 -1.57 12.74
N LYS A 506 25.98 -0.27 12.51
CA LYS A 506 25.15 0.24 11.42
C LYS A 506 25.88 0.17 10.08
N VAL A 507 25.08 0.30 9.00
CA VAL A 507 25.54 0.28 7.62
C VAL A 507 25.93 1.68 7.16
N LEU A 508 26.62 1.78 6.02
CA LEU A 508 26.93 3.08 5.44
C LEU A 508 25.71 3.68 4.76
N PRO A 509 25.70 4.99 4.59
CA PRO A 509 24.80 5.60 3.59
C PRO A 509 25.21 5.18 2.18
N LYS A 510 24.22 5.23 1.27
CA LYS A 510 24.49 4.87 -0.12
C LYS A 510 25.48 5.83 -0.78
N HIS A 511 25.34 7.11 -0.51
CA HIS A 511 26.18 8.13 -1.15
C HIS A 511 27.42 8.45 -0.34
N SER A 512 27.88 7.52 0.49
CA SER A 512 29.17 7.68 1.16
C SER A 512 30.31 7.52 0.16
N LEU A 513 31.37 8.32 0.35
CA LEU A 513 32.54 8.18 -0.52
C LEU A 513 33.21 6.82 -0.32
N LEU A 514 33.23 6.33 0.92
CA LEU A 514 33.80 5.01 1.18
C LEU A 514 32.99 3.91 0.51
N TYR A 515 31.65 4.02 0.56
CA TYR A 515 30.81 2.99 -0.03
C TYR A 515 30.90 2.99 -1.56
N GLU A 516 30.91 4.18 -2.18
CA GLU A 516 31.10 4.24 -3.62
C GLU A 516 32.49 3.76 -4.03
N TYR A 517 33.52 4.10 -3.24
CA TYR A 517 34.87 3.62 -3.54
C TYR A 517 34.94 2.11 -3.48
N PHE A 518 34.32 1.51 -2.46
CA PHE A 518 34.28 0.06 -2.35
C PHE A 518 33.50 -0.55 -3.49
N THR A 519 32.41 0.09 -3.92
CA THR A 519 31.59 -0.45 -5.00
C THR A 519 32.35 -0.45 -6.32
N VAL A 520 33.04 0.66 -6.64
CA VAL A 520 33.88 0.69 -7.83
C VAL A 520 35.00 -0.32 -7.76
N TYR A 521 35.72 -0.36 -6.63
CA TYR A 521 36.87 -1.26 -6.56
C TYR A 521 36.46 -2.73 -6.50
N ASN A 522 35.20 -3.02 -6.10
CA ASN A 522 34.69 -4.36 -6.22
C ASN A 522 34.34 -4.70 -7.67
N GLU A 523 33.71 -3.77 -8.40
CA GLU A 523 33.41 -4.04 -9.80
C GLU A 523 34.69 -4.06 -10.63
N LEU A 524 35.64 -3.18 -10.32
CA LEU A 524 36.80 -2.96 -11.18
C LEU A 524 37.78 -4.13 -11.13
N THR A 525 37.95 -4.73 -9.95
CA THR A 525 39.05 -5.66 -9.74
C THR A 525 38.91 -6.96 -10.53
N LYS A 526 37.75 -7.24 -11.12
CA LYS A 526 37.56 -8.43 -11.93
C LYS A 526 37.48 -8.13 -13.42
N VAL A 527 37.85 -6.92 -13.83
CA VAL A 527 37.85 -6.56 -15.24
C VAL A 527 39.14 -7.09 -15.88
N LYS A 528 38.99 -7.88 -16.94
CA LYS A 528 40.12 -8.45 -17.66
C LYS A 528 40.17 -7.89 -19.07
N TYR A 529 41.36 -7.52 -19.50
CA TYR A 529 41.60 -6.95 -20.83
C TYR A 529 42.53 -7.84 -21.63
N VAL A 530 42.30 -7.89 -22.94
CA VAL A 530 43.12 -8.71 -23.83
C VAL A 530 43.35 -7.93 -25.12
N THR A 531 44.49 -8.20 -25.76
CA THR A 531 44.86 -7.58 -27.01
C THR A 531 45.76 -8.54 -27.78
N GLU A 532 46.39 -8.04 -28.84
CA GLU A 532 47.33 -8.84 -29.61
C GLU A 532 48.67 -9.03 -28.91
N GLY A 533 48.91 -8.35 -27.79
CA GLY A 533 50.21 -8.40 -27.16
C GLY A 533 50.52 -9.74 -26.50
N MET A 534 49.59 -10.22 -25.67
CA MET A 534 49.77 -11.48 -24.94
C MET A 534 48.64 -12.46 -25.29
N ARG A 535 48.82 -13.72 -24.88
CA ARG A 535 47.94 -14.80 -25.29
C ARG A 535 46.55 -14.73 -24.66
N LYS A 536 46.47 -14.45 -23.36
CA LYS A 536 45.22 -14.61 -22.62
C LYS A 536 44.89 -13.30 -21.93
N PRO A 537 43.60 -13.07 -21.65
CA PRO A 537 43.23 -11.87 -20.88
C PRO A 537 43.82 -11.91 -19.49
N ALA A 538 44.19 -10.74 -18.98
CA ALA A 538 44.81 -10.61 -17.67
C ALA A 538 44.06 -9.57 -16.87
N PHE A 539 44.08 -9.74 -15.54
CA PHE A 539 43.44 -8.79 -14.65
C PHE A 539 44.20 -7.46 -14.64
N LEU A 540 43.46 -6.40 -14.34
CA LEU A 540 44.07 -5.08 -14.23
C LEU A 540 44.91 -4.99 -12.96
N SER A 541 46.14 -4.48 -13.08
CA SER A 541 46.99 -4.29 -11.92
C SER A 541 46.51 -3.09 -11.11
N GLY A 542 47.04 -2.98 -9.89
CA GLY A 542 46.63 -1.90 -9.01
C GLY A 542 47.01 -0.52 -9.53
N GLU A 543 48.19 -0.41 -10.17
CA GLU A 543 48.58 0.84 -10.78
C GLU A 543 47.65 1.21 -11.93
N GLN A 544 47.30 0.23 -12.77
CA GLN A 544 46.37 0.47 -13.87
C GLN A 544 44.99 0.85 -13.36
N LYS A 545 44.52 0.19 -12.30
CA LYS A 545 43.23 0.51 -11.71
C LYS A 545 43.21 1.93 -11.15
N LYS A 546 44.27 2.31 -10.43
CA LYS A 546 44.37 3.66 -9.89
C LYS A 546 44.40 4.69 -11.01
N ALA A 547 45.17 4.40 -12.07
CA ALA A 547 45.26 5.32 -13.21
C ALA A 547 43.92 5.49 -13.91
N ILE A 548 43.17 4.39 -14.11
CA ILE A 548 41.93 4.56 -14.85
C ILE A 548 40.87 5.20 -13.96
N VAL A 549 40.91 4.96 -12.64
CA VAL A 549 39.98 5.65 -11.74
C VAL A 549 40.24 7.15 -11.79
N ASP A 550 41.51 7.56 -11.70
CA ASP A 550 41.84 8.98 -11.75
C ASP A 550 41.55 9.60 -13.11
N LEU A 551 41.68 8.84 -14.19
CA LEU A 551 41.47 9.38 -15.52
C LEU A 551 40.01 9.37 -15.96
N LEU A 552 39.20 8.43 -15.47
CA LEU A 552 37.83 8.26 -15.93
C LEU A 552 36.82 8.58 -14.84
N PHE A 553 36.90 7.90 -13.69
CA PHE A 553 35.75 7.89 -12.79
C PHE A 553 35.64 9.19 -12.01
N LYS A 554 36.72 9.95 -11.93
CA LYS A 554 36.72 11.27 -11.30
C LYS A 554 36.50 12.38 -12.32
N THR A 555 36.34 12.04 -13.60
CA THR A 555 36.11 13.02 -14.65
C THR A 555 34.76 12.88 -15.34
N ASN A 556 34.06 11.76 -15.14
CA ASN A 556 32.75 11.55 -15.73
C ASN A 556 31.82 10.95 -14.69
N ARG A 557 30.57 11.45 -14.64
CA ARG A 557 29.60 10.91 -13.70
C ARG A 557 29.18 9.49 -14.10
N LYS A 558 29.02 9.24 -15.40
CA LYS A 558 28.74 7.92 -15.92
C LYS A 558 29.70 7.66 -17.08
N VAL A 559 30.28 6.47 -17.10
CA VAL A 559 31.33 6.13 -18.05
C VAL A 559 30.99 4.79 -18.72
N THR A 560 31.19 4.73 -20.02
CA THR A 560 31.03 3.50 -20.77
C THR A 560 32.39 2.90 -21.09
N VAL A 561 32.37 1.64 -21.56
CA VAL A 561 33.61 0.96 -21.91
C VAL A 561 34.21 1.54 -23.19
N LYS A 562 33.40 2.19 -24.03
CA LYS A 562 33.91 2.82 -25.25
C LYS A 562 34.84 3.98 -24.92
N GLN A 563 34.47 4.80 -23.93
CA GLN A 563 35.35 5.89 -23.50
C GLN A 563 36.64 5.35 -22.92
N LEU A 564 36.57 4.24 -22.18
CA LEU A 564 37.76 3.59 -21.65
C LEU A 564 38.69 3.17 -22.78
N LYS A 565 38.13 2.46 -23.77
CA LYS A 565 38.91 1.96 -24.91
C LYS A 565 39.56 3.08 -25.69
N GLU A 566 38.79 4.13 -25.99
CA GLU A 566 39.28 5.18 -26.86
C GLU A 566 39.99 6.32 -26.14
N ASP A 567 40.02 6.31 -24.81
CA ASP A 567 40.74 7.37 -24.10
C ASP A 567 41.89 6.88 -23.25
N TYR A 568 41.76 5.77 -22.53
CA TYR A 568 42.89 5.31 -21.74
C TYR A 568 43.80 4.39 -22.56
N PHE A 569 43.27 3.25 -23.01
CA PHE A 569 44.09 2.26 -23.71
C PHE A 569 44.60 2.77 -25.04
N LYS A 570 43.91 3.75 -25.63
CA LYS A 570 44.41 4.37 -26.85
C LYS A 570 45.59 5.28 -26.55
N LYS A 571 45.53 6.04 -25.45
CA LYS A 571 46.55 7.02 -25.12
C LYS A 571 47.56 6.51 -24.11
N ILE A 572 47.11 6.10 -22.93
CA ILE A 572 47.98 5.68 -21.84
C ILE A 572 48.17 4.18 -21.93
N GLU A 573 49.43 3.73 -22.00
CA GLU A 573 49.80 2.35 -22.34
C GLU A 573 49.14 1.95 -23.66
N CYS A 574 49.61 2.63 -24.71
CA CYS A 574 48.94 2.65 -26.00
C CYS A 574 48.83 1.27 -26.64
N PHE A 575 47.63 0.93 -27.08
CA PHE A 575 47.37 -0.26 -27.88
C PHE A 575 46.45 0.13 -29.03
N ASP A 576 46.51 -0.65 -30.11
CA ASP A 576 45.65 -0.38 -31.26
C ASP A 576 44.20 -0.72 -30.97
N SER A 577 43.96 -1.89 -30.37
CA SER A 577 42.61 -2.32 -30.04
C SER A 577 42.66 -3.30 -28.88
N VAL A 578 41.79 -3.10 -27.90
CA VAL A 578 41.74 -3.92 -26.69
C VAL A 578 40.33 -4.44 -26.52
N GLU A 579 40.22 -5.74 -26.27
CA GLU A 579 38.94 -6.37 -25.92
C GLU A 579 38.88 -6.51 -24.40
N ILE A 580 37.75 -6.09 -23.82
CA ILE A 580 37.59 -6.04 -22.37
C ILE A 580 36.43 -6.92 -21.97
N SER A 581 36.65 -7.79 -20.99
CA SER A 581 35.63 -8.63 -20.41
C SER A 581 35.47 -8.29 -18.94
N GLY A 582 34.35 -8.71 -18.36
CA GLY A 582 34.03 -8.41 -16.99
C GLY A 582 33.03 -7.29 -16.78
N VAL A 583 32.72 -6.54 -17.83
CA VAL A 583 31.82 -5.41 -17.75
C VAL A 583 30.96 -5.38 -19.01
N GLU A 584 29.73 -4.89 -18.87
CA GLU A 584 28.86 -4.61 -20.00
C GLU A 584 29.28 -3.28 -20.63
N ASP A 585 28.42 -2.72 -21.52
CA ASP A 585 28.71 -1.46 -22.20
C ASP A 585 28.98 -0.36 -21.17
N ARG A 586 28.22 -0.33 -20.08
CA ARG A 586 28.34 0.69 -19.06
C ARG A 586 28.71 0.07 -17.72
N PHE A 587 29.68 0.67 -17.02
CA PHE A 587 30.01 0.24 -15.67
C PHE A 587 28.83 0.50 -14.73
N ASN A 588 28.51 -0.49 -13.91
CA ASN A 588 27.40 -0.37 -12.98
C ASN A 588 27.72 0.54 -11.80
N ALA A 589 29.00 0.78 -11.52
CA ALA A 589 29.43 1.63 -10.43
C ALA A 589 29.83 3.00 -10.94
N SER A 590 29.69 4.00 -10.07
CA SER A 590 30.07 5.36 -10.43
C SER A 590 30.34 6.16 -9.16
N LEU A 591 31.23 7.15 -9.29
CA LEU A 591 31.57 8.04 -8.19
C LEU A 591 30.77 9.34 -8.30
N GLY A 592 29.45 9.20 -8.08
CA GLY A 592 28.57 10.35 -8.18
C GLY A 592 28.79 11.37 -7.07
N THR A 593 29.01 10.89 -5.84
CA THR A 593 29.21 11.79 -4.72
C THR A 593 30.51 12.58 -4.86
N TYR A 594 31.55 11.95 -5.42
CA TYR A 594 32.78 12.67 -5.70
C TYR A 594 32.55 13.82 -6.67
N HIS A 595 31.74 13.60 -7.70
CA HIS A 595 31.45 14.66 -8.66
C HIS A 595 30.58 15.75 -8.04
N ASP A 596 29.63 15.37 -7.18
CA ASP A 596 28.79 16.35 -6.50
C ASP A 596 29.62 17.24 -5.59
N LEU A 597 30.51 16.64 -4.81
CA LEU A 597 31.34 17.43 -3.90
C LEU A 597 32.46 18.17 -4.62
N LEU A 598 32.86 17.70 -5.81
CA LEU A 598 33.77 18.50 -6.63
C LEU A 598 33.06 19.72 -7.22
N LYS A 599 31.80 19.54 -7.62
CA LYS A 599 31.01 20.66 -8.12
C LYS A 599 30.71 21.67 -7.02
N ILE A 600 30.59 21.21 -5.78
CA ILE A 600 30.30 22.13 -4.68
C ILE A 600 31.59 22.78 -4.16
N ILE A 601 32.52 21.96 -3.67
CA ILE A 601 33.69 22.45 -2.94
C ILE A 601 34.67 23.18 -3.86
N LYS A 602 34.73 22.79 -5.14
CA LYS A 602 35.72 23.27 -6.11
C LYS A 602 37.15 23.06 -5.62
N ASP A 603 37.41 21.88 -5.07
CA ASP A 603 38.77 21.55 -4.61
C ASP A 603 38.94 20.04 -4.78
N LYS A 604 39.57 19.64 -5.88
CA LYS A 604 39.83 18.23 -6.13
C LYS A 604 40.87 17.66 -5.18
N ASP A 605 41.87 18.47 -4.82
CA ASP A 605 42.91 18.03 -3.91
C ASP A 605 42.36 17.74 -2.51
N PHE A 606 41.33 18.48 -2.10
CA PHE A 606 40.70 18.25 -0.80
C PHE A 606 40.03 16.89 -0.75
N LEU A 607 39.38 16.49 -1.84
CA LEU A 607 38.73 15.18 -1.88
C LEU A 607 39.74 14.05 -2.07
N ASP A 608 40.82 14.29 -2.82
CA ASP A 608 41.80 13.25 -3.07
C ASP A 608 42.72 13.00 -1.88
N ASN A 609 42.67 13.85 -0.86
CA ASN A 609 43.52 13.68 0.32
C ASN A 609 43.04 12.50 1.16
N GLU A 610 43.97 11.84 1.84
CA GLU A 610 43.63 10.69 2.67
C GLU A 610 43.36 11.04 4.13
N GLU A 611 44.00 12.09 4.64
CA GLU A 611 43.84 12.46 6.04
C GLU A 611 42.42 12.96 6.34
N ASN A 612 41.82 13.66 5.38
CA ASN A 612 40.54 14.33 5.56
C ASN A 612 39.35 13.44 5.19
N GLU A 613 39.52 12.12 5.18
CA GLU A 613 38.45 11.24 4.75
C GLU A 613 37.39 11.09 5.84
N ASP A 614 37.81 11.16 7.11
CA ASP A 614 36.88 11.00 8.22
C ASP A 614 35.86 12.13 8.29
N ILE A 615 36.32 13.37 8.10
CA ILE A 615 35.39 14.50 8.14
C ILE A 615 34.46 14.48 6.94
N LEU A 616 34.95 13.99 5.78
CA LEU A 616 34.08 13.80 4.62
C LEU A 616 32.99 12.77 4.93
N GLU A 617 33.37 11.69 5.60
CA GLU A 617 32.42 10.64 5.96
C GLU A 617 31.37 11.15 6.94
N ASP A 618 31.79 11.91 7.94
CA ASP A 618 30.81 12.44 8.90
C ASP A 618 29.94 13.51 8.25
N ILE A 619 30.48 14.25 7.28
CA ILE A 619 29.68 15.22 6.53
C ILE A 619 28.58 14.51 5.75
N VAL A 620 28.93 13.41 5.08
CA VAL A 620 27.91 12.67 4.31
C VAL A 620 26.91 11.99 5.24
N LEU A 621 27.38 11.47 6.38
CA LEU A 621 26.46 10.87 7.36
C LEU A 621 25.47 11.90 7.89
N THR A 622 25.95 13.10 8.19
CA THR A 622 25.07 14.20 8.58
C THR A 622 24.08 14.54 7.47
N LEU A 623 24.58 14.68 6.24
CA LEU A 623 23.74 15.16 5.16
C LEU A 623 22.72 14.13 4.73
N THR A 624 22.94 12.85 5.08
CA THR A 624 21.97 11.81 4.82
C THR A 624 20.97 11.65 5.97
N LEU A 625 21.44 11.80 7.22
CA LEU A 625 20.55 11.68 8.37
C LEU A 625 19.52 12.80 8.43
N PHE A 626 19.96 14.04 8.28
CA PHE A 626 19.13 15.20 8.58
C PHE A 626 18.70 15.93 7.31
N GLU A 627 17.55 16.60 7.40
CA GLU A 627 17.03 17.41 6.30
C GLU A 627 16.51 18.79 6.72
N ASP A 628 16.23 19.02 8.00
CA ASP A 628 15.79 20.34 8.43
C ASP A 628 16.99 21.27 8.48
N ARG A 629 16.74 22.54 8.15
CA ARG A 629 17.81 23.45 7.75
C ARG A 629 18.72 23.75 8.94
N GLU A 630 18.09 24.16 10.05
CA GLU A 630 18.81 24.48 11.28
C GLU A 630 19.57 23.27 11.80
N MET A 631 19.01 22.08 11.60
CA MET A 631 19.64 20.87 12.10
C MET A 631 20.93 20.57 11.36
N ILE A 632 20.91 20.71 10.03
CA ILE A 632 22.09 20.47 9.22
C ILE A 632 23.16 21.48 9.55
N GLU A 633 22.80 22.77 9.65
CA GLU A 633 23.85 23.75 9.98
C GLU A 633 24.31 23.61 11.43
N GLU A 634 23.48 23.01 12.31
CA GLU A 634 23.91 22.74 13.67
C GLU A 634 24.97 21.65 13.71
N ARG A 635 24.79 20.58 12.94
CA ARG A 635 25.81 19.54 12.91
C ARG A 635 27.04 19.94 12.09
N LEU A 636 26.84 20.69 11.02
CA LEU A 636 27.92 20.94 10.06
C LEU A 636 28.78 22.15 10.41
N LYS A 637 28.50 22.84 11.52
CA LYS A 637 29.28 24.04 11.85
C LYS A 637 30.68 23.73 12.36
N THR A 638 30.97 22.47 12.71
CA THR A 638 32.31 22.10 13.19
C THR A 638 33.36 22.30 12.11
N TYR A 639 32.99 22.12 10.84
CA TYR A 639 33.91 22.22 9.72
C TYR A 639 34.05 23.65 9.20
N ALA A 640 33.71 24.66 10.02
CA ALA A 640 33.77 26.04 9.58
C ALA A 640 35.20 26.55 9.43
N HIS A 641 36.19 25.86 10.00
CA HIS A 641 37.59 26.26 9.87
C HIS A 641 38.29 25.66 8.66
N LEU A 642 37.60 24.80 7.89
CA LEU A 642 38.09 24.39 6.58
C LEU A 642 37.36 25.05 5.43
N PHE A 643 36.07 25.34 5.59
CA PHE A 643 35.21 25.76 4.50
C PHE A 643 34.87 27.24 4.63
N ASP A 644 34.75 27.92 3.49
CA ASP A 644 34.24 29.28 3.49
C ASP A 644 32.73 29.28 3.72
N ASP A 645 32.19 30.47 4.00
CA ASP A 645 30.77 30.58 4.34
C ASP A 645 29.87 30.31 3.14
N LYS A 646 30.27 30.78 1.96
CA LYS A 646 29.44 30.59 0.76
C LYS A 646 29.40 29.12 0.35
N VAL A 647 30.55 28.44 0.37
CA VAL A 647 30.58 27.02 0.02
C VAL A 647 29.87 26.18 1.07
N MET A 648 29.76 26.67 2.31
CA MET A 648 28.93 26.00 3.30
C MET A 648 27.45 26.25 3.02
N LYS A 649 27.12 27.45 2.57
CA LYS A 649 25.74 27.73 2.21
C LYS A 649 25.29 26.90 1.00
N GLN A 650 26.25 26.52 0.14
CA GLN A 650 25.91 25.71 -1.02
C GLN A 650 25.91 24.21 -0.72
N LEU A 651 26.79 23.76 0.19
CA LEU A 651 26.97 22.33 0.41
C LEU A 651 25.85 21.71 1.23
N LYS A 652 25.21 22.48 2.11
CA LYS A 652 24.15 21.96 2.96
C LYS A 652 22.85 21.72 2.21
N ARG A 653 22.76 22.12 0.94
CA ARG A 653 21.61 21.81 0.10
C ARG A 653 21.68 20.41 -0.49
N ARG A 654 22.83 19.74 -0.41
CA ARG A 654 23.05 18.49 -1.14
C ARG A 654 22.41 17.36 -0.36
N ARG A 655 21.10 17.22 -0.51
CA ARG A 655 20.32 16.22 0.22
C ARG A 655 20.58 14.82 -0.34
N TYR A 656 20.79 13.86 0.56
CA TYR A 656 21.01 12.47 0.19
C TYR A 656 20.02 11.58 0.91
N THR A 657 19.70 10.45 0.29
CA THR A 657 18.74 9.50 0.84
C THR A 657 19.10 8.10 0.37
N GLY A 658 19.11 7.16 1.29
CA GLY A 658 19.40 5.77 0.98
C GLY A 658 20.67 5.30 1.66
N TRP A 659 20.64 4.06 2.15
CA TRP A 659 21.76 3.46 2.84
C TRP A 659 22.10 2.10 2.25
N GLY A 660 23.39 1.76 2.33
CA GLY A 660 23.89 0.52 1.77
C GLY A 660 23.66 -0.65 2.69
N ARG A 661 24.44 -1.71 2.46
CA ARG A 661 24.26 -2.96 3.18
C ARG A 661 25.48 -3.37 4.00
N LEU A 662 26.58 -2.64 3.94
CA LEU A 662 27.81 -3.00 4.63
C LEU A 662 28.21 -1.90 5.62
N SER A 663 29.04 -2.29 6.57
CA SER A 663 29.49 -1.40 7.63
C SER A 663 30.91 -0.90 7.37
N ARG A 664 31.25 0.21 8.06
CA ARG A 664 32.58 0.81 7.92
C ARG A 664 33.68 -0.13 8.39
N LYS A 665 33.42 -0.86 9.48
CA LYS A 665 34.40 -1.80 9.99
C LYS A 665 34.68 -2.91 8.99
N LEU A 666 33.64 -3.38 8.30
CA LEU A 666 33.80 -4.45 7.31
C LEU A 666 34.69 -4.01 6.16
N ILE A 667 34.41 -2.88 5.54
CA ILE A 667 35.12 -2.54 4.32
C ILE A 667 36.45 -1.86 4.59
N ASN A 668 36.58 -1.10 5.69
CA ASN A 668 37.82 -0.37 5.93
C ASN A 668 38.31 -0.40 7.37
N GLY A 669 37.59 -1.04 8.29
CA GLY A 669 38.00 -1.00 9.69
C GLY A 669 38.84 -2.19 10.09
N ILE A 670 38.38 -3.39 9.78
CA ILE A 670 39.14 -4.59 10.11
C ILE A 670 40.34 -4.71 9.18
N ARG A 671 41.41 -5.33 9.71
CA ARG A 671 42.64 -5.54 8.96
C ARG A 671 43.09 -6.99 9.12
N ASP A 672 43.69 -7.52 8.07
CA ASP A 672 44.29 -8.84 8.14
C ASP A 672 45.50 -8.80 9.08
N LYS A 673 45.62 -9.79 9.95
CA LYS A 673 46.72 -9.80 10.91
C LYS A 673 48.08 -10.02 10.25
N GLN A 674 48.11 -10.70 9.10
CA GLN A 674 49.37 -10.94 8.42
C GLN A 674 49.71 -9.80 7.46
N SER A 675 48.82 -9.52 6.50
CA SER A 675 49.12 -8.53 5.47
C SER A 675 49.00 -7.11 5.99
N GLY A 676 48.05 -6.85 6.89
CA GLY A 676 47.81 -5.50 7.35
C GLY A 676 46.94 -4.66 6.44
N LYS A 677 46.26 -5.28 5.48
CA LYS A 677 45.41 -4.56 4.54
C LYS A 677 43.94 -4.70 4.94
N THR A 678 43.16 -3.67 4.65
CA THR A 678 41.71 -3.74 4.76
C THR A 678 41.14 -4.36 3.49
N ILE A 679 39.81 -4.55 3.47
CA ILE A 679 39.16 -5.11 2.29
C ILE A 679 39.28 -4.15 1.10
N LEU A 680 39.08 -2.85 1.35
CA LEU A 680 39.30 -1.86 0.29
C LEU A 680 40.76 -1.81 -0.14
N ASP A 681 41.69 -2.02 0.79
CA ASP A 681 43.10 -2.07 0.42
C ASP A 681 43.40 -3.26 -0.48
N PHE A 682 42.75 -4.41 -0.23
CA PHE A 682 42.92 -5.56 -1.12
C PHE A 682 42.27 -5.31 -2.47
N LEU A 683 41.12 -4.64 -2.49
CA LEU A 683 40.47 -4.33 -3.77
C LEU A 683 41.29 -3.33 -4.59
N LYS A 684 41.96 -2.41 -3.93
CA LYS A 684 42.84 -1.48 -4.64
C LYS A 684 44.04 -2.19 -5.24
N SER A 685 44.61 -3.15 -4.50
CA SER A 685 45.75 -3.92 -4.99
C SER A 685 45.82 -5.23 -4.21
N ASP A 686 45.83 -6.34 -4.93
CA ASP A 686 45.99 -7.65 -4.32
C ASP A 686 46.96 -8.49 -5.14
N GLY A 687 48.01 -7.84 -5.66
CA GLY A 687 48.97 -8.54 -6.49
C GLY A 687 48.35 -8.97 -7.80
N PHE A 688 48.53 -10.25 -8.13
CA PHE A 688 47.94 -10.82 -9.34
C PHE A 688 46.67 -11.62 -9.05
N ALA A 689 46.26 -11.72 -7.79
CA ALA A 689 45.04 -12.44 -7.47
C ALA A 689 43.80 -11.65 -7.89
N ASN A 690 43.79 -10.35 -7.58
CA ASN A 690 42.68 -9.44 -7.88
C ASN A 690 41.35 -9.96 -7.33
N ARG A 691 41.36 -10.33 -6.07
CA ARG A 691 40.18 -10.91 -5.43
C ARG A 691 39.14 -9.85 -5.14
N ASN A 692 37.88 -10.16 -5.45
CA ASN A 692 36.76 -9.31 -5.13
C ASN A 692 36.19 -9.68 -3.75
N PHE A 693 35.11 -8.99 -3.34
CA PHE A 693 34.68 -8.96 -1.95
C PHE A 693 34.36 -10.35 -1.40
N MET A 694 33.59 -11.13 -2.16
CA MET A 694 33.26 -12.50 -1.75
C MET A 694 34.50 -13.36 -1.58
N GLN A 695 35.52 -13.15 -2.42
CA GLN A 695 36.73 -13.94 -2.26
C GLN A 695 37.51 -13.56 -1.00
N LEU A 696 37.50 -12.28 -0.59
CA LEU A 696 38.10 -11.96 0.70
C LEU A 696 37.29 -12.52 1.87
N ILE A 697 35.96 -12.51 1.78
CA ILE A 697 35.19 -13.01 2.91
C ILE A 697 35.09 -14.53 2.96
N HIS A 698 35.45 -15.26 1.90
CA HIS A 698 35.42 -16.72 1.97
C HIS A 698 36.76 -17.42 1.73
N ASP A 699 37.83 -16.71 1.39
CA ASP A 699 39.13 -17.37 1.36
C ASP A 699 39.61 -17.55 2.79
N ASP A 700 40.02 -18.78 3.13
CA ASP A 700 40.51 -19.07 4.47
C ASP A 700 41.92 -18.56 4.71
N SER A 701 42.63 -18.13 3.66
CA SER A 701 43.96 -17.57 3.85
C SER A 701 43.91 -16.23 4.56
N LEU A 702 42.98 -15.36 4.17
CA LEU A 702 42.80 -14.08 4.85
C LEU A 702 42.04 -14.29 6.15
N THR A 703 42.27 -13.39 7.10
CA THR A 703 41.74 -13.51 8.45
C THR A 703 40.44 -12.76 8.66
N PHE A 704 39.73 -12.40 7.58
CA PHE A 704 38.41 -11.79 7.72
C PHE A 704 37.34 -12.81 8.08
N LYS A 705 37.54 -14.07 7.69
CA LYS A 705 36.49 -15.08 7.77
C LYS A 705 36.12 -15.39 9.21
N GLU A 706 37.08 -15.88 10.01
CA GLU A 706 36.80 -16.22 11.39
C GLU A 706 36.45 -14.98 12.22
N ASP A 707 36.88 -13.79 11.80
CA ASP A 707 36.37 -12.57 12.42
C ASP A 707 34.86 -12.42 12.17
N ILE A 708 34.41 -12.73 10.95
CA ILE A 708 32.98 -12.68 10.68
C ILE A 708 32.22 -13.73 11.49
N GLN A 709 32.78 -14.94 11.62
CA GLN A 709 32.14 -15.94 12.49
C GLN A 709 32.14 -15.55 13.96
N LYS A 710 33.19 -14.88 14.46
CA LYS A 710 33.10 -14.38 15.83
C LYS A 710 32.15 -13.20 15.96
N ALA A 711 31.85 -12.51 14.86
CA ALA A 711 30.86 -11.44 14.93
C ALA A 711 29.44 -11.95 15.09
N GLN A 712 29.18 -13.22 14.78
CA GLN A 712 27.84 -13.78 14.90
C GLN A 712 27.48 -14.04 16.36
N ASP A 718 16.31 -21.07 22.48
CA ASP A 718 15.41 -20.23 21.71
C ASP A 718 14.24 -21.04 21.15
N SER A 719 13.03 -20.53 21.33
CA SER A 719 11.83 -21.19 20.84
C SER A 719 11.36 -20.54 19.54
N LEU A 720 10.30 -21.14 18.98
CA LEU A 720 9.84 -20.79 17.64
C LEU A 720 9.22 -19.39 17.59
N HIS A 721 8.47 -19.01 18.63
CA HIS A 721 7.72 -17.75 18.59
C HIS A 721 8.64 -16.54 18.62
N GLU A 722 9.68 -16.57 19.45
CA GLU A 722 10.66 -15.49 19.42
C GLU A 722 11.56 -15.58 18.20
N HIS A 723 11.72 -16.76 17.60
CA HIS A 723 12.42 -16.86 16.32
C HIS A 723 11.58 -16.22 15.22
N ILE A 724 10.27 -16.10 15.43
CA ILE A 724 9.40 -15.43 14.48
C ILE A 724 9.32 -13.92 14.74
N ALA A 725 9.33 -13.52 16.01
CA ALA A 725 9.07 -12.13 16.37
C ALA A 725 10.19 -11.20 15.90
N ASN A 726 11.43 -11.68 15.90
CA ASN A 726 12.55 -10.81 15.55
C ASN A 726 12.68 -10.55 14.06
N LEU A 727 12.09 -11.36 13.20
CA LEU A 727 12.23 -11.15 11.76
C LEU A 727 11.34 -9.97 11.34
N ALA A 728 11.92 -9.07 10.55
CA ALA A 728 11.23 -7.84 10.18
C ALA A 728 10.31 -8.08 8.99
N GLY A 729 9.59 -7.03 8.60
CA GLY A 729 8.66 -7.08 7.49
C GLY A 729 7.22 -6.99 7.95
N SER A 730 6.34 -7.40 7.07
CA SER A 730 4.91 -7.38 7.37
C SER A 730 4.57 -8.49 8.37
N PRO A 731 3.64 -8.25 9.29
CA PRO A 731 3.20 -9.33 10.19
C PRO A 731 2.33 -10.38 9.52
N ALA A 732 1.84 -10.12 8.30
CA ALA A 732 0.96 -11.07 7.64
C ALA A 732 1.68 -12.36 7.25
N ILE A 733 2.98 -12.27 6.92
CA ILE A 733 3.72 -13.46 6.53
C ILE A 733 3.92 -14.40 7.72
N LYS A 734 3.93 -13.86 8.94
CA LYS A 734 4.18 -14.65 10.14
C LYS A 734 3.11 -15.73 10.32
N LYS A 735 1.87 -15.44 9.91
CA LYS A 735 0.79 -16.41 10.00
C LYS A 735 1.08 -17.64 9.16
N GLY A 736 1.44 -17.43 7.89
CA GLY A 736 1.76 -18.55 7.03
C GLY A 736 2.98 -19.32 7.50
N ILE A 737 3.99 -18.60 8.00
CA ILE A 737 5.20 -19.27 8.50
C ILE A 737 4.86 -20.19 9.66
N LEU A 738 4.12 -19.66 10.64
CA LEU A 738 3.80 -20.42 11.83
C LEU A 738 2.92 -21.61 11.52
N GLN A 739 1.93 -21.42 10.63
CA GLN A 739 1.05 -22.53 10.25
C GLN A 739 1.83 -23.64 9.56
N THR A 740 2.71 -23.30 8.61
CA THR A 740 3.40 -24.38 7.90
C THR A 740 4.46 -25.05 8.76
N VAL A 741 5.09 -24.32 9.70
CA VAL A 741 6.06 -24.95 10.58
C VAL A 741 5.34 -25.89 11.56
N LYS A 742 4.17 -25.46 12.06
CA LYS A 742 3.38 -26.35 12.91
C LYS A 742 2.91 -27.58 12.16
N VAL A 743 2.56 -27.42 10.88
CA VAL A 743 2.23 -28.57 10.03
C VAL A 743 3.40 -29.54 9.95
N VAL A 744 4.61 -29.00 9.70
CA VAL A 744 5.78 -29.85 9.51
C VAL A 744 6.11 -30.64 10.78
N ASP A 745 6.22 -29.95 11.93
CA ASP A 745 6.65 -30.72 13.10
C ASP A 745 5.53 -31.58 13.66
N GLU A 746 4.26 -31.25 13.39
CA GLU A 746 3.18 -32.17 13.72
C GLU A 746 3.28 -33.44 12.88
N LEU A 747 3.65 -33.31 11.61
CA LEU A 747 3.82 -34.49 10.77
C LEU A 747 5.02 -35.34 11.21
N VAL A 748 6.10 -34.69 11.66
CA VAL A 748 7.21 -35.47 12.23
C VAL A 748 6.78 -36.15 13.52
N LYS A 749 5.92 -35.50 14.32
CA LYS A 749 5.40 -36.14 15.53
C LYS A 749 4.52 -37.34 15.18
N VAL A 750 3.81 -37.28 14.05
CA VAL A 750 2.89 -38.35 13.67
C VAL A 750 3.64 -39.64 13.37
N MET A 751 4.78 -39.54 12.66
CA MET A 751 5.51 -40.72 12.22
C MET A 751 6.53 -41.21 13.23
N GLY A 752 6.29 -40.98 14.52
CA GLY A 752 7.16 -41.50 15.55
C GLY A 752 8.51 -40.82 15.66
N ARG A 753 8.52 -39.48 15.57
CA ARG A 753 9.68 -38.64 15.84
C ARG A 753 10.85 -38.90 14.89
N HIS A 754 10.59 -39.49 13.73
CA HIS A 754 11.62 -39.77 12.74
C HIS A 754 11.62 -38.67 11.69
N LYS A 755 12.80 -38.09 11.45
CA LYS A 755 12.93 -37.03 10.46
C LYS A 755 12.90 -37.61 9.04
N PRO A 756 12.37 -36.84 8.08
CA PRO A 756 12.33 -37.32 6.69
C PRO A 756 13.72 -37.31 6.07
N GLU A 757 13.81 -37.91 4.88
CA GLU A 757 15.02 -37.71 4.09
C GLU A 757 15.06 -36.31 3.49
N ASN A 758 13.93 -35.82 3.00
CA ASN A 758 13.89 -34.55 2.33
C ASN A 758 12.49 -33.94 2.43
N ILE A 759 12.46 -32.61 2.47
CA ILE A 759 11.22 -31.84 2.47
C ILE A 759 11.19 -31.01 1.21
N VAL A 760 10.14 -31.14 0.43
CA VAL A 760 10.00 -30.46 -0.85
C VAL A 760 9.00 -29.32 -0.69
N ILE A 761 9.44 -28.12 -1.05
CA ILE A 761 8.66 -26.90 -0.87
C ILE A 761 8.47 -26.27 -2.23
N GLU A 762 7.21 -25.97 -2.59
CA GLU A 762 6.90 -25.40 -3.88
C GLU A 762 7.16 -23.90 -3.79
N MET A 763 8.23 -23.44 -4.39
CA MET A 763 8.64 -22.05 -4.28
C MET A 763 8.29 -21.28 -5.54
N ALA A 764 7.89 -20.03 -5.37
CA ALA A 764 7.31 -19.22 -6.43
C ALA A 764 8.34 -18.54 -7.31
N ARG A 765 9.59 -19.00 -7.34
CA ARG A 765 10.53 -18.51 -8.36
C ARG A 765 10.18 -19.07 -9.73
N GLU A 766 10.47 -18.29 -10.78
CA GLU A 766 10.39 -18.78 -12.15
C GLU A 766 11.78 -18.74 -12.80
N ASN A 767 11.82 -19.16 -14.06
CA ASN A 767 12.91 -18.89 -14.96
C ASN A 767 12.34 -18.37 -16.27
N GLN A 768 12.98 -17.36 -16.85
CA GLN A 768 12.51 -16.80 -18.10
C GLN A 768 13.70 -16.39 -18.96
N THR A 769 13.39 -16.05 -20.21
CA THR A 769 14.39 -15.79 -21.23
C THR A 769 15.15 -14.49 -20.92
N THR A 770 16.43 -14.45 -21.31
CA THR A 770 17.26 -13.26 -21.13
C THR A 770 16.65 -12.06 -21.85
N GLN A 771 16.18 -12.25 -23.09
CA GLN A 771 15.54 -11.17 -23.82
C GLN A 771 14.24 -10.73 -23.14
N LYS A 772 13.45 -11.69 -22.66
CA LYS A 772 12.22 -11.34 -21.94
C LYS A 772 12.51 -10.62 -20.64
N GLY A 773 13.52 -11.07 -19.90
CA GLY A 773 13.87 -10.42 -18.65
C GLY A 773 14.40 -9.01 -18.84
N GLN A 774 15.25 -8.82 -19.85
CA GLN A 774 15.77 -7.48 -20.13
C GLN A 774 14.69 -6.57 -20.69
N LYS A 775 13.73 -7.12 -21.44
CA LYS A 775 12.64 -6.30 -21.95
C LYS A 775 11.67 -5.90 -20.83
N ASN A 776 11.48 -6.76 -19.84
CA ASN A 776 10.60 -6.42 -18.73
C ASN A 776 11.29 -5.56 -17.67
N SER A 777 12.60 -5.38 -17.74
CA SER A 777 13.34 -4.65 -16.73
C SER A 777 14.13 -3.48 -17.31
N ARG A 778 13.66 -2.93 -18.43
CA ARG A 778 14.33 -1.77 -18.99
C ARG A 778 13.95 -0.52 -18.19
N GLU A 779 14.78 0.51 -18.32
CA GLU A 779 14.57 1.74 -17.57
C GLU A 779 13.37 2.51 -18.12
N ARG A 780 12.67 3.21 -17.22
CA ARG A 780 11.45 3.92 -17.56
C ARG A 780 11.69 5.19 -18.36
N MET A 781 12.94 5.67 -18.41
CA MET A 781 13.28 6.75 -19.33
C MET A 781 13.01 6.36 -20.79
N LYS A 782 13.34 5.13 -21.16
CA LYS A 782 13.04 4.67 -22.52
C LYS A 782 11.55 4.63 -22.78
N ARG A 783 10.77 4.20 -21.77
CA ARG A 783 9.31 4.22 -21.88
C ARG A 783 8.79 5.63 -22.15
N ILE A 784 9.23 6.59 -21.34
CA ILE A 784 8.79 7.98 -21.49
C ILE A 784 9.22 8.52 -22.85
N GLU A 785 10.45 8.21 -23.28
CA GLU A 785 10.98 8.74 -24.52
C GLU A 785 10.24 8.20 -25.73
N GLU A 786 9.98 6.89 -25.79
CA GLU A 786 9.33 6.40 -26.99
C GLU A 786 7.85 6.72 -26.99
N GLY A 787 7.22 6.83 -25.81
CA GLY A 787 5.83 7.27 -25.78
C GLY A 787 5.66 8.70 -26.25
N ILE A 788 6.53 9.60 -25.76
CA ILE A 788 6.45 11.00 -26.14
C ILE A 788 6.84 11.18 -27.61
N LYS A 789 7.82 10.41 -28.09
CA LYS A 789 8.18 10.45 -29.50
C LYS A 789 7.04 9.94 -30.38
N GLU A 790 6.33 8.90 -29.94
CA GLU A 790 5.20 8.39 -30.70
C GLU A 790 4.08 9.40 -30.77
N LEU A 791 3.77 10.07 -29.65
CA LEU A 791 2.73 11.09 -29.71
C LEU A 791 3.25 12.46 -30.11
N GLY A 792 4.56 12.61 -30.28
CA GLY A 792 5.13 13.81 -30.87
C GLY A 792 5.04 15.07 -30.02
N SER A 793 5.26 14.96 -28.72
CA SER A 793 5.24 16.13 -27.85
C SER A 793 6.64 16.72 -27.70
N GLN A 794 6.69 17.91 -27.10
CA GLN A 794 7.93 18.62 -26.82
C GLN A 794 8.09 18.91 -25.34
N ILE A 795 7.51 18.04 -24.49
CA ILE A 795 7.56 18.24 -23.04
C ILE A 795 8.98 18.03 -22.52
N LEU A 796 9.70 17.05 -23.07
CA LEU A 796 11.07 16.81 -22.65
C LEU A 796 12.00 17.97 -23.02
N LYS A 797 11.67 18.71 -24.07
CA LYS A 797 12.46 19.87 -24.44
C LYS A 797 12.32 20.98 -23.40
N GLU A 798 11.09 21.27 -22.97
CA GLU A 798 10.87 22.35 -22.02
C GLU A 798 11.24 21.93 -20.59
N HIS A 799 11.12 20.64 -20.27
CA HIS A 799 11.42 20.11 -18.94
C HIS A 799 12.38 18.93 -19.07
N PRO A 800 13.69 19.17 -19.11
CA PRO A 800 14.64 18.05 -19.12
C PRO A 800 14.63 17.29 -17.80
N VAL A 801 14.93 15.99 -17.90
CA VAL A 801 14.94 15.09 -16.75
C VAL A 801 15.84 13.91 -17.09
N GLU A 802 16.37 13.26 -16.06
CA GLU A 802 17.10 12.00 -16.23
C GLU A 802 16.32 10.86 -15.60
N ASN A 803 16.87 9.65 -15.74
CA ASN A 803 16.18 8.45 -15.27
C ASN A 803 16.09 8.39 -13.76
N THR A 804 16.99 9.06 -13.04
CA THR A 804 17.02 8.97 -11.59
C THR A 804 15.84 9.70 -10.96
N GLN A 805 15.48 10.86 -11.49
CA GLN A 805 14.39 11.64 -10.90
C GLN A 805 13.02 11.03 -11.18
N LEU A 806 12.91 10.09 -12.12
CA LEU A 806 11.65 9.40 -12.35
C LEU A 806 11.36 8.33 -11.30
N GLN A 807 12.28 8.10 -10.36
CA GLN A 807 12.00 7.23 -9.22
C GLN A 807 10.85 7.82 -8.40
N ASN A 808 10.85 9.13 -8.23
CA ASN A 808 9.72 9.84 -7.61
C ASN A 808 8.43 9.59 -8.40
N GLU A 809 7.40 9.10 -7.71
CA GLU A 809 6.23 8.59 -8.40
C GLU A 809 5.37 9.71 -8.97
N LYS A 810 5.37 10.88 -8.33
CA LYS A 810 4.56 11.99 -8.83
C LYS A 810 5.15 12.54 -10.13
N LEU A 811 6.47 12.70 -10.19
CA LEU A 811 7.09 13.19 -11.41
C LEU A 811 6.98 12.15 -12.52
N TYR A 812 7.05 10.87 -12.15
CA TYR A 812 6.86 9.79 -13.12
C TYR A 812 5.44 9.82 -13.70
N LEU A 813 4.43 10.02 -12.85
CA LEU A 813 3.06 10.10 -13.35
C LEU A 813 2.82 11.38 -14.13
N TYR A 814 3.55 12.45 -13.81
CA TYR A 814 3.44 13.68 -14.59
C TYR A 814 3.99 13.48 -15.99
N TYR A 815 5.13 12.80 -16.12
CA TYR A 815 5.66 12.52 -17.46
C TYR A 815 4.86 11.45 -18.18
N LEU A 816 4.20 10.55 -17.44
CA LEU A 816 3.38 9.52 -18.10
C LEU A 816 2.14 10.10 -18.76
N GLN A 817 1.55 11.14 -18.16
CA GLN A 817 0.33 11.75 -18.68
C GLN A 817 0.60 12.90 -19.63
N ASN A 818 1.87 13.12 -20.00
CA ASN A 818 2.30 14.16 -20.95
C ASN A 818 1.87 15.54 -20.41
N GLY A 819 2.23 15.78 -19.15
CA GLY A 819 2.05 17.08 -18.52
C GLY A 819 0.63 17.54 -18.31
N ARG A 820 -0.36 16.69 -18.55
CA ARG A 820 -1.76 17.09 -18.48
C ARG A 820 -2.53 16.17 -17.55
N ASP A 821 -3.55 16.74 -16.91
CA ASP A 821 -4.52 15.91 -16.20
C ASP A 821 -5.30 15.11 -17.22
N MET A 822 -5.64 13.87 -16.86
CA MET A 822 -6.41 13.02 -17.77
C MET A 822 -7.85 12.83 -17.30
N TYR A 823 -8.25 13.48 -16.22
CA TYR A 823 -9.66 13.57 -15.84
C TYR A 823 -10.33 14.81 -16.39
N VAL A 824 -9.64 15.96 -16.40
CA VAL A 824 -10.10 17.15 -17.10
C VAL A 824 -8.97 17.65 -17.99
N ASP A 825 -9.34 18.42 -19.01
CA ASP A 825 -8.39 18.86 -20.04
C ASP A 825 -7.78 20.20 -19.62
N GLN A 826 -6.73 20.11 -18.81
CA GLN A 826 -5.96 21.28 -18.45
C GLN A 826 -4.51 20.88 -18.24
N GLU A 827 -3.62 21.84 -18.41
CA GLU A 827 -2.19 21.60 -18.30
C GLU A 827 -1.76 21.70 -16.83
N LEU A 828 -0.93 20.75 -16.41
CA LEU A 828 -0.44 20.70 -15.04
C LEU A 828 0.85 21.51 -14.92
N ASP A 829 1.20 21.84 -13.67
CA ASP A 829 2.42 22.58 -13.39
C ASP A 829 3.34 21.61 -12.65
N ILE A 830 4.56 21.46 -13.16
CA ILE A 830 5.50 20.47 -12.64
C ILE A 830 6.02 20.89 -11.27
N ASN A 831 6.12 22.19 -10.99
CA ASN A 831 6.67 22.64 -9.73
C ASN A 831 5.67 22.68 -8.59
N ARG A 832 4.40 22.36 -8.85
CA ARG A 832 3.35 22.44 -7.83
C ARG A 832 2.71 21.05 -7.67
N LEU A 833 3.55 20.00 -7.67
CA LEU A 833 3.03 18.65 -7.47
C LEU A 833 2.57 18.39 -6.03
N SER A 834 2.87 19.29 -5.10
CA SER A 834 2.43 19.09 -3.71
C SER A 834 0.92 19.16 -3.60
N ASP A 835 0.26 20.01 -4.39
CA ASP A 835 -1.18 20.14 -4.30
C ASP A 835 -1.97 19.27 -5.27
N TYR A 836 -1.34 18.77 -6.34
CA TYR A 836 -2.01 17.80 -7.17
C TYR A 836 -2.11 16.46 -6.44
N ASP A 837 -3.01 15.60 -6.92
CA ASP A 837 -3.42 14.44 -6.16
C ASP A 837 -3.15 13.17 -6.96
N VAL A 838 -2.55 12.17 -6.31
CA VAL A 838 -2.38 10.85 -6.88
C VAL A 838 -3.46 9.95 -6.32
N ASP A 839 -4.28 9.39 -7.20
CA ASP A 839 -5.45 8.62 -6.78
C ASP A 839 -5.47 7.24 -7.42
N HIS A 840 -6.20 6.32 -6.77
CA HIS A 840 -6.34 4.97 -7.28
C HIS A 840 -7.57 4.89 -8.18
N ILE A 841 -7.43 4.19 -9.32
CA ILE A 841 -8.51 4.12 -10.29
C ILE A 841 -9.68 3.33 -9.69
N VAL A 842 -9.44 2.06 -9.40
CA VAL A 842 -10.35 1.23 -8.62
C VAL A 842 -10.03 1.57 -7.17
N PRO A 843 -11.01 2.02 -6.38
CA PRO A 843 -10.67 2.64 -5.09
C PRO A 843 -10.22 1.64 -4.05
N GLN A 844 -9.56 2.17 -3.01
CA GLN A 844 -8.97 1.35 -1.97
C GLN A 844 -10.02 0.62 -1.14
N SER A 845 -11.22 1.19 -1.03
CA SER A 845 -12.30 0.56 -0.28
C SER A 845 -12.81 -0.71 -0.96
N PHE A 846 -12.60 -0.85 -2.27
CA PHE A 846 -13.12 -1.97 -3.02
C PHE A 846 -12.06 -3.03 -3.29
N LEU A 847 -10.95 -2.66 -3.92
CA LEU A 847 -9.95 -3.62 -4.35
C LEU A 847 -8.56 -3.06 -4.09
N LYS A 848 -7.68 -3.91 -3.55
CA LYS A 848 -6.31 -3.52 -3.22
C LYS A 848 -5.46 -3.63 -4.48
N ASP A 849 -5.08 -2.50 -5.06
CA ASP A 849 -4.29 -2.50 -6.29
C ASP A 849 -3.52 -1.20 -6.33
N ASP A 850 -2.21 -1.26 -6.08
CA ASP A 850 -1.33 -0.10 -6.13
C ASP A 850 -0.43 -0.12 -7.36
N SER A 851 -0.90 -0.72 -8.45
CA SER A 851 -0.09 -0.83 -9.65
C SER A 851 -0.02 0.51 -10.37
N ILE A 852 0.94 0.61 -11.30
CA ILE A 852 1.06 1.82 -12.12
C ILE A 852 -0.13 1.91 -13.07
N ASP A 853 -0.76 0.78 -13.41
CA ASP A 853 -1.96 0.78 -14.23
C ASP A 853 -3.19 1.28 -13.46
N ASN A 854 -3.09 1.45 -12.15
CA ASN A 854 -4.21 1.89 -11.32
C ASN A 854 -3.98 3.27 -10.72
N LYS A 855 -2.90 3.96 -11.09
CA LYS A 855 -2.56 5.24 -10.49
C LYS A 855 -2.72 6.36 -11.52
N VAL A 856 -3.39 7.44 -11.11
CA VAL A 856 -3.53 8.66 -11.89
C VAL A 856 -3.00 9.83 -11.07
N LEU A 857 -2.32 10.75 -11.74
CA LEU A 857 -2.02 12.06 -11.15
C LEU A 857 -3.08 13.02 -11.65
N THR A 858 -3.84 13.60 -10.72
CA THR A 858 -4.95 14.49 -11.06
C THR A 858 -5.00 15.65 -10.09
N ARG A 859 -5.90 16.58 -10.35
CA ARG A 859 -6.10 17.72 -9.46
C ARG A 859 -6.79 17.24 -8.18
N SER A 860 -6.56 18.00 -7.10
CA SER A 860 -6.99 17.55 -5.77
C SER A 860 -8.51 17.50 -5.66
N ASP A 861 -9.19 18.57 -6.07
CA ASP A 861 -10.65 18.64 -5.92
C ASP A 861 -11.37 17.62 -6.78
N LYS A 862 -10.82 17.33 -7.96
CA LYS A 862 -11.47 16.35 -8.85
C LYS A 862 -11.28 14.93 -8.34
N ASN A 863 -10.21 14.68 -7.58
CA ASN A 863 -10.10 13.40 -6.88
C ASN A 863 -11.05 13.34 -5.70
N ARG A 864 -11.16 14.42 -4.92
CA ARG A 864 -12.02 14.40 -3.74
C ARG A 864 -13.48 14.26 -4.14
N GLY A 865 -13.87 14.83 -5.28
CA GLY A 865 -15.20 14.58 -5.82
C GLY A 865 -15.40 13.14 -6.26
N LYS A 866 -14.41 12.57 -6.95
CA LYS A 866 -14.47 11.19 -7.40
C LYS A 866 -14.04 10.29 -6.24
N SER A 867 -14.97 10.09 -5.32
CA SER A 867 -14.70 9.42 -4.06
C SER A 867 -15.42 8.08 -4.00
N ASP A 868 -14.65 7.01 -3.76
CA ASP A 868 -15.16 5.65 -3.56
C ASP A 868 -15.98 5.19 -4.78
N ASN A 869 -15.40 5.40 -5.96
CA ASN A 869 -16.09 5.10 -7.21
C ASN A 869 -15.07 5.03 -8.33
N VAL A 870 -15.44 4.31 -9.38
CA VAL A 870 -14.81 4.48 -10.70
C VAL A 870 -15.18 5.88 -11.22
N PRO A 871 -14.26 6.60 -11.88
CA PRO A 871 -14.62 7.90 -12.46
C PRO A 871 -15.79 7.77 -13.44
N SER A 872 -16.72 8.70 -13.32
CA SER A 872 -18.08 8.51 -13.81
C SER A 872 -18.14 8.61 -15.34
N GLU A 873 -19.35 8.49 -15.88
CA GLU A 873 -19.55 8.41 -17.32
C GLU A 873 -19.15 9.71 -18.02
N GLU A 874 -19.47 10.85 -17.40
CA GLU A 874 -19.28 12.14 -18.05
C GLU A 874 -17.82 12.40 -18.35
N VAL A 875 -16.92 12.12 -17.40
CA VAL A 875 -15.50 12.33 -17.67
C VAL A 875 -14.97 11.30 -18.66
N VAL A 876 -15.62 10.13 -18.77
CA VAL A 876 -15.22 9.16 -19.79
C VAL A 876 -15.51 9.70 -21.19
N LYS A 877 -16.72 10.23 -21.42
CA LYS A 877 -16.94 10.84 -22.73
C LYS A 877 -16.18 12.16 -22.90
N LYS A 878 -15.78 12.83 -21.82
CA LYS A 878 -14.95 14.02 -21.97
C LYS A 878 -13.54 13.68 -22.44
N MET A 879 -12.89 12.71 -21.80
CA MET A 879 -11.47 12.47 -22.03
C MET A 879 -11.16 11.13 -22.68
N LYS A 880 -12.16 10.46 -23.26
CA LYS A 880 -11.91 9.13 -23.84
C LYS A 880 -11.01 9.21 -25.06
N ASN A 881 -11.02 10.35 -25.77
CA ASN A 881 -10.13 10.53 -26.91
C ASN A 881 -8.67 10.64 -26.46
N TYR A 882 -8.41 11.39 -25.39
CA TYR A 882 -7.05 11.52 -24.87
C TYR A 882 -6.57 10.21 -24.25
N TRP A 883 -7.49 9.44 -23.66
CA TRP A 883 -7.16 8.14 -23.11
C TRP A 883 -6.71 7.18 -24.21
N ARG A 884 -7.39 7.19 -25.35
CA ARG A 884 -6.94 6.41 -26.50
C ARG A 884 -5.65 6.96 -27.09
N GLN A 885 -5.48 8.29 -27.06
CA GLN A 885 -4.27 8.91 -27.59
C GLN A 885 -3.05 8.50 -26.79
N LEU A 886 -3.21 8.32 -25.47
CA LEU A 886 -2.12 7.76 -24.68
C LEU A 886 -2.04 6.24 -24.77
N LEU A 887 -3.16 5.58 -25.11
CA LEU A 887 -3.14 4.11 -25.20
C LEU A 887 -2.33 3.63 -26.39
N ASN A 888 -2.55 4.22 -27.57
CA ASN A 888 -1.80 3.80 -28.75
C ASN A 888 -0.36 4.33 -28.77
N ALA A 889 -0.02 5.24 -27.86
CA ALA A 889 1.34 5.74 -27.72
C ALA A 889 2.17 4.93 -26.74
N LYS A 890 1.62 3.80 -26.25
CA LYS A 890 2.30 2.88 -25.33
C LYS A 890 2.70 3.56 -24.01
N LEU A 891 1.95 4.58 -23.60
CA LEU A 891 2.17 5.21 -22.31
C LEU A 891 1.28 4.65 -21.21
N ILE A 892 0.08 4.19 -21.56
CA ILE A 892 -0.78 3.45 -20.63
C ILE A 892 -1.09 2.11 -21.26
N THR A 893 -1.35 1.13 -20.40
CA THR A 893 -1.62 -0.22 -20.87
C THR A 893 -3.11 -0.42 -21.13
N GLN A 894 -3.45 -1.58 -21.69
CA GLN A 894 -4.84 -1.91 -21.95
C GLN A 894 -5.61 -2.11 -20.64
N ARG A 895 -4.94 -2.62 -19.61
CA ARG A 895 -5.57 -2.71 -18.29
C ARG A 895 -5.88 -1.33 -17.72
N LYS A 896 -4.98 -0.36 -17.93
CA LYS A 896 -5.22 0.99 -17.45
C LYS A 896 -6.40 1.63 -18.17
N PHE A 897 -6.53 1.38 -19.48
CA PHE A 897 -7.67 1.91 -20.23
C PHE A 897 -8.97 1.21 -19.81
N ASP A 898 -8.89 -0.09 -19.53
CA ASP A 898 -10.06 -0.84 -19.11
C ASP A 898 -10.54 -0.36 -17.73
N ASN A 899 -9.62 -0.14 -16.81
CA ASN A 899 -9.99 0.38 -15.49
C ASN A 899 -10.47 1.82 -15.59
N LEU A 900 -9.87 2.60 -16.49
CA LEU A 900 -10.30 3.98 -16.70
C LEU A 900 -11.70 4.06 -17.30
N THR A 901 -11.99 3.18 -18.26
CA THR A 901 -13.30 3.12 -18.89
C THR A 901 -14.22 2.08 -18.25
N LYS A 902 -14.07 1.86 -16.94
CA LYS A 902 -14.87 0.83 -16.27
C LYS A 902 -16.33 1.28 -16.12
N ALA A 903 -16.59 2.59 -16.05
CA ALA A 903 -17.94 3.07 -15.85
C ALA A 903 -18.85 2.81 -17.05
N GLU A 904 -18.28 2.68 -18.24
CA GLU A 904 -19.09 2.35 -19.42
C GLU A 904 -19.62 0.92 -19.37
N ARG A 905 -18.97 0.03 -18.62
CA ARG A 905 -19.33 -1.37 -18.55
C ARG A 905 -20.09 -1.72 -17.27
N GLY A 906 -20.74 -0.73 -16.66
CA GLY A 906 -21.47 -0.95 -15.44
C GLY A 906 -20.75 -0.54 -14.17
N GLY A 907 -19.49 -0.12 -14.27
CA GLY A 907 -18.77 0.33 -13.10
C GLY A 907 -18.40 -0.79 -12.16
N LEU A 908 -18.47 -0.51 -10.86
CA LEU A 908 -18.12 -1.49 -9.84
C LEU A 908 -19.13 -2.62 -9.82
N SER A 909 -18.64 -3.84 -9.60
CA SER A 909 -19.49 -5.02 -9.65
C SER A 909 -18.85 -6.13 -8.83
N GLU A 910 -19.63 -7.19 -8.61
CA GLU A 910 -19.15 -8.36 -7.87
C GLU A 910 -18.05 -9.09 -8.65
N LEU A 911 -18.16 -9.11 -9.97
CA LEU A 911 -17.16 -9.77 -10.80
C LEU A 911 -15.81 -9.04 -10.73
N ASP A 912 -15.83 -7.72 -10.58
CA ASP A 912 -14.60 -6.95 -10.50
C ASP A 912 -13.82 -7.27 -9.23
N LYS A 913 -14.53 -7.50 -8.11
CA LYS A 913 -13.85 -7.80 -6.86
C LYS A 913 -13.19 -9.18 -6.90
N ALA A 914 -13.85 -10.15 -7.53
CA ALA A 914 -13.33 -11.51 -7.57
C ALA A 914 -12.06 -11.59 -8.41
N GLY A 915 -11.05 -12.26 -7.86
CA GLY A 915 -9.76 -12.35 -8.51
C GLY A 915 -8.58 -12.34 -7.56
N PHE A 916 -7.39 -12.57 -8.12
CA PHE A 916 -6.15 -12.66 -7.36
C PHE A 916 -5.38 -11.35 -7.45
N ILE A 917 -4.92 -10.86 -6.30
CA ILE A 917 -4.13 -9.64 -6.25
C ILE A 917 -2.67 -10.00 -6.14
N LYS A 918 -1.80 -9.10 -6.61
CA LYS A 918 -0.37 -9.37 -6.62
C LYS A 918 0.24 -9.35 -5.23
N ARG A 919 -0.46 -8.76 -4.25
CA ARG A 919 0.01 -8.82 -2.87
C ARG A 919 0.02 -10.25 -2.35
N GLN A 920 -0.94 -11.08 -2.78
CA GLN A 920 -0.89 -12.50 -2.46
C GLN A 920 0.38 -13.14 -3.00
N LEU A 921 0.76 -12.83 -4.23
CA LEU A 921 1.97 -13.36 -4.83
C LEU A 921 3.21 -12.96 -4.04
N VAL A 922 3.37 -11.66 -3.77
CA VAL A 922 4.55 -11.19 -3.02
C VAL A 922 4.58 -11.76 -1.61
N GLU A 923 3.42 -11.85 -0.97
CA GLU A 923 3.33 -12.44 0.37
C GLU A 923 3.71 -13.91 0.34
N THR A 924 3.25 -14.64 -0.68
CA THR A 924 3.60 -16.05 -0.82
C THR A 924 5.09 -16.24 -1.03
N ARG A 925 5.70 -15.38 -1.85
CA ARG A 925 7.16 -15.44 -2.07
C ARG A 925 7.92 -15.23 -0.77
N GLN A 926 7.57 -14.18 -0.02
CA GLN A 926 8.24 -13.91 1.24
C GLN A 926 8.05 -15.06 2.23
N ILE A 927 6.82 -15.59 2.30
CA ILE A 927 6.53 -16.73 3.17
C ILE A 927 7.42 -17.90 2.82
N THR A 928 7.33 -18.40 1.58
CA THR A 928 8.04 -19.64 1.22
C THR A 928 9.56 -19.51 1.32
N LYS A 929 10.12 -18.32 1.06
CA LYS A 929 11.54 -18.11 1.31
C LYS A 929 11.86 -18.24 2.80
N HIS A 930 11.05 -17.61 3.65
CA HIS A 930 11.29 -17.73 5.09
C HIS A 930 11.06 -19.16 5.57
N VAL A 931 10.11 -19.89 4.97
CA VAL A 931 9.87 -21.29 5.32
C VAL A 931 11.09 -22.14 5.04
N ALA A 932 11.68 -21.95 3.85
CA ALA A 932 12.88 -22.69 3.50
C ALA A 932 14.00 -22.39 4.51
N GLN A 933 14.16 -21.12 4.89
CA GLN A 933 15.17 -20.77 5.88
C GLN A 933 14.92 -21.44 7.22
N ILE A 934 13.69 -21.37 7.75
CA ILE A 934 13.45 -21.83 9.11
C ILE A 934 13.50 -23.35 9.17
N LEU A 935 12.97 -24.02 8.14
CA LEU A 935 13.01 -25.49 8.13
C LEU A 935 14.43 -26.01 7.95
N ASP A 936 15.25 -25.32 7.15
CA ASP A 936 16.65 -25.71 7.03
C ASP A 936 17.39 -25.54 8.35
N SER A 937 17.10 -24.46 9.08
CA SER A 937 17.77 -24.26 10.37
C SER A 937 17.27 -25.25 11.42
N ARG A 938 15.98 -25.59 11.38
CA ARG A 938 15.42 -26.46 12.42
C ARG A 938 15.77 -27.93 12.20
N MET A 939 15.68 -28.42 10.97
CA MET A 939 15.83 -29.85 10.75
C MET A 939 17.29 -30.29 10.89
N ASN A 940 18.23 -29.47 10.46
CA ASN A 940 19.65 -29.79 10.55
C ASN A 940 20.21 -29.06 11.77
N THR A 941 20.25 -29.76 12.90
CA THR A 941 20.68 -29.18 14.16
C THR A 941 22.03 -29.72 14.65
N LYS A 942 22.67 -30.59 13.88
CA LYS A 942 23.90 -31.23 14.31
C LYS A 942 25.04 -30.84 13.38
N TYR A 943 26.25 -30.82 13.94
CA TYR A 943 27.46 -30.53 13.18
C TYR A 943 28.65 -31.17 13.89
N ASP A 944 29.74 -31.28 13.15
CA ASP A 944 31.01 -31.78 13.66
C ASP A 944 32.13 -30.78 13.34
N GLU A 945 33.35 -31.16 13.72
CA GLU A 945 34.49 -30.27 13.59
C GLU A 945 34.88 -30.02 12.14
N ASN A 946 34.70 -31.01 11.27
CA ASN A 946 35.20 -30.92 9.89
C ASN A 946 34.10 -30.46 8.95
N ASP A 947 32.92 -31.05 9.01
CA ASP A 947 31.81 -30.65 8.18
C ASP A 947 30.88 -29.68 8.93
N LYS A 948 30.57 -28.55 8.28
CA LYS A 948 29.92 -27.45 8.99
C LYS A 948 28.46 -27.75 9.29
N LEU A 949 27.80 -28.57 8.47
CA LEU A 949 26.42 -28.95 8.72
C LEU A 949 26.16 -30.33 8.15
N ILE A 950 25.42 -31.14 8.89
CA ILE A 950 25.05 -32.49 8.46
C ILE A 950 23.67 -32.42 7.81
N ARG A 951 23.57 -32.87 6.57
CA ARG A 951 22.33 -32.79 5.80
C ARG A 951 21.41 -33.96 6.18
N GLU A 952 20.86 -33.87 7.38
CA GLU A 952 19.90 -34.88 7.82
C GLU A 952 18.60 -34.80 7.02
N VAL A 953 18.11 -33.58 6.78
CA VAL A 953 16.93 -33.34 5.97
C VAL A 953 17.30 -32.34 4.88
N LYS A 954 17.09 -32.71 3.62
CA LYS A 954 17.43 -31.86 2.49
C LYS A 954 16.19 -31.08 2.06
N VAL A 955 16.16 -29.79 2.38
CA VAL A 955 15.05 -28.94 1.95
C VAL A 955 15.19 -28.67 0.46
N ILE A 956 14.19 -29.07 -0.31
CA ILE A 956 14.22 -28.99 -1.77
C ILE A 956 13.22 -27.94 -2.21
N THR A 957 13.68 -26.99 -3.02
CA THR A 957 12.85 -25.88 -3.49
C THR A 957 12.57 -26.07 -4.97
N LEU A 958 11.42 -26.64 -5.29
CA LEU A 958 10.97 -26.75 -6.67
C LEU A 958 10.25 -25.48 -7.10
N LYS A 959 10.26 -25.23 -8.41
CA LYS A 959 9.59 -24.10 -9.00
C LYS A 959 8.26 -24.53 -9.61
N SER A 960 7.32 -23.59 -9.70
CA SER A 960 5.95 -23.89 -10.09
C SER A 960 5.82 -24.37 -11.53
N LYS A 961 6.75 -23.99 -12.42
CA LYS A 961 6.67 -24.37 -13.82
C LYS A 961 6.82 -25.88 -13.99
N LEU A 962 7.68 -26.52 -13.19
CA LEU A 962 7.90 -27.95 -13.33
C LEU A 962 6.66 -28.75 -12.95
N VAL A 963 6.03 -28.41 -11.82
CA VAL A 963 4.83 -29.11 -11.38
C VAL A 963 3.66 -28.78 -12.32
N SER A 964 3.58 -27.56 -12.82
CA SER A 964 2.55 -27.22 -13.80
C SER A 964 2.70 -28.04 -15.08
N ASP A 965 3.94 -28.20 -15.55
CA ASP A 965 4.18 -29.02 -16.75
C ASP A 965 3.88 -30.50 -16.47
N PHE A 966 4.18 -30.97 -15.26
CA PHE A 966 3.85 -32.34 -14.90
C PHE A 966 2.35 -32.56 -14.89
N ARG A 967 1.59 -31.58 -14.41
CA ARG A 967 0.13 -31.68 -14.46
C ARG A 967 -0.40 -31.62 -15.88
N LYS A 968 0.15 -30.74 -16.71
CA LYS A 968 -0.39 -30.52 -18.04
C LYS A 968 0.13 -31.50 -19.09
N ASP A 969 1.12 -32.32 -18.76
CA ASP A 969 1.66 -33.27 -19.72
C ASP A 969 1.16 -34.70 -19.53
N PHE A 970 0.62 -35.03 -18.36
CA PHE A 970 0.12 -36.37 -18.10
C PHE A 970 -1.34 -36.36 -17.65
N GLN A 971 -2.08 -35.32 -18.08
CA GLN A 971 -3.52 -35.20 -17.89
C GLN A 971 -3.93 -35.21 -16.41
N PHE A 972 -3.07 -34.68 -15.54
CA PHE A 972 -3.43 -34.51 -14.13
C PHE A 972 -3.89 -33.07 -13.89
N TYR A 973 -5.01 -32.75 -14.51
CA TYR A 973 -5.50 -31.38 -14.57
C TYR A 973 -6.11 -30.96 -13.25
N LYS A 974 -6.00 -29.66 -12.95
CA LYS A 974 -6.58 -29.10 -11.75
C LYS A 974 -7.45 -27.89 -12.09
N VAL A 975 -8.56 -27.76 -11.37
CA VAL A 975 -9.34 -26.53 -11.29
C VAL A 975 -9.64 -26.30 -9.81
N ARG A 976 -9.82 -25.03 -9.44
CA ARG A 976 -10.01 -24.68 -8.04
C ARG A 976 -11.48 -24.60 -7.62
N GLU A 977 -12.42 -24.77 -8.55
CA GLU A 977 -13.82 -24.51 -8.26
C GLU A 977 -14.55 -25.68 -7.61
N ILE A 978 -14.09 -26.92 -7.81
CA ILE A 978 -14.80 -28.07 -7.27
C ILE A 978 -14.47 -28.27 -5.79
N ASN A 979 -13.20 -28.43 -5.46
CA ASN A 979 -12.82 -28.81 -4.12
C ASN A 979 -11.52 -28.13 -3.73
N ASN A 980 -11.27 -28.10 -2.42
CA ASN A 980 -9.99 -27.65 -1.90
C ASN A 980 -8.97 -28.78 -1.82
N TYR A 981 -9.23 -29.89 -2.50
CA TYR A 981 -8.31 -31.01 -2.56
C TYR A 981 -7.09 -30.74 -3.44
N HIS A 982 -7.12 -29.66 -4.22
CA HIS A 982 -6.02 -29.36 -5.13
C HIS A 982 -4.74 -28.99 -4.40
N HIS A 983 -4.86 -28.36 -3.22
CA HIS A 983 -3.69 -28.03 -2.41
C HIS A 983 -2.93 -29.29 -1.99
N ALA A 984 -3.66 -30.27 -1.47
CA ALA A 984 -3.05 -31.55 -1.08
C ALA A 984 -2.48 -32.27 -2.30
N HIS A 985 -3.18 -32.22 -3.43
CA HIS A 985 -2.67 -32.84 -4.65
C HIS A 985 -1.40 -32.15 -5.15
N ASP A 986 -1.37 -30.81 -5.09
CA ASP A 986 -0.17 -30.08 -5.45
C ASP A 986 0.99 -30.42 -4.53
N ALA A 987 0.73 -30.53 -3.22
CA ALA A 987 1.77 -30.95 -2.29
C ALA A 987 2.28 -32.36 -2.59
N TYR A 988 1.37 -33.28 -2.91
CA TYR A 988 1.78 -34.65 -3.23
C TYR A 988 2.63 -34.68 -4.50
N LEU A 989 2.21 -33.96 -5.53
CA LEU A 989 2.97 -33.93 -6.77
C LEU A 989 4.29 -33.21 -6.58
N ASN A 990 4.31 -32.21 -5.69
CA ASN A 990 5.55 -31.55 -5.29
C ASN A 990 6.54 -32.56 -4.74
N ALA A 991 6.08 -33.38 -3.78
CA ALA A 991 6.94 -34.39 -3.18
C ALA A 991 7.40 -35.42 -4.20
N VAL A 992 6.49 -35.86 -5.09
CA VAL A 992 6.83 -36.89 -6.06
C VAL A 992 7.87 -36.39 -7.05
N VAL A 993 7.65 -35.20 -7.62
CA VAL A 993 8.61 -34.62 -8.57
C VAL A 993 9.94 -34.35 -7.88
N GLY A 994 9.90 -33.84 -6.64
CA GLY A 994 11.13 -33.55 -5.93
C GLY A 994 11.96 -34.78 -5.63
N THR A 995 11.32 -35.84 -5.12
CA THR A 995 12.05 -37.05 -4.79
C THR A 995 12.53 -37.78 -6.04
N ALA A 996 11.69 -37.85 -7.09
CA ALA A 996 12.12 -38.49 -8.32
C ALA A 996 13.26 -37.72 -8.99
N LEU A 997 13.24 -36.39 -8.91
CA LEU A 997 14.30 -35.58 -9.49
C LEU A 997 15.59 -35.70 -8.69
N ILE A 998 15.48 -35.68 -7.35
CA ILE A 998 16.67 -35.80 -6.52
C ILE A 998 17.25 -37.21 -6.57
N LYS A 999 16.44 -38.20 -6.94
CA LYS A 999 16.96 -39.56 -7.04
C LYS A 999 17.52 -39.85 -8.42
N LYS A 1000 16.92 -39.27 -9.48
CA LYS A 1000 17.38 -39.50 -10.84
C LYS A 1000 18.74 -38.89 -11.10
N TYR A 1001 18.98 -37.68 -10.61
CA TYR A 1001 20.23 -36.95 -10.87
C TYR A 1001 20.84 -36.55 -9.53
N PRO A 1002 21.61 -37.45 -8.91
CA PRO A 1002 22.27 -37.10 -7.64
C PRO A 1002 23.27 -35.96 -7.75
N LYS A 1003 23.80 -35.69 -8.95
CA LYS A 1003 24.76 -34.61 -9.12
C LYS A 1003 24.09 -33.28 -9.45
N LEU A 1004 22.76 -33.25 -9.59
CA LEU A 1004 21.99 -32.02 -9.57
C LEU A 1004 21.43 -31.72 -8.19
N GLU A 1005 21.87 -32.44 -7.16
CA GLU A 1005 21.36 -32.22 -5.81
C GLU A 1005 21.70 -30.82 -5.31
N SER A 1006 22.87 -30.30 -5.67
CA SER A 1006 23.27 -28.96 -5.28
C SER A 1006 22.44 -27.88 -5.95
N GLU A 1007 21.79 -28.18 -7.08
CA GLU A 1007 20.97 -27.20 -7.76
C GLU A 1007 19.66 -26.92 -7.02
N PHE A 1008 19.07 -27.95 -6.40
CA PHE A 1008 17.73 -27.84 -5.84
C PHE A 1008 17.68 -27.78 -4.33
N VAL A 1009 18.63 -28.39 -3.63
CA VAL A 1009 18.64 -28.40 -2.18
C VAL A 1009 19.10 -27.04 -1.68
N TYR A 1010 18.43 -26.54 -0.64
CA TYR A 1010 18.78 -25.27 -0.01
C TYR A 1010 20.18 -25.29 0.57
N GLY A 1011 20.94 -24.24 0.31
CA GLY A 1011 22.25 -24.06 0.89
C GLY A 1011 23.41 -24.65 0.11
N ASP A 1012 23.13 -25.44 -0.92
CA ASP A 1012 24.15 -26.03 -1.76
C ASP A 1012 24.18 -25.33 -3.12
N TYR A 1013 25.31 -25.46 -3.80
CA TYR A 1013 25.49 -24.79 -5.09
C TYR A 1013 26.38 -25.63 -5.99
N LYS A 1014 26.27 -25.35 -7.29
CA LYS A 1014 26.89 -26.20 -8.31
C LYS A 1014 28.39 -25.96 -8.41
N VAL A 1015 28.79 -24.74 -8.76
CA VAL A 1015 30.20 -24.39 -8.85
C VAL A 1015 30.52 -23.21 -7.94
N ILE A 1029 24.31 -17.33 -26.71
CA ILE A 1029 23.06 -17.47 -25.98
C ILE A 1029 23.19 -16.80 -24.61
N GLY A 1030 22.05 -16.43 -24.02
CA GLY A 1030 22.07 -15.84 -22.70
C GLY A 1030 22.14 -16.89 -21.60
N LYS A 1031 22.65 -16.46 -20.44
CA LYS A 1031 22.75 -17.35 -19.30
C LYS A 1031 21.37 -17.76 -18.79
N ALA A 1032 20.44 -16.80 -18.72
CA ALA A 1032 19.08 -17.12 -18.28
C ALA A 1032 18.36 -17.97 -19.31
N THR A 1033 18.62 -17.73 -20.60
CA THR A 1033 18.03 -18.57 -21.64
C THR A 1033 18.53 -20.01 -21.56
N ALA A 1034 19.84 -20.18 -21.32
CA ALA A 1034 20.42 -21.51 -21.17
C ALA A 1034 19.86 -22.20 -19.93
N LYS A 1035 19.70 -21.46 -18.82
CA LYS A 1035 19.13 -22.04 -17.61
C LYS A 1035 17.66 -22.41 -17.82
N TYR A 1036 16.93 -21.60 -18.58
CA TYR A 1036 15.53 -21.91 -18.86
C TYR A 1036 15.40 -23.16 -19.72
N PHE A 1037 16.24 -23.31 -20.74
CA PHE A 1037 16.24 -24.53 -21.54
C PHE A 1037 16.68 -25.73 -20.71
N PHE A 1038 17.63 -25.53 -19.79
CA PHE A 1038 18.08 -26.62 -18.95
C PHE A 1038 16.98 -27.10 -18.01
N TYR A 1039 16.24 -26.16 -17.42
CA TYR A 1039 15.08 -26.55 -16.60
C TYR A 1039 13.96 -27.15 -17.42
N SER A 1040 13.81 -26.73 -18.69
CA SER A 1040 12.77 -27.32 -19.52
C SER A 1040 13.12 -28.75 -19.92
N ASN A 1041 14.39 -29.03 -20.18
CA ASN A 1041 14.81 -30.36 -20.64
C ASN A 1041 14.98 -31.36 -19.50
N ILE A 1042 14.93 -30.91 -18.25
CA ILE A 1042 15.07 -31.83 -17.12
C ILE A 1042 13.85 -32.74 -16.98
N MET A 1043 12.65 -32.21 -17.24
CA MET A 1043 11.41 -32.94 -17.00
C MET A 1043 11.14 -34.07 -17.98
N ASN A 1044 11.98 -34.25 -19.00
CA ASN A 1044 11.67 -35.18 -20.08
C ASN A 1044 11.76 -36.64 -19.69
N PHE A 1045 12.45 -36.98 -18.60
CA PHE A 1045 12.67 -38.39 -18.28
C PHE A 1045 11.41 -39.06 -17.76
N PHE A 1046 10.39 -38.29 -17.36
CA PHE A 1046 9.09 -38.88 -17.05
C PHE A 1046 8.37 -39.35 -18.32
N LYS A 1047 8.58 -38.65 -19.43
CA LYS A 1047 7.81 -38.90 -20.64
C LYS A 1047 8.24 -40.21 -21.31
N THR A 1048 7.32 -40.78 -22.09
CA THR A 1048 7.61 -41.96 -22.90
C THR A 1048 8.13 -41.56 -24.28
N GLU A 1049 7.44 -40.64 -24.96
CA GLU A 1049 7.82 -40.17 -26.28
C GLU A 1049 7.87 -38.66 -26.26
N ILE A 1050 9.00 -38.10 -26.68
CA ILE A 1050 9.26 -36.67 -26.64
C ILE A 1050 9.56 -36.19 -28.05
N THR A 1051 8.90 -35.12 -28.47
CA THR A 1051 9.10 -34.56 -29.80
C THR A 1051 10.11 -33.42 -29.74
N LEU A 1052 11.19 -33.56 -30.51
CA LEU A 1052 12.23 -32.55 -30.56
C LEU A 1052 11.74 -31.38 -31.41
N ALA A 1053 12.47 -30.26 -31.36
CA ALA A 1053 12.07 -29.04 -32.06
C ALA A 1053 12.03 -29.20 -33.58
N ASN A 1054 12.69 -30.22 -34.13
CA ASN A 1054 12.58 -30.50 -35.55
C ASN A 1054 11.26 -31.19 -35.92
N GLY A 1055 10.49 -31.66 -34.95
CA GLY A 1055 9.26 -32.37 -35.22
C GLY A 1055 9.40 -33.87 -35.36
N GLU A 1056 10.49 -34.45 -34.89
CA GLU A 1056 10.73 -35.88 -34.99
C GLU A 1056 10.81 -36.47 -33.59
N ILE A 1057 10.13 -37.60 -33.39
CA ILE A 1057 9.96 -38.15 -32.06
C ILE A 1057 11.22 -38.88 -31.62
N ARG A 1058 11.31 -39.12 -30.30
CA ARG A 1058 12.41 -39.86 -29.70
C ARG A 1058 11.85 -40.68 -28.55
N LYS A 1059 12.54 -41.79 -28.25
CA LYS A 1059 12.08 -42.73 -27.25
C LYS A 1059 13.00 -42.77 -26.05
N ARG A 1060 12.43 -43.20 -24.92
CA ARG A 1060 13.12 -43.44 -23.67
C ARG A 1060 12.60 -44.75 -23.11
N PRO A 1061 13.42 -45.46 -22.32
CA PRO A 1061 12.95 -46.72 -21.72
C PRO A 1061 11.77 -46.49 -20.79
N LEU A 1062 10.85 -47.46 -20.79
CA LEU A 1062 9.63 -47.35 -19.98
C LEU A 1062 9.92 -47.54 -18.50
N ILE A 1063 11.05 -48.15 -18.15
CA ILE A 1063 11.58 -48.17 -16.79
C ILE A 1063 12.79 -47.26 -16.74
N GLU A 1064 12.78 -46.30 -15.82
CA GLU A 1064 13.86 -45.34 -15.66
C GLU A 1064 14.76 -45.77 -14.50
N THR A 1065 16.06 -45.57 -14.67
CA THR A 1065 17.05 -45.97 -13.68
C THR A 1065 17.90 -44.77 -13.29
N ASN A 1066 18.71 -44.96 -12.25
CA ASN A 1066 19.56 -43.88 -11.75
C ASN A 1066 20.66 -43.51 -12.74
N GLY A 1067 21.11 -44.47 -13.53
CA GLY A 1067 22.21 -44.25 -14.45
C GLY A 1067 23.55 -44.66 -13.91
N GLU A 1068 24.03 -43.97 -12.86
CA GLU A 1068 25.27 -44.39 -12.23
C GLU A 1068 25.06 -45.62 -11.36
N THR A 1069 23.83 -45.85 -10.90
CA THR A 1069 23.45 -47.06 -10.19
C THR A 1069 22.26 -47.69 -10.90
N GLY A 1070 22.12 -49.01 -10.72
CA GLY A 1070 20.96 -49.72 -11.22
C GLY A 1070 19.69 -49.54 -10.41
N GLU A 1071 19.73 -48.69 -9.38
CA GLU A 1071 18.55 -48.43 -8.56
C GLU A 1071 17.50 -47.71 -9.40
N ILE A 1072 16.25 -48.10 -9.23
CA ILE A 1072 15.18 -47.76 -10.17
C ILE A 1072 14.50 -46.49 -9.66
N VAL A 1073 14.27 -45.54 -10.57
CA VAL A 1073 13.80 -44.22 -10.16
C VAL A 1073 12.36 -43.93 -10.57
N TRP A 1074 11.81 -44.57 -11.61
CA TRP A 1074 10.49 -44.22 -12.11
C TRP A 1074 10.00 -45.32 -13.02
N ASP A 1075 8.90 -45.97 -12.64
CA ASP A 1075 8.25 -46.97 -13.47
C ASP A 1075 7.05 -46.27 -14.12
N LYS A 1076 7.06 -46.18 -15.45
CA LYS A 1076 5.96 -45.55 -16.17
C LYS A 1076 4.72 -46.42 -16.27
N GLY A 1077 4.72 -47.54 -15.55
CA GLY A 1077 3.59 -48.41 -15.30
C GLY A 1077 3.07 -48.16 -13.89
N ARG A 1078 3.59 -48.94 -12.93
CA ARG A 1078 3.10 -48.98 -11.55
C ARG A 1078 3.02 -47.60 -10.89
N ASP A 1079 4.03 -46.74 -11.11
CA ASP A 1079 4.03 -45.45 -10.43
C ASP A 1079 2.97 -44.51 -10.98
N PHE A 1080 2.69 -44.57 -12.29
CA PHE A 1080 1.60 -43.77 -12.84
C PHE A 1080 0.24 -44.27 -12.36
N ALA A 1081 0.10 -45.60 -12.20
CA ALA A 1081 -1.12 -46.13 -11.60
C ALA A 1081 -1.27 -45.68 -10.16
N THR A 1082 -0.16 -45.62 -9.41
CA THR A 1082 -0.18 -45.16 -8.03
C THR A 1082 -0.57 -43.69 -7.95
N VAL A 1083 0.03 -42.86 -8.81
CA VAL A 1083 -0.28 -41.43 -8.79
C VAL A 1083 -1.70 -41.16 -9.29
N ARG A 1084 -2.25 -42.03 -10.14
CA ARG A 1084 -3.66 -41.91 -10.50
C ARG A 1084 -4.56 -42.35 -9.36
N LYS A 1085 -4.12 -43.34 -8.57
CA LYS A 1085 -4.95 -43.85 -7.48
C LYS A 1085 -5.14 -42.79 -6.40
N VAL A 1086 -4.08 -42.06 -6.05
CA VAL A 1086 -4.18 -41.09 -4.95
C VAL A 1086 -4.71 -39.73 -5.41
N LEU A 1087 -4.74 -39.46 -6.71
CA LEU A 1087 -5.48 -38.28 -7.16
C LEU A 1087 -6.97 -38.53 -7.27
N SER A 1088 -7.40 -39.79 -7.24
CA SER A 1088 -8.80 -40.15 -7.08
C SER A 1088 -9.12 -40.52 -5.64
N MET A 1089 -8.23 -40.20 -4.72
CA MET A 1089 -8.36 -40.66 -3.35
C MET A 1089 -9.40 -39.79 -2.64
N PRO A 1090 -10.47 -40.38 -2.09
CA PRO A 1090 -11.59 -39.58 -1.61
C PRO A 1090 -11.37 -38.90 -0.27
N GLN A 1091 -10.58 -39.50 0.62
CA GLN A 1091 -10.41 -39.01 1.97
C GLN A 1091 -9.15 -38.12 2.02
N VAL A 1092 -9.36 -36.82 2.14
CA VAL A 1092 -8.28 -35.84 2.24
C VAL A 1092 -8.57 -34.93 3.42
N ASN A 1093 -7.60 -34.75 4.30
CA ASN A 1093 -7.78 -34.02 5.55
C ASN A 1093 -7.85 -32.53 5.27
N ILE A 1094 -9.06 -32.01 5.11
CA ILE A 1094 -9.29 -30.58 4.91
C ILE A 1094 -9.67 -29.99 6.27
N VAL A 1095 -8.84 -29.07 6.76
CA VAL A 1095 -9.01 -28.47 8.08
C VAL A 1095 -9.10 -26.96 7.92
N LYS A 1096 -10.19 -26.38 8.40
CA LYS A 1096 -10.31 -24.94 8.53
C LYS A 1096 -9.91 -24.54 9.93
N LYS A 1097 -8.97 -23.60 10.04
CA LYS A 1097 -8.42 -23.23 11.34
C LYS A 1097 -9.46 -22.47 12.15
N THR A 1098 -9.70 -22.93 13.37
CA THR A 1098 -10.62 -22.26 14.29
C THR A 1098 -9.92 -21.07 14.91
N GLU A 1099 -10.47 -19.88 14.70
CA GLU A 1099 -9.82 -18.64 15.10
C GLU A 1099 -10.78 -17.74 15.85
N VAL A 1100 -10.31 -17.17 16.95
CA VAL A 1100 -11.06 -16.14 17.67
C VAL A 1100 -10.90 -14.83 16.92
N GLN A 1101 -12.04 -14.22 16.57
CA GLN A 1101 -12.01 -13.00 15.78
C GLN A 1101 -11.48 -11.83 16.60
N THR A 1102 -10.61 -11.03 15.99
CA THR A 1102 -10.10 -9.81 16.59
C THR A 1102 -10.23 -8.68 15.58
N GLY A 1103 -10.42 -7.46 16.10
CA GLY A 1103 -10.52 -6.29 15.24
C GLY A 1103 -11.55 -5.30 15.76
N GLY A 1104 -12.08 -4.48 14.85
CA GLY A 1104 -13.18 -3.60 15.23
C GLY A 1104 -14.42 -4.39 15.56
N PHE A 1105 -15.07 -4.03 16.66
CA PHE A 1105 -16.21 -4.77 17.15
C PHE A 1105 -17.47 -4.57 16.33
N SER A 1106 -17.57 -3.49 15.56
CA SER A 1106 -18.80 -3.24 14.82
C SER A 1106 -18.50 -2.39 13.60
N LYS A 1107 -19.50 -2.26 12.74
CA LYS A 1107 -19.37 -1.45 11.55
C LYS A 1107 -19.35 0.03 11.91
N GLU A 1108 -18.52 0.80 11.20
CA GLU A 1108 -18.24 2.17 11.61
C GLU A 1108 -19.40 3.12 11.36
N SER A 1109 -20.39 2.73 10.56
CA SER A 1109 -21.53 3.60 10.32
C SER A 1109 -22.37 3.74 11.59
N ILE A 1110 -22.81 4.95 11.85
CA ILE A 1110 -23.49 5.30 13.09
C ILE A 1110 -24.98 5.42 12.78
N ARG A 1111 -25.80 4.67 13.51
CA ARG A 1111 -27.19 4.67 13.08
C ARG A 1111 -28.03 5.60 13.97
N PRO A 1112 -29.11 6.16 13.42
CA PRO A 1112 -29.92 7.11 14.19
C PRO A 1112 -30.66 6.43 15.34
N LYS A 1113 -31.33 7.27 16.13
CA LYS A 1113 -32.03 6.80 17.31
C LYS A 1113 -33.21 5.91 16.93
N ARG A 1114 -33.48 4.93 17.79
CA ARG A 1114 -34.58 4.00 17.60
C ARG A 1114 -34.88 3.34 18.94
N ASN A 1115 -36.03 2.68 19.01
CA ASN A 1115 -36.45 2.02 20.23
C ASN A 1115 -35.94 0.60 20.36
N SER A 1116 -35.18 0.10 19.37
CA SER A 1116 -34.69 -1.26 19.41
C SER A 1116 -33.55 -1.40 20.42
N ASP A 1117 -33.40 -2.62 20.94
CA ASP A 1117 -32.37 -2.93 21.92
C ASP A 1117 -31.08 -3.42 21.29
N LYS A 1118 -31.03 -3.58 19.98
CA LYS A 1118 -29.83 -4.09 19.32
C LYS A 1118 -28.77 -3.01 19.09
N LEU A 1119 -29.11 -1.73 19.30
CA LEU A 1119 -28.14 -0.66 19.14
C LEU A 1119 -27.09 -0.72 20.25
N ILE A 1120 -25.83 -0.51 19.86
CA ILE A 1120 -24.71 -0.54 20.79
C ILE A 1120 -24.44 0.90 21.24
N ALA A 1121 -24.36 1.11 22.54
CA ALA A 1121 -24.15 2.45 23.09
C ALA A 1121 -22.78 2.99 22.71
N ARG A 1122 -22.75 4.20 22.18
CA ARG A 1122 -21.50 4.83 21.77
C ARG A 1122 -20.70 5.34 22.97
N LYS A 1123 -21.35 5.57 24.09
CA LYS A 1123 -20.67 6.02 25.30
C LYS A 1123 -21.41 5.43 26.49
N LYS A 1124 -20.77 5.50 27.66
CA LYS A 1124 -21.32 4.88 28.86
C LYS A 1124 -22.62 5.55 29.28
N ASP A 1125 -22.70 6.88 29.16
CA ASP A 1125 -23.88 7.62 29.57
C ASP A 1125 -24.79 7.99 28.41
N TRP A 1126 -24.45 7.59 27.18
CA TRP A 1126 -25.27 7.89 26.01
C TRP A 1126 -26.16 6.69 25.73
N ASP A 1127 -27.42 6.78 26.15
CA ASP A 1127 -28.39 5.73 25.91
C ASP A 1127 -28.73 5.69 24.43
N PRO A 1128 -28.54 4.54 23.75
CA PRO A 1128 -28.80 4.49 22.30
C PRO A 1128 -30.26 4.67 21.91
N LYS A 1129 -31.20 4.56 22.84
CA LYS A 1129 -32.59 4.85 22.54
C LYS A 1129 -32.81 6.34 22.23
N LYS A 1130 -31.94 7.20 22.75
CA LYS A 1130 -32.06 8.63 22.56
C LYS A 1130 -30.94 9.24 21.72
N TYR A 1131 -29.80 8.54 21.59
CA TYR A 1131 -28.64 9.09 20.92
C TYR A 1131 -28.19 8.29 19.70
N GLY A 1132 -28.79 7.13 19.44
CA GLY A 1132 -28.30 6.26 18.39
C GLY A 1132 -27.05 5.52 18.82
N GLY A 1133 -26.48 4.77 17.88
CA GLY A 1133 -25.27 4.03 18.19
C GLY A 1133 -24.89 3.12 17.05
N PHE A 1134 -23.95 2.23 17.34
CA PHE A 1134 -23.43 1.30 16.35
C PHE A 1134 -24.35 0.09 16.21
N LEU A 1135 -24.17 -0.61 15.09
CA LEU A 1135 -24.87 -1.85 14.82
C LEU A 1135 -23.88 -2.83 14.19
N TRP A 1136 -24.38 -4.03 13.87
CA TRP A 1136 -23.63 -5.16 13.35
C TRP A 1136 -22.42 -5.49 14.22
N PRO A 1137 -22.60 -6.02 15.43
CA PRO A 1137 -21.45 -6.36 16.26
C PRO A 1137 -20.71 -7.58 15.74
N THR A 1138 -19.42 -7.64 16.04
CA THR A 1138 -18.57 -8.75 15.65
C THR A 1138 -18.33 -9.65 16.86
N VAL A 1139 -18.64 -10.93 16.70
CA VAL A 1139 -18.55 -11.90 17.81
C VAL A 1139 -17.15 -12.49 17.81
N ALA A 1140 -16.47 -12.37 18.96
CA ALA A 1140 -15.14 -12.97 19.09
C ALA A 1140 -15.20 -14.48 19.03
N TYR A 1141 -16.05 -15.09 19.85
CA TYR A 1141 -16.26 -16.54 19.82
C TYR A 1141 -17.59 -16.84 20.49
N SER A 1142 -18.13 -18.01 20.18
CA SER A 1142 -19.38 -18.47 20.76
C SER A 1142 -19.09 -19.33 21.98
N VAL A 1143 -20.05 -19.36 22.91
CA VAL A 1143 -19.92 -20.10 24.16
C VAL A 1143 -21.18 -20.92 24.36
N LEU A 1144 -21.00 -22.22 24.60
CA LEU A 1144 -22.11 -23.11 24.91
C LEU A 1144 -22.46 -22.97 26.38
N VAL A 1145 -23.72 -22.61 26.67
CA VAL A 1145 -24.18 -22.39 28.03
C VAL A 1145 -25.33 -23.36 28.31
N VAL A 1146 -25.29 -24.00 29.48
CA VAL A 1146 -26.35 -24.86 29.96
C VAL A 1146 -26.82 -24.28 31.29
N ALA A 1147 -28.03 -23.73 31.30
CA ALA A 1147 -28.51 -22.99 32.46
C ALA A 1147 -30.03 -22.89 32.37
N LYS A 1148 -30.62 -22.28 33.39
CA LYS A 1148 -32.06 -22.04 33.44
C LYS A 1148 -32.36 -20.59 33.08
N VAL A 1149 -33.49 -20.39 32.41
CA VAL A 1149 -33.93 -19.07 31.96
C VAL A 1149 -35.28 -18.79 32.59
N GLU A 1150 -35.42 -17.61 33.18
CA GLU A 1150 -36.67 -17.19 33.82
C GLU A 1150 -37.64 -16.84 32.68
N LYS A 1151 -38.39 -17.86 32.27
CA LYS A 1151 -39.38 -17.72 31.19
C LYS A 1151 -40.79 -17.69 31.76
N GLY A 1152 -41.66 -16.95 31.10
CA GLY A 1152 -43.07 -16.95 31.44
C GLY A 1152 -43.44 -15.81 32.36
N LYS A 1153 -44.69 -15.36 32.23
CA LYS A 1153 -45.22 -14.35 33.16
C LYS A 1153 -45.34 -14.93 34.56
N SER A 1154 -45.92 -16.13 34.67
CA SER A 1154 -45.79 -16.95 35.86
C SER A 1154 -44.45 -17.66 35.73
N LYS A 1155 -43.41 -17.04 36.27
CA LYS A 1155 -42.04 -17.41 35.95
C LYS A 1155 -41.68 -18.77 36.53
N LYS A 1156 -41.02 -19.58 35.70
CA LYS A 1156 -40.44 -20.84 36.12
C LYS A 1156 -39.07 -20.95 35.45
N LEU A 1157 -38.14 -21.61 36.13
CA LEU A 1157 -36.76 -21.71 35.67
C LEU A 1157 -36.64 -22.85 34.68
N LYS A 1158 -36.64 -22.52 33.39
CA LYS A 1158 -36.63 -23.51 32.32
C LYS A 1158 -35.19 -23.82 31.92
N SER A 1159 -34.76 -25.06 32.14
CA SER A 1159 -33.43 -25.48 31.74
C SER A 1159 -33.34 -25.62 30.23
N VAL A 1160 -32.29 -25.04 29.65
CA VAL A 1160 -32.17 -24.93 28.21
C VAL A 1160 -30.70 -24.73 27.85
N LYS A 1161 -30.32 -25.19 26.65
CA LYS A 1161 -28.95 -25.08 26.14
C LYS A 1161 -28.97 -24.34 24.81
N GLU A 1162 -28.16 -23.28 24.72
CA GLU A 1162 -28.02 -22.53 23.47
C GLU A 1162 -26.59 -22.09 23.32
N LEU A 1163 -26.29 -21.46 22.19
CA LEU A 1163 -25.06 -20.70 22.01
C LEU A 1163 -25.31 -19.22 22.31
N LEU A 1164 -24.29 -18.57 22.84
CA LEU A 1164 -24.33 -17.14 23.08
C LEU A 1164 -23.07 -16.50 22.51
N GLY A 1165 -23.24 -15.41 21.78
CA GLY A 1165 -22.12 -14.76 21.13
C GLY A 1165 -21.42 -13.74 22.01
N ILE A 1166 -20.12 -13.92 22.23
CA ILE A 1166 -19.32 -12.98 22.99
C ILE A 1166 -18.63 -12.05 22.01
N THR A 1167 -18.94 -10.76 22.07
CA THR A 1167 -18.39 -9.80 21.14
C THR A 1167 -17.00 -9.35 21.60
N ILE A 1168 -16.45 -8.36 20.88
CA ILE A 1168 -15.07 -7.96 21.11
C ILE A 1168 -14.95 -7.19 22.44
N MET A 1169 -15.86 -6.25 22.69
CA MET A 1169 -15.76 -5.47 23.90
C MET A 1169 -16.29 -6.18 25.13
N GLU A 1170 -17.03 -7.27 24.95
CA GLU A 1170 -17.42 -8.12 26.06
C GLU A 1170 -16.46 -9.29 26.26
N ARG A 1171 -15.44 -9.41 25.43
CA ARG A 1171 -14.48 -10.50 25.56
C ARG A 1171 -13.68 -10.38 26.86
N SER A 1172 -13.17 -9.19 27.15
CA SER A 1172 -12.41 -8.98 28.37
C SER A 1172 -13.29 -9.10 29.61
N SER A 1173 -14.53 -8.61 29.53
CA SER A 1173 -15.44 -8.71 30.66
C SER A 1173 -15.87 -10.14 30.92
N PHE A 1174 -16.06 -10.93 29.85
CA PHE A 1174 -16.43 -12.33 30.01
C PHE A 1174 -15.24 -13.15 30.51
N GLU A 1175 -14.04 -12.84 30.04
CA GLU A 1175 -12.85 -13.57 30.49
C GLU A 1175 -12.50 -13.21 31.93
N LYS A 1176 -12.79 -11.98 32.36
CA LYS A 1176 -12.52 -11.58 33.73
C LYS A 1176 -13.40 -12.36 34.72
N ASN A 1177 -14.68 -12.52 34.40
CA ASN A 1177 -15.58 -13.31 35.23
C ASN A 1177 -16.72 -13.84 34.38
N PRO A 1178 -16.63 -15.10 33.92
CA PRO A 1178 -17.70 -15.65 33.08
C PRO A 1178 -19.05 -15.76 33.78
N ILE A 1179 -19.03 -16.09 35.08
CA ILE A 1179 -20.27 -16.35 35.81
C ILE A 1179 -21.11 -15.10 35.92
N ASP A 1180 -20.50 -13.99 36.34
CA ASP A 1180 -21.24 -12.74 36.50
C ASP A 1180 -21.73 -12.20 35.16
N PHE A 1181 -20.95 -12.40 34.11
CA PHE A 1181 -21.37 -11.98 32.78
C PHE A 1181 -22.57 -12.79 32.29
N LEU A 1182 -22.60 -14.09 32.61
CA LEU A 1182 -23.73 -14.91 32.18
C LEU A 1182 -24.99 -14.61 33.01
N GLU A 1183 -24.84 -14.34 34.30
CA GLU A 1183 -26.02 -13.90 35.06
C GLU A 1183 -26.45 -12.49 34.69
N ALA A 1184 -25.54 -11.68 34.13
CA ALA A 1184 -25.95 -10.36 33.65
C ALA A 1184 -26.80 -10.46 32.38
N LYS A 1185 -26.67 -11.56 31.64
CA LYS A 1185 -27.42 -11.77 30.41
C LYS A 1185 -28.78 -12.40 30.64
N GLY A 1186 -29.14 -12.69 31.89
CA GLY A 1186 -30.43 -13.27 32.22
C GLY A 1186 -30.38 -14.75 32.56
N TYR A 1187 -29.28 -15.44 32.29
CA TYR A 1187 -29.15 -16.84 32.66
C TYR A 1187 -28.94 -16.98 34.16
N LYS A 1188 -29.20 -18.18 34.67
CA LYS A 1188 -28.96 -18.49 36.07
C LYS A 1188 -28.77 -19.99 36.23
N GLU A 1189 -28.11 -20.37 37.34
CA GLU A 1189 -27.68 -21.74 37.62
C GLU A 1189 -26.82 -22.29 36.48
N VAL A 1190 -25.83 -21.50 36.09
CA VAL A 1190 -24.94 -21.88 34.99
C VAL A 1190 -23.97 -22.94 35.47
N LYS A 1191 -23.83 -24.02 34.71
CA LYS A 1191 -22.81 -25.02 34.97
C LYS A 1191 -21.45 -24.46 34.55
N LYS A 1192 -20.55 -24.27 35.53
CA LYS A 1192 -19.27 -23.62 35.26
C LYS A 1192 -18.37 -24.50 34.39
N ASP A 1193 -18.32 -25.80 34.66
CA ASP A 1193 -17.45 -26.69 33.90
C ASP A 1193 -17.98 -27.03 32.52
N LEU A 1194 -19.25 -26.77 32.25
CA LEU A 1194 -19.84 -27.06 30.94
C LEU A 1194 -19.67 -25.93 29.94
N ILE A 1195 -19.01 -24.84 30.33
CA ILE A 1195 -18.78 -23.73 29.41
C ILE A 1195 -17.72 -24.16 28.40
N ILE A 1196 -18.08 -24.16 27.13
CA ILE A 1196 -17.19 -24.57 26.04
C ILE A 1196 -16.97 -23.38 25.13
N LYS A 1197 -15.70 -23.01 24.94
CA LYS A 1197 -15.37 -21.92 24.02
C LYS A 1197 -15.40 -22.46 22.60
N LEU A 1198 -16.22 -21.85 21.76
CA LEU A 1198 -16.42 -22.29 20.38
C LEU A 1198 -16.07 -21.15 19.43
N PRO A 1199 -14.84 -21.11 18.91
CA PRO A 1199 -14.46 -20.02 17.99
C PRO A 1199 -15.13 -20.14 16.62
N LYS A 1200 -14.80 -19.21 15.73
CA LYS A 1200 -15.32 -19.26 14.36
C LYS A 1200 -14.72 -20.47 13.65
N TYR A 1201 -15.49 -21.01 12.69
CA TYR A 1201 -15.15 -22.21 11.90
C TYR A 1201 -14.99 -23.45 12.78
N SER A 1202 -15.74 -23.51 13.89
CA SER A 1202 -15.78 -24.73 14.69
C SER A 1202 -16.57 -25.80 13.94
N LEU A 1203 -16.03 -27.02 13.92
CA LEU A 1203 -16.59 -28.10 13.12
C LEU A 1203 -17.50 -28.97 13.96
N PHE A 1204 -18.69 -29.24 13.43
CA PHE A 1204 -19.67 -30.12 14.06
C PHE A 1204 -20.06 -31.19 13.05
N GLU A 1205 -20.51 -32.33 13.57
CA GLU A 1205 -20.81 -33.50 12.76
C GLU A 1205 -22.24 -33.93 13.04
N LEU A 1206 -23.02 -34.15 11.97
CA LEU A 1206 -24.43 -34.50 12.07
C LEU A 1206 -24.74 -35.79 11.34
N GLU A 1207 -26.04 -36.09 11.18
CA GLU A 1207 -26.44 -37.36 10.58
C GLU A 1207 -26.06 -37.43 9.10
N ASN A 1208 -25.83 -38.66 8.64
CA ASN A 1208 -25.41 -38.98 7.26
C ASN A 1208 -24.11 -38.27 6.88
N GLY A 1209 -23.22 -38.06 7.85
CA GLY A 1209 -21.95 -37.43 7.57
C GLY A 1209 -22.03 -35.96 7.21
N ARG A 1210 -23.09 -35.28 7.61
CA ARG A 1210 -23.25 -33.86 7.27
C ARG A 1210 -22.49 -33.01 8.29
N LYS A 1211 -21.60 -32.16 7.79
CA LYS A 1211 -20.72 -31.36 8.63
C LYS A 1211 -21.05 -29.89 8.46
N ARG A 1212 -21.14 -29.16 9.57
CA ARG A 1212 -21.45 -27.74 9.56
C ARG A 1212 -20.36 -26.98 10.31
N MET A 1213 -19.88 -25.91 9.71
CA MET A 1213 -18.85 -25.06 10.29
C MET A 1213 -19.50 -23.84 10.93
N LEU A 1214 -19.04 -23.49 12.13
CA LEU A 1214 -19.68 -22.46 12.95
C LEU A 1214 -19.15 -21.10 12.53
N ALA A 1215 -19.91 -20.38 11.70
CA ALA A 1215 -19.50 -19.04 11.30
C ALA A 1215 -19.66 -18.04 12.44
N SER A 1216 -20.75 -18.13 13.17
CA SER A 1216 -21.03 -17.24 14.30
C SER A 1216 -22.06 -17.90 15.18
N ALA A 1217 -22.48 -17.20 16.23
CA ALA A 1217 -23.46 -17.74 17.16
C ALA A 1217 -24.84 -17.90 16.54
N LYS A 1218 -25.12 -17.24 15.41
CA LYS A 1218 -26.42 -17.31 14.77
C LYS A 1218 -26.33 -17.60 13.28
N GLN A 1219 -25.23 -18.21 12.83
CA GLN A 1219 -25.07 -18.53 11.41
C GLN A 1219 -24.06 -19.67 11.27
N LEU A 1220 -24.42 -20.68 10.49
CA LEU A 1220 -23.55 -21.82 10.23
C LEU A 1220 -22.93 -21.70 8.83
N GLN A 1221 -22.01 -22.62 8.54
CA GLN A 1221 -21.36 -22.67 7.25
C GLN A 1221 -21.25 -24.10 6.77
N LYS A 1222 -21.10 -24.25 5.45
CA LYS A 1222 -20.93 -25.56 4.84
C LYS A 1222 -19.59 -26.16 5.24
N GLY A 1223 -19.61 -27.45 5.59
CA GLY A 1223 -18.41 -28.10 6.07
C GLY A 1223 -18.11 -29.45 5.47
N ASN A 1224 -18.77 -29.79 4.38
CA ASN A 1224 -18.53 -31.03 3.66
C ASN A 1224 -17.85 -30.73 2.34
N GLU A 1225 -16.95 -31.62 1.92
CA GLU A 1225 -16.18 -31.45 0.69
C GLU A 1225 -16.55 -32.54 -0.29
N LEU A 1226 -16.88 -32.15 -1.51
CA LEU A 1226 -17.27 -33.10 -2.56
C LEU A 1226 -16.01 -33.72 -3.17
N ALA A 1227 -15.87 -35.04 -3.03
CA ALA A 1227 -14.73 -35.76 -3.59
C ALA A 1227 -15.13 -36.33 -4.94
N LEU A 1228 -15.07 -35.48 -5.96
CA LEU A 1228 -15.43 -35.87 -7.30
C LEU A 1228 -14.33 -36.75 -7.90
N PRO A 1229 -14.69 -37.77 -8.68
CA PRO A 1229 -13.67 -38.62 -9.32
C PRO A 1229 -12.81 -37.85 -10.32
N SER A 1230 -11.58 -38.33 -10.50
CA SER A 1230 -10.60 -37.61 -11.30
C SER A 1230 -10.93 -37.61 -12.79
N LYS A 1231 -11.67 -38.63 -13.25
CA LYS A 1231 -12.10 -38.64 -14.65
C LYS A 1231 -13.03 -37.47 -14.95
N TYR A 1232 -13.95 -37.18 -14.02
CA TYR A 1232 -14.85 -36.03 -14.19
C TYR A 1232 -14.08 -34.73 -14.10
N VAL A 1233 -13.03 -34.68 -13.27
CA VAL A 1233 -12.22 -33.47 -13.15
C VAL A 1233 -11.47 -33.20 -14.45
N ASN A 1234 -10.87 -34.25 -15.03
CA ASN A 1234 -10.17 -34.12 -16.30
C ASN A 1234 -11.15 -33.74 -17.42
N PHE A 1235 -12.34 -34.33 -17.41
CA PHE A 1235 -13.34 -33.99 -18.42
C PHE A 1235 -13.81 -32.55 -18.30
N LEU A 1236 -13.95 -32.05 -17.06
CA LEU A 1236 -14.37 -30.67 -16.87
C LEU A 1236 -13.28 -29.68 -17.27
N TYR A 1237 -12.01 -30.01 -16.97
CA TYR A 1237 -10.94 -29.13 -17.43
C TYR A 1237 -10.80 -29.18 -18.94
N LEU A 1238 -11.03 -30.34 -19.55
CA LEU A 1238 -10.83 -30.51 -20.98
C LEU A 1238 -11.95 -29.88 -21.79
N ALA A 1239 -13.19 -29.97 -21.30
CA ALA A 1239 -14.33 -29.44 -22.05
C ALA A 1239 -14.30 -27.92 -22.09
N SER A 1240 -14.01 -27.28 -20.97
CA SER A 1240 -13.66 -25.87 -20.99
C SER A 1240 -12.26 -25.71 -21.59
N HIS A 1241 -11.90 -24.46 -21.90
CA HIS A 1241 -10.67 -24.11 -22.61
C HIS A 1241 -10.54 -24.95 -23.89
N TYR A 1242 -11.61 -24.95 -24.68
CA TYR A 1242 -11.73 -25.84 -25.83
C TYR A 1242 -10.70 -25.49 -26.91
N GLU A 1243 -10.49 -24.21 -27.18
CA GLU A 1243 -9.62 -23.80 -28.28
C GLU A 1243 -8.50 -22.89 -27.79
N LYS A 1244 -8.02 -23.11 -26.57
CA LYS A 1244 -6.91 -22.31 -26.03
C LYS A 1244 -5.93 -23.18 -25.26
N LEU A 1245 -5.70 -24.41 -25.75
CA LEU A 1245 -4.71 -25.28 -25.11
C LEU A 1245 -3.31 -24.96 -25.63
N LYS A 1246 -3.19 -24.62 -26.92
CA LYS A 1246 -1.94 -24.23 -27.56
C LYS A 1246 -0.86 -25.31 -27.45
N GLY A 1247 -1.24 -26.54 -27.79
CA GLY A 1247 -0.28 -27.62 -27.90
C GLY A 1247 0.08 -27.90 -29.35
N SER A 1248 -0.36 -29.05 -29.85
CA SER A 1248 -0.23 -29.41 -31.25
C SER A 1248 -1.61 -29.85 -31.74
N PRO A 1249 -1.88 -29.78 -33.06
CA PRO A 1249 -3.22 -30.13 -33.54
C PRO A 1249 -3.66 -31.56 -33.25
N GLU A 1250 -2.75 -32.53 -33.19
CA GLU A 1250 -3.18 -33.90 -32.92
C GLU A 1250 -3.60 -34.07 -31.46
N ASP A 1251 -2.90 -33.41 -30.53
CA ASP A 1251 -3.37 -33.36 -29.14
C ASP A 1251 -4.74 -32.71 -29.05
N ASN A 1252 -4.91 -31.55 -29.70
CA ASN A 1252 -6.17 -30.82 -29.63
C ASN A 1252 -7.31 -31.65 -30.18
N GLU A 1253 -7.08 -32.32 -31.31
CA GLU A 1253 -8.10 -33.20 -31.89
C GLU A 1253 -8.39 -34.38 -30.98
N GLN A 1254 -7.38 -34.92 -30.30
CA GLN A 1254 -7.61 -36.10 -29.47
C GLN A 1254 -8.45 -35.73 -28.24
N LYS A 1255 -8.17 -34.58 -27.62
CA LYS A 1255 -9.08 -34.08 -26.58
C LYS A 1255 -10.46 -33.76 -27.14
N GLN A 1256 -10.56 -33.29 -28.39
CA GLN A 1256 -11.88 -32.97 -28.97
C GLN A 1256 -12.73 -34.22 -29.11
N LEU A 1257 -12.20 -35.28 -29.72
CA LEU A 1257 -12.96 -36.52 -29.80
C LEU A 1257 -13.17 -37.16 -28.43
N PHE A 1258 -12.23 -36.99 -27.49
CA PHE A 1258 -12.43 -37.54 -26.15
C PHE A 1258 -13.60 -36.87 -25.44
N VAL A 1259 -13.73 -35.54 -25.59
CA VAL A 1259 -14.85 -34.86 -24.93
C VAL A 1259 -16.15 -35.09 -25.69
N GLU A 1260 -16.09 -35.28 -27.02
CA GLU A 1260 -17.32 -35.51 -27.77
C GLU A 1260 -17.89 -36.91 -27.52
N GLN A 1261 -17.04 -37.93 -27.44
CA GLN A 1261 -17.58 -39.26 -27.10
C GLN A 1261 -17.84 -39.44 -25.62
N HIS A 1262 -17.45 -38.49 -24.77
CA HIS A 1262 -17.76 -38.56 -23.34
C HIS A 1262 -18.60 -37.38 -22.90
N LYS A 1263 -19.53 -36.93 -23.75
CA LYS A 1263 -20.44 -35.85 -23.38
C LYS A 1263 -21.46 -36.29 -22.33
N HIS A 1264 -21.67 -37.59 -22.17
CA HIS A 1264 -22.58 -38.10 -21.15
C HIS A 1264 -22.04 -37.94 -19.73
N TYR A 1265 -20.76 -37.57 -19.58
CA TYR A 1265 -20.21 -37.30 -18.26
C TYR A 1265 -20.87 -36.11 -17.58
N LEU A 1266 -21.47 -35.21 -18.36
CA LEU A 1266 -22.13 -34.04 -17.79
C LEU A 1266 -23.32 -34.45 -16.92
N ASP A 1267 -24.15 -35.37 -17.44
CA ASP A 1267 -25.28 -35.86 -16.67
C ASP A 1267 -24.82 -36.63 -15.44
N GLU A 1268 -23.71 -37.36 -15.56
CA GLU A 1268 -23.15 -38.05 -14.40
C GLU A 1268 -22.65 -37.07 -13.35
N ILE A 1269 -22.03 -35.97 -13.79
CA ILE A 1269 -21.56 -34.93 -12.86
C ILE A 1269 -22.74 -34.28 -12.16
N ILE A 1270 -23.80 -33.98 -12.91
CA ILE A 1270 -24.99 -33.36 -12.31
C ILE A 1270 -25.70 -34.33 -11.37
N GLU A 1271 -25.69 -35.62 -11.70
CA GLU A 1271 -26.23 -36.62 -10.78
C GLU A 1271 -25.43 -36.70 -9.49
N GLN A 1272 -24.10 -36.63 -9.60
CA GLN A 1272 -23.24 -36.61 -8.42
C GLN A 1272 -23.48 -35.37 -7.58
N ILE A 1273 -23.64 -34.21 -8.22
CA ILE A 1273 -23.92 -32.96 -7.51
C ILE A 1273 -25.27 -33.05 -6.80
N SER A 1274 -26.28 -33.60 -7.48
CA SER A 1274 -27.60 -33.74 -6.88
C SER A 1274 -27.58 -34.68 -5.69
N GLU A 1275 -26.87 -35.81 -5.80
CA GLU A 1275 -26.78 -36.74 -4.68
C GLU A 1275 -26.03 -36.12 -3.49
N PHE A 1276 -24.91 -35.43 -3.77
CA PHE A 1276 -24.15 -34.79 -2.71
C PHE A 1276 -24.94 -33.68 -2.03
N SER A 1277 -25.69 -32.89 -2.81
CA SER A 1277 -26.46 -31.81 -2.24
C SER A 1277 -27.65 -32.32 -1.45
N LYS A 1278 -28.33 -33.36 -1.95
CA LYS A 1278 -29.42 -33.95 -1.20
C LYS A 1278 -28.91 -34.66 0.06
N ARG A 1279 -27.66 -35.10 0.08
CA ARG A 1279 -27.08 -35.68 1.28
C ARG A 1279 -26.73 -34.63 2.31
N VAL A 1280 -25.90 -33.65 1.94
CA VAL A 1280 -25.27 -32.78 2.93
C VAL A 1280 -25.68 -31.32 2.83
N ILE A 1281 -26.22 -30.85 1.70
CA ILE A 1281 -26.43 -29.42 1.54
C ILE A 1281 -27.83 -29.01 1.98
N LEU A 1282 -28.84 -29.83 1.66
CA LEU A 1282 -30.25 -29.64 2.03
C LEU A 1282 -30.82 -28.32 1.51
N ALA A 1283 -30.41 -27.91 0.32
CA ALA A 1283 -31.05 -26.78 -0.38
C ALA A 1283 -31.90 -27.36 -1.50
N ASP A 1284 -33.13 -27.75 -1.16
CA ASP A 1284 -33.97 -28.47 -2.10
C ASP A 1284 -34.52 -27.56 -3.18
N ALA A 1285 -34.92 -26.33 -2.82
CA ALA A 1285 -35.48 -25.41 -3.80
C ALA A 1285 -34.46 -25.03 -4.86
N ASN A 1286 -33.23 -24.72 -4.44
CA ASN A 1286 -32.17 -24.45 -5.39
C ASN A 1286 -31.82 -25.68 -6.21
N LEU A 1287 -31.95 -26.88 -5.63
CA LEU A 1287 -31.71 -28.11 -6.37
C LEU A 1287 -32.71 -28.30 -7.50
N ASP A 1288 -34.01 -28.10 -7.22
CA ASP A 1288 -35.01 -28.17 -8.27
C ASP A 1288 -34.79 -27.08 -9.31
N LYS A 1289 -34.38 -25.89 -8.87
CA LYS A 1289 -34.09 -24.80 -9.80
C LYS A 1289 -32.95 -25.17 -10.75
N VAL A 1290 -31.86 -25.75 -10.22
CA VAL A 1290 -30.72 -26.02 -11.08
C VAL A 1290 -30.99 -27.22 -11.99
N LEU A 1291 -31.73 -28.23 -11.51
CA LEU A 1291 -32.11 -29.33 -12.41
C LEU A 1291 -33.03 -28.86 -13.54
N SER A 1292 -34.01 -28.01 -13.22
CA SER A 1292 -34.89 -27.48 -14.26
C SER A 1292 -34.13 -26.61 -15.24
N ALA A 1293 -33.18 -25.80 -14.74
CA ALA A 1293 -32.41 -24.92 -15.62
C ALA A 1293 -31.45 -25.71 -16.50
N TYR A 1294 -30.90 -26.82 -15.99
CA TYR A 1294 -30.09 -27.70 -16.83
C TYR A 1294 -30.96 -28.34 -17.91
N ASN A 1295 -32.14 -28.85 -17.52
CA ASN A 1295 -33.03 -29.49 -18.48
C ASN A 1295 -33.54 -28.51 -19.52
N LYS A 1296 -33.56 -27.22 -19.22
CA LYS A 1296 -33.89 -26.22 -20.23
C LYS A 1296 -32.73 -26.03 -21.20
N HIS A 1297 -31.50 -25.95 -20.68
CA HIS A 1297 -30.32 -25.64 -21.49
C HIS A 1297 -29.44 -26.86 -21.76
N ARG A 1298 -30.02 -28.04 -21.97
CA ARG A 1298 -29.21 -29.22 -22.20
C ARG A 1298 -28.83 -29.42 -23.67
N ASP A 1299 -29.27 -28.53 -24.56
CA ASP A 1299 -28.90 -28.59 -25.97
C ASP A 1299 -27.84 -27.56 -26.35
N LYS A 1300 -27.27 -26.86 -25.38
CA LYS A 1300 -26.26 -25.85 -25.65
C LYS A 1300 -24.93 -26.51 -26.03
N PRO A 1301 -24.02 -25.76 -26.66
CA PRO A 1301 -22.68 -26.30 -26.93
C PRO A 1301 -21.93 -26.63 -25.65
N ILE A 1302 -20.92 -27.49 -25.81
CA ILE A 1302 -20.24 -28.08 -24.67
C ILE A 1302 -19.43 -27.04 -23.89
N ARG A 1303 -18.99 -25.97 -24.57
CA ARG A 1303 -18.14 -24.96 -23.94
C ARG A 1303 -18.88 -24.20 -22.86
N GLU A 1304 -20.01 -23.58 -23.23
CA GLU A 1304 -20.79 -22.77 -22.31
C GLU A 1304 -21.36 -23.64 -21.19
N GLN A 1305 -21.82 -24.85 -21.54
CA GLN A 1305 -22.31 -25.80 -20.55
C GLN A 1305 -21.23 -26.08 -19.50
N ALA A 1306 -20.08 -26.60 -19.94
CA ALA A 1306 -19.04 -27.02 -19.00
C ALA A 1306 -18.50 -25.85 -18.21
N GLU A 1307 -18.48 -24.65 -18.80
CA GLU A 1307 -18.15 -23.45 -18.04
C GLU A 1307 -19.16 -23.19 -16.93
N ASN A 1308 -20.44 -23.49 -17.19
CA ASN A 1308 -21.44 -23.24 -16.15
C ASN A 1308 -21.53 -24.35 -15.10
N ILE A 1309 -21.23 -25.61 -15.43
CA ILE A 1309 -21.07 -26.56 -14.33
C ILE A 1309 -19.77 -26.27 -13.57
N ILE A 1310 -18.77 -25.67 -14.23
CA ILE A 1310 -17.60 -25.19 -13.49
C ILE A 1310 -18.01 -24.14 -12.46
N HIS A 1311 -18.90 -23.22 -12.84
CA HIS A 1311 -19.47 -22.29 -11.86
C HIS A 1311 -20.41 -22.96 -10.88
N LEU A 1312 -20.93 -24.15 -11.21
CA LEU A 1312 -22.03 -24.72 -10.43
C LEU A 1312 -21.58 -25.28 -9.09
N PHE A 1313 -20.28 -25.52 -8.90
CA PHE A 1313 -19.82 -26.13 -7.66
C PHE A 1313 -19.75 -25.14 -6.50
N THR A 1314 -20.11 -23.88 -6.73
CA THR A 1314 -20.22 -22.91 -5.65
C THR A 1314 -21.32 -23.32 -4.67
N LEU A 1315 -22.36 -24.01 -5.15
CA LEU A 1315 -23.39 -24.54 -4.27
C LEU A 1315 -22.83 -25.58 -3.30
N THR A 1316 -21.95 -26.46 -3.78
CA THR A 1316 -21.39 -27.53 -2.98
C THR A 1316 -20.04 -27.19 -2.37
N ARG A 1317 -19.52 -25.99 -2.61
CA ARG A 1317 -18.21 -25.62 -2.10
C ARG A 1317 -18.26 -25.42 -0.58
N LEU A 1318 -17.21 -25.87 0.10
CA LEU A 1318 -17.11 -25.66 1.54
C LEU A 1318 -16.91 -24.18 1.85
N GLY A 1319 -17.65 -23.67 2.83
CA GLY A 1319 -17.53 -22.29 3.23
C GLY A 1319 -18.85 -21.59 3.45
N ALA A 1320 -18.91 -20.30 3.10
CA ALA A 1320 -20.16 -19.56 3.20
C ALA A 1320 -20.97 -19.71 1.92
N PRO A 1321 -22.29 -19.79 2.02
CA PRO A 1321 -23.14 -19.88 0.80
C PRO A 1321 -23.11 -18.58 0.03
N ARG A 1322 -22.65 -18.64 -1.21
CA ARG A 1322 -22.58 -17.48 -2.09
C ARG A 1322 -23.51 -17.65 -3.28
N ALA A 1323 -23.68 -16.54 -4.01
CA ALA A 1323 -24.62 -16.47 -5.12
C ALA A 1323 -23.88 -16.75 -6.42
N PHE A 1324 -24.14 -17.91 -7.01
CA PHE A 1324 -23.62 -18.26 -8.32
C PHE A 1324 -24.69 -17.99 -9.37
N LYS A 1325 -24.38 -18.32 -10.61
CA LYS A 1325 -25.33 -18.13 -11.70
C LYS A 1325 -25.13 -19.21 -12.76
N TYR A 1326 -26.22 -19.58 -13.40
CA TYR A 1326 -26.23 -20.52 -14.51
C TYR A 1326 -26.11 -19.71 -15.80
N PHE A 1327 -26.52 -20.31 -16.94
CA PHE A 1327 -26.60 -19.60 -18.22
C PHE A 1327 -27.28 -18.24 -18.08
N ASP A 1328 -28.51 -18.24 -17.59
CA ASP A 1328 -29.25 -16.99 -17.43
C ASP A 1328 -29.79 -16.86 -16.01
N THR A 1329 -30.13 -17.97 -15.38
CA THR A 1329 -30.72 -17.93 -14.05
C THR A 1329 -29.64 -17.64 -13.01
N THR A 1330 -29.99 -16.82 -12.03
CA THR A 1330 -29.12 -16.47 -10.91
C THR A 1330 -29.70 -17.07 -9.64
N ILE A 1331 -28.91 -17.89 -8.96
CA ILE A 1331 -29.37 -18.63 -7.79
C ILE A 1331 -28.98 -17.87 -6.54
N ASP A 1332 -29.99 -17.48 -5.75
CA ASP A 1332 -29.72 -16.85 -4.47
C ASP A 1332 -29.19 -17.89 -3.48
N PRO A 1333 -28.30 -17.49 -2.57
CA PRO A 1333 -27.74 -18.45 -1.62
C PRO A 1333 -28.77 -18.88 -0.58
N LYS A 1334 -28.61 -20.11 -0.10
CA LYS A 1334 -29.42 -20.65 0.99
C LYS A 1334 -28.63 -20.49 2.28
N GLN A 1335 -29.12 -19.66 3.18
CA GLN A 1335 -28.40 -19.33 4.41
C GLN A 1335 -28.80 -20.26 5.54
N TYR A 1336 -27.82 -20.73 6.28
CA TYR A 1336 -28.05 -21.59 7.44
C TYR A 1336 -28.08 -20.73 8.71
N ARG A 1337 -29.14 -19.93 8.81
CA ARG A 1337 -29.29 -19.00 9.93
C ARG A 1337 -30.03 -19.68 11.09
N SER A 1338 -29.51 -20.83 11.51
CA SER A 1338 -30.08 -21.56 12.65
C SER A 1338 -28.99 -22.46 13.22
N THR A 1339 -28.47 -22.11 14.38
CA THR A 1339 -27.50 -22.94 15.08
C THR A 1339 -28.14 -23.76 16.19
N LYS A 1340 -29.41 -24.10 16.04
CA LYS A 1340 -30.09 -24.93 17.03
C LYS A 1340 -29.71 -26.40 16.84
N GLU A 1341 -29.52 -26.84 15.58
CA GLU A 1341 -29.30 -28.26 15.30
C GLU A 1341 -27.92 -28.74 15.76
N VAL A 1342 -26.92 -27.85 15.82
CA VAL A 1342 -25.58 -28.27 16.22
C VAL A 1342 -25.43 -28.43 17.72
N LEU A 1343 -26.46 -28.09 18.49
CA LEU A 1343 -26.40 -28.25 19.94
C LEU A 1343 -26.48 -29.71 20.37
N ASP A 1344 -26.98 -30.59 19.50
CA ASP A 1344 -27.01 -32.02 19.76
C ASP A 1344 -26.09 -32.78 18.81
N ALA A 1345 -25.07 -32.11 18.28
CA ALA A 1345 -24.18 -32.70 17.29
C ALA A 1345 -22.98 -33.34 17.98
N THR A 1346 -21.98 -33.70 17.18
CA THR A 1346 -20.70 -34.20 17.69
C THR A 1346 -19.64 -33.17 17.31
N LEU A 1347 -19.11 -32.48 18.32
CA LEU A 1347 -18.12 -31.44 18.09
C LEU A 1347 -16.76 -32.07 17.85
N ILE A 1348 -16.09 -31.62 16.79
CA ILE A 1348 -14.80 -32.19 16.37
C ILE A 1348 -13.71 -31.18 16.69
N HIS A 1349 -12.74 -31.60 17.49
CA HIS A 1349 -11.56 -30.81 17.77
C HIS A 1349 -10.43 -31.37 16.91
N GLN A 1350 -10.18 -30.73 15.76
CA GLN A 1350 -9.19 -31.19 14.81
C GLN A 1350 -7.85 -30.54 15.07
N SER A 1351 -6.78 -31.31 14.96
CA SER A 1351 -5.43 -30.79 15.15
C SER A 1351 -5.02 -29.92 13.96
N ILE A 1352 -3.76 -29.50 13.96
CA ILE A 1352 -3.25 -28.64 12.89
C ILE A 1352 -3.29 -29.37 11.55
N THR A 1353 -2.87 -30.63 11.54
CA THR A 1353 -3.05 -31.47 10.35
C THR A 1353 -4.38 -32.20 10.34
N GLY A 1354 -5.12 -32.19 11.45
CA GLY A 1354 -6.40 -32.84 11.52
C GLY A 1354 -6.35 -34.34 11.72
N LEU A 1355 -5.17 -34.92 11.89
CA LEU A 1355 -5.07 -36.36 12.08
C LEU A 1355 -5.52 -36.76 13.48
N TYR A 1356 -5.18 -35.96 14.49
CA TYR A 1356 -5.61 -36.20 15.85
C TYR A 1356 -6.92 -35.47 16.10
N GLU A 1357 -7.91 -36.19 16.62
CA GLU A 1357 -9.24 -35.64 16.84
C GLU A 1357 -9.71 -35.94 18.25
N THR A 1358 -10.55 -35.05 18.78
CA THR A 1358 -11.22 -35.23 20.06
C THR A 1358 -12.70 -34.96 19.83
N ARG A 1359 -13.48 -36.01 19.66
CA ARG A 1359 -14.89 -35.89 19.31
C ARG A 1359 -15.72 -35.82 20.59
N ILE A 1360 -16.40 -34.70 20.79
CA ILE A 1360 -17.25 -34.47 21.95
C ILE A 1360 -18.70 -34.51 21.50
N ASP A 1361 -19.48 -35.40 22.10
CA ASP A 1361 -20.90 -35.54 21.77
C ASP A 1361 -21.70 -34.59 22.66
N LEU A 1362 -22.20 -33.51 22.07
CA LEU A 1362 -22.92 -32.49 22.83
C LEU A 1362 -24.32 -32.91 23.25
N SER A 1363 -24.86 -33.99 22.69
CA SER A 1363 -26.17 -34.46 23.10
C SER A 1363 -26.14 -35.06 24.50
N GLN A 1364 -24.98 -35.50 24.98
CA GLN A 1364 -24.84 -36.02 26.33
C GLN A 1364 -24.70 -34.91 27.37
N LEU A 1365 -24.55 -33.66 26.94
CA LEU A 1365 -24.43 -32.53 27.86
C LEU A 1365 -25.78 -31.84 27.98
N GLY A 1366 -26.27 -31.72 29.21
CA GLY A 1366 -27.55 -31.09 29.46
C GLY A 1366 -28.73 -31.94 29.08
MG MG F . 2.03 -23.49 -5.48
MG MG G . -2.83 -25.30 -4.33
MG MG H . -9.28 8.58 -5.96
MG MG I . -6.41 -11.97 14.23
#